data_3ZDP
#
_entry.id   3ZDP
#
_cell.length_a   165.420
_cell.length_b   285.440
_cell.length_c   118.310
_cell.angle_alpha   90.00
_cell.angle_beta   90.00
_cell.angle_gamma   90.00
#
_symmetry.space_group_name_H-M   'C 2 2 21'
#
loop_
_entity.id
_entity.type
_entity.pdbx_description
1 polymer 'NUCLEOCAPSID PROTEIN'
2 non-polymer 'POTASSIUM ION'
3 water water
#
_entity_poly.entity_id   1
_entity_poly.type   'polypeptide(L)'
_entity_poly.pdbx_seq_one_letter_code
;MATKGTKRSYEQMETDGERQNATEIRASVGKMIDGIGRFYIQMCTELKLSDYEGRLIQNSLTIERMVLSAFDERRNKYLE
EHPSAGKDPKKTGGPIYRRVDGKWRRELILYDKEEIRRIWRQANNGDDATAGLTHMMIWHSNLNDATYQRTRALVRTGMD
PRMCSLMQGSTLPRRSGAAGAAVKGVGTMVMELIRMIKRGINDRNFWRGENGRRTRIAYERMCNILKGKFQTAAQRTMVD
QVRESRNPGNAEFEDLIFLARSALILRGSVAHKSCLPACVYGSAVASGYDFEREGYSLVGIDPFRLLQNSQVYSLIRPNE
NPAHKSQLVWMACHSAAFEDLRVSSFIRGTKVVPRGKLSTRGVQIASNENMETMESSTLELRSRYWAIRTRSGGNTNQQR
ASSGQISIQPTFSVQANLPFDRPTIMAAFTGNTEGRTSDMRTEIIRLMESARPEDVSFQGRGVFELSDEKATSPIVPSFD
MSNEGSYFFGDNAEEYDN
;
_entity_poly.pdbx_strand_id   A,B,C
#
loop_
_chem_comp.id
_chem_comp.type
_chem_comp.name
_chem_comp.formula
K non-polymer 'POTASSIUM ION' 'K 1'
#
# COMPACT_ATOMS: atom_id res chain seq x y z
N ASN A 21 5.79 37.67 32.30
CA ASN A 21 6.89 37.11 31.45
C ASN A 21 6.49 37.05 29.98
N ALA A 22 5.38 36.36 29.66
CA ALA A 22 4.80 36.42 28.29
C ALA A 22 4.35 37.85 27.99
N THR A 23 3.90 38.55 29.04
CA THR A 23 3.92 40.01 29.10
C THR A 23 5.05 40.57 28.16
N GLU A 24 6.33 40.32 28.51
CA GLU A 24 7.48 40.73 27.66
C GLU A 24 7.96 39.73 26.58
N ILE A 25 7.57 38.45 26.68
CA ILE A 25 7.98 37.49 25.63
C ILE A 25 7.31 37.81 24.30
N ARG A 26 5.99 37.97 24.31
CA ARG A 26 5.25 38.34 23.09
C ARG A 26 5.95 39.53 22.41
N ALA A 27 6.31 40.54 23.22
CA ALA A 27 7.13 41.69 22.73
C ALA A 27 8.46 41.27 22.12
N SER A 28 9.17 40.41 22.80
CA SER A 28 10.48 39.98 22.37
C SER A 28 10.45 39.26 21.00
N VAL A 29 9.48 38.36 20.85
CA VAL A 29 9.31 37.65 19.60
C VAL A 29 8.79 38.66 18.56
N GLY A 30 7.85 39.50 18.96
CA GLY A 30 7.31 40.51 18.04
C GLY A 30 8.47 41.29 17.50
N LYS A 31 9.37 41.67 18.39
CA LYS A 31 10.49 42.50 18.01
C LYS A 31 11.25 41.79 16.92
N MET A 32 11.46 40.47 17.06
CA MET A 32 12.17 39.72 16.02
C MET A 32 11.47 39.83 14.68
N ILE A 33 10.16 39.63 14.71
CA ILE A 33 9.37 39.58 13.50
C ILE A 33 9.47 40.88 12.73
N ASP A 34 9.30 42.02 13.44
CA ASP A 34 9.55 43.35 12.85
C ASP A 34 10.84 43.33 12.09
N GLY A 35 11.91 42.82 12.69
CA GLY A 35 13.21 42.86 12.05
C GLY A 35 13.29 42.10 10.73
N ILE A 36 12.75 40.87 10.69
CA ILE A 36 12.71 40.15 9.44
C ILE A 36 11.92 40.98 8.42
N GLY A 37 10.79 41.52 8.88
CA GLY A 37 9.94 42.29 8.00
C GLY A 37 10.66 43.47 7.37
N ARG A 38 11.24 44.32 8.24
CA ARG A 38 11.99 45.49 7.82
C ARG A 38 13.09 45.06 6.90
N PHE A 39 13.76 43.97 7.26
CA PHE A 39 14.87 43.51 6.43
C PHE A 39 14.37 43.24 5.02
N TYR A 40 13.21 42.58 4.95
CA TYR A 40 12.66 42.12 3.69
C TYR A 40 12.22 43.30 2.87
N ILE A 41 11.36 44.16 3.45
CA ILE A 41 11.00 45.45 2.82
C ILE A 41 12.20 46.18 2.12
N GLN A 42 13.27 46.39 2.89
CA GLN A 42 14.50 47.00 2.38
C GLN A 42 15.17 46.19 1.24
N MET A 43 15.25 44.87 1.40
CA MET A 43 15.83 44.07 0.34
C MET A 43 15.04 44.21 -0.96
N CYS A 44 13.75 44.47 -0.80
CA CYS A 44 12.88 44.66 -1.96
C CYS A 44 13.17 45.97 -2.66
N THR A 45 13.31 47.03 -1.85
CA THR A 45 13.77 48.28 -2.37
C THR A 45 15.11 48.12 -3.06
N GLU A 46 16.07 47.48 -2.38
CA GLU A 46 17.38 47.28 -2.98
C GLU A 46 17.26 46.70 -4.37
N LEU A 47 16.54 45.59 -4.49
CA LEU A 47 16.56 44.82 -5.72
C LEU A 47 15.54 45.31 -6.73
N LYS A 48 14.79 46.35 -6.36
CA LYS A 48 13.85 47.02 -7.27
C LYS A 48 12.78 46.05 -7.73
N LEU A 49 12.22 45.31 -6.79
CA LEU A 49 11.18 44.37 -7.09
C LEU A 49 9.83 45.05 -7.27
N SER A 50 9.01 44.50 -8.17
CA SER A 50 7.62 44.90 -8.28
C SER A 50 6.87 44.35 -7.08
N ASP A 51 5.74 44.94 -6.74
CA ASP A 51 5.02 44.45 -5.59
C ASP A 51 4.78 42.94 -5.72
N TYR A 52 4.35 42.48 -6.90
CA TYR A 52 4.16 41.04 -7.17
C TYR A 52 5.47 40.27 -6.92
N GLU A 53 6.58 40.78 -7.47
CA GLU A 53 7.84 40.06 -7.36
C GLU A 53 8.32 39.95 -5.88
N GLY A 54 8.01 40.96 -5.09
CA GLY A 54 8.37 40.88 -3.70
C GLY A 54 7.49 39.88 -3.00
N ARG A 55 6.30 39.67 -3.54
CA ARG A 55 5.40 38.67 -2.98
C ARG A 55 5.61 37.26 -3.61
N LEU A 56 6.60 37.17 -4.53
CA LEU A 56 6.98 35.90 -5.11
C LEU A 56 7.79 35.05 -4.12
N ILE A 57 7.23 33.90 -3.76
CA ILE A 57 7.82 33.11 -2.73
C ILE A 57 9.23 32.62 -3.04
N GLN A 58 9.56 32.34 -4.30
CA GLN A 58 10.95 31.97 -4.60
C GLN A 58 11.95 33.11 -4.50
N ASN A 59 11.47 34.35 -4.62
CA ASN A 59 12.32 35.48 -4.36
C ASN A 59 12.55 35.59 -2.84
N SER A 60 11.48 35.36 -2.06
CA SER A 60 11.60 35.37 -0.60
C SER A 60 12.69 34.38 -0.14
N LEU A 61 12.71 33.20 -0.74
CA LEU A 61 13.69 32.21 -0.40
C LEU A 61 15.08 32.73 -0.68
N THR A 62 15.30 33.23 -1.89
CA THR A 62 16.62 33.69 -2.26
C THR A 62 17.10 34.78 -1.30
N ILE A 63 16.22 35.68 -0.92
CA ILE A 63 16.60 36.75 -0.05
C ILE A 63 16.92 36.22 1.35
N GLU A 64 16.06 35.33 1.90
CA GLU A 64 16.33 34.68 3.19
C GLU A 64 17.71 33.98 3.12
N ARG A 65 17.92 33.18 2.07
CA ARG A 65 19.16 32.43 2.00
C ARG A 65 20.34 33.37 1.96
N MET A 66 20.15 34.52 1.33
CA MET A 66 21.19 35.52 1.26
C MET A 66 21.68 35.98 2.66
N VAL A 67 20.76 36.42 3.49
CA VAL A 67 21.10 36.90 4.81
C VAL A 67 21.66 35.77 5.65
N LEU A 68 21.07 34.57 5.54
CA LEU A 68 21.60 33.42 6.24
C LEU A 68 23.05 33.16 5.88
N SER A 69 23.35 33.26 4.59
CA SER A 69 24.68 33.06 4.08
C SER A 69 25.64 34.05 4.68
N ALA A 70 25.24 35.32 4.63
CA ALA A 70 26.10 36.45 4.99
C ALA A 70 26.58 36.36 6.42
N PHE A 71 25.85 35.58 7.23
CA PHE A 71 26.23 35.32 8.59
C PHE A 71 26.75 33.92 8.87
N ASP A 72 26.71 33.02 7.88
CA ASP A 72 27.09 31.65 8.16
C ASP A 72 28.56 31.49 8.50
N GLU A 73 29.39 32.38 7.95
CA GLU A 73 30.86 32.28 7.96
C GLU A 73 31.32 30.96 7.39
N ARG A 74 30.59 30.44 6.40
CA ARG A 74 30.82 29.08 5.81
C ARG A 74 30.87 27.97 6.85
N ARG A 75 30.27 28.19 8.00
CA ARG A 75 30.27 27.19 9.07
C ARG A 75 29.20 26.13 8.87
N ASN A 76 28.31 26.35 7.89
CA ASN A 76 27.03 25.63 7.80
C ASN A 76 26.28 25.65 9.13
N LYS A 77 26.10 26.85 9.66
CA LYS A 77 25.35 27.08 10.89
C LYS A 77 23.89 27.38 10.61
N TYR A 78 23.68 28.19 9.57
CA TYR A 78 22.37 28.73 9.24
C TYR A 78 21.82 28.10 7.96
N LEU A 79 22.71 27.63 7.09
CA LEU A 79 22.33 26.96 5.85
C LEU A 79 23.40 26.08 5.29
N GLU A 80 23.04 25.42 4.19
CA GLU A 80 23.96 24.56 3.48
C GLU A 80 24.03 25.27 2.15
N GLU A 81 25.25 25.52 1.65
CA GLU A 81 25.43 26.36 0.44
C GLU A 81 25.88 25.52 -0.76
N HIS A 82 25.21 25.70 -1.90
CA HIS A 82 25.23 24.69 -2.98
C HIS A 82 26.59 24.20 -3.52
N PRO A 83 27.57 25.10 -3.82
CA PRO A 83 27.52 26.56 -3.97
C PRO A 83 27.12 27.03 -5.39
N SER A 84 25.84 26.86 -5.76
CA SER A 84 25.30 27.27 -7.07
C SER A 84 25.26 28.80 -7.33
N ALA A 85 25.87 29.58 -6.43
CA ALA A 85 26.08 31.02 -6.65
C ALA A 85 26.99 31.65 -5.56
N GLY A 86 28.30 31.42 -5.69
CA GLY A 86 29.33 31.84 -4.71
C GLY A 86 30.60 30.97 -4.73
N LYS A 87 31.59 31.42 -5.51
CA LYS A 87 32.95 30.86 -5.49
C LYS A 87 33.86 31.85 -4.79
N ASP A 88 33.66 33.11 -5.13
CA ASP A 88 34.10 34.23 -4.31
C ASP A 88 33.35 34.22 -2.97
N PRO A 89 34.09 33.93 -1.88
CA PRO A 89 33.57 33.68 -0.55
C PRO A 89 33.16 34.95 0.12
N LYS A 90 33.56 36.09 -0.41
CA LYS A 90 33.15 37.38 0.18
C LYS A 90 31.72 37.75 -0.24
N LYS A 91 31.13 36.93 -1.09
CA LYS A 91 29.92 37.34 -1.80
C LYS A 91 28.84 36.28 -1.72
N THR A 92 27.58 36.72 -1.74
CA THR A 92 26.48 35.78 -1.74
C THR A 92 25.26 36.23 -2.53
N GLY A 93 24.51 35.24 -3.04
CA GLY A 93 23.16 35.47 -3.56
C GLY A 93 22.65 34.31 -4.37
N GLY A 94 21.60 34.52 -5.16
CA GLY A 94 20.98 33.43 -5.90
C GLY A 94 20.00 33.96 -6.91
N PRO A 95 19.09 33.08 -7.38
CA PRO A 95 18.22 33.45 -8.48
C PRO A 95 17.15 34.40 -8.01
N ILE A 96 17.01 35.50 -8.70
CA ILE A 96 15.89 36.38 -8.50
C ILE A 96 15.12 36.43 -9.81
N TYR A 97 13.81 36.48 -9.69
CA TYR A 97 12.93 36.27 -10.84
C TYR A 97 12.15 37.51 -11.03
N ARG A 98 12.16 38.04 -12.25
CA ARG A 98 11.32 39.19 -12.59
C ARG A 98 10.41 38.88 -13.80
N ARG A 99 9.28 39.57 -13.87
CA ARG A 99 8.34 39.48 -14.97
C ARG A 99 8.62 40.52 -16.05
N VAL A 100 9.04 40.09 -17.23
CA VAL A 100 9.42 41.01 -18.29
C VAL A 100 8.87 40.44 -19.58
N ASP A 101 8.09 41.25 -20.29
CA ASP A 101 7.57 40.85 -21.61
C ASP A 101 6.86 39.52 -21.65
N GLY A 102 5.92 39.31 -20.75
CA GLY A 102 5.15 38.06 -20.77
C GLY A 102 5.97 36.82 -20.47
N LYS A 103 7.19 37.04 -19.95
CA LYS A 103 8.13 35.98 -19.60
C LYS A 103 8.61 36.07 -18.14
N TRP A 104 8.84 34.92 -17.52
CA TRP A 104 9.61 34.94 -16.28
C TRP A 104 11.06 34.81 -16.57
N ARG A 105 11.83 35.79 -16.12
CA ARG A 105 13.27 35.83 -16.32
C ARG A 105 14.00 35.67 -14.99
N ARG A 106 14.95 34.74 -14.98
CA ARG A 106 15.77 34.46 -13.82
C ARG A 106 17.13 35.15 -13.94
N GLU A 107 17.56 35.84 -12.90
CA GLU A 107 18.92 36.37 -12.89
C GLU A 107 19.60 36.00 -11.59
N LEU A 108 20.92 35.81 -11.61
CA LEU A 108 21.67 35.56 -10.38
C LEU A 108 22.23 36.85 -9.87
N ILE A 109 21.79 37.32 -8.72
CA ILE A 109 22.45 38.47 -8.07
C ILE A 109 23.59 38.01 -7.15
N LEU A 110 24.69 38.74 -7.14
CA LEU A 110 25.72 38.55 -6.12
C LEU A 110 25.84 39.81 -5.28
N TYR A 111 25.86 39.68 -3.96
CA TYR A 111 26.04 40.85 -3.12
C TYR A 111 27.23 40.64 -2.19
N ASP A 112 27.71 41.72 -1.61
CA ASP A 112 28.71 41.60 -0.56
C ASP A 112 28.03 41.14 0.70
N LYS A 113 28.49 40.00 1.23
CA LYS A 113 28.03 39.56 2.55
C LYS A 113 28.04 40.68 3.58
N GLU A 114 29.14 41.44 3.60
CA GLU A 114 29.27 42.64 4.44
C GLU A 114 28.06 43.56 4.24
N GLU A 115 27.77 43.90 2.99
CA GLU A 115 26.62 44.75 2.72
C GLU A 115 25.32 44.14 3.28
N ILE A 116 25.14 42.82 3.11
CA ILE A 116 23.87 42.23 3.56
C ILE A 116 23.77 42.39 5.08
N ARG A 117 24.81 41.92 5.79
CA ARG A 117 24.92 42.01 7.23
C ARG A 117 24.59 43.42 7.70
N ARG A 118 25.10 44.41 6.96
CA ARG A 118 24.81 45.82 7.24
C ARG A 118 23.32 46.02 7.24
N ILE A 119 22.71 45.78 6.09
CA ILE A 119 21.26 45.92 5.94
C ILE A 119 20.46 45.15 6.99
N TRP A 120 20.82 43.89 7.21
CA TRP A 120 20.19 43.15 8.27
C TRP A 120 20.27 43.85 9.62
N ARG A 121 21.46 44.27 10.01
CA ARG A 121 21.62 44.89 11.32
C ARG A 121 20.83 46.16 11.35
N GLN A 122 20.85 46.90 10.24
CA GLN A 122 20.12 48.15 10.20
C GLN A 122 18.63 47.90 10.42
N ALA A 123 18.07 46.93 9.72
CA ALA A 123 16.68 46.51 9.95
C ALA A 123 16.40 46.01 11.34
N ASN A 124 17.43 45.60 12.08
CA ASN A 124 17.24 45.20 13.46
C ASN A 124 17.67 46.19 14.55
N ASN A 125 17.39 47.47 14.36
CA ASN A 125 17.80 48.49 15.36
C ASN A 125 19.28 48.38 15.72
N GLY A 126 20.10 47.93 14.78
CA GLY A 126 21.53 47.78 15.03
C GLY A 126 21.95 46.51 15.76
N ASP A 127 21.03 45.61 16.08
CA ASP A 127 21.42 44.38 16.75
C ASP A 127 21.79 43.26 15.81
N ASP A 128 22.19 42.10 16.35
CA ASP A 128 22.57 40.98 15.50
C ASP A 128 21.34 40.14 15.22
N ALA A 129 20.29 40.33 16.03
CA ALA A 129 19.06 39.53 15.90
C ALA A 129 19.33 38.12 15.34
N THR A 130 19.88 37.28 16.18
CA THR A 130 20.24 35.95 15.78
C THR A 130 18.99 35.09 15.74
N ALA A 131 18.05 35.42 16.64
CA ALA A 131 16.74 34.78 16.65
C ALA A 131 16.02 34.86 15.27
N GLY A 132 16.17 35.97 14.58
CA GLY A 132 15.59 36.14 13.26
C GLY A 132 16.19 35.21 12.22
N LEU A 133 17.51 35.08 12.26
CA LEU A 133 18.19 34.15 11.38
C LEU A 133 17.65 32.76 11.66
N THR A 134 17.56 32.40 12.93
CA THR A 134 17.15 31.07 13.31
C THR A 134 15.71 30.78 12.85
N HIS A 135 14.88 31.82 12.91
CA HIS A 135 13.48 31.73 12.54
C HIS A 135 13.41 31.44 11.06
N MET A 136 14.26 32.10 10.29
CA MET A 136 14.26 31.78 8.88
C MET A 136 14.84 30.39 8.60
N MET A 137 15.83 29.98 9.39
CA MET A 137 16.43 28.72 9.19
C MET A 137 15.40 27.61 9.41
N ILE A 138 14.58 27.79 10.43
CA ILE A 138 13.59 26.78 10.71
C ILE A 138 12.54 26.74 9.61
N TRP A 139 12.09 27.91 9.15
CA TRP A 139 11.17 27.97 8.05
C TRP A 139 11.68 27.17 6.90
N HIS A 140 12.95 27.35 6.51
CA HIS A 140 13.44 26.46 5.49
C HIS A 140 13.35 25.02 5.89
N SER A 141 13.60 24.73 7.17
CA SER A 141 13.69 23.34 7.53
C SER A 141 12.28 22.76 7.34
N ASN A 142 11.29 23.45 7.90
CA ASN A 142 9.92 23.06 7.71
C ASN A 142 9.51 22.87 6.22
N LEU A 143 9.88 23.83 5.39
CA LEU A 143 9.61 23.70 3.97
C LEU A 143 10.22 22.43 3.34
N ASN A 144 11.51 22.18 3.63
CA ASN A 144 12.13 20.87 3.25
C ASN A 144 11.47 19.66 3.79
N ASP A 145 11.06 19.69 5.06
CA ASP A 145 10.28 18.60 5.62
C ASP A 145 9.01 18.32 4.83
N ALA A 146 8.32 19.34 4.36
CA ALA A 146 7.11 19.13 3.57
C ALA A 146 7.34 18.63 2.14
N THR A 147 8.58 18.70 1.70
CA THR A 147 8.87 18.60 0.29
C THR A 147 9.60 17.35 -0.13
N TYR A 148 10.62 16.97 0.63
CA TYR A 148 11.59 15.94 0.27
C TYR A 148 11.55 14.70 1.16
N GLN A 149 11.74 13.55 0.53
CA GLN A 149 11.78 12.27 1.19
C GLN A 149 13.20 12.11 1.75
N ARG A 150 13.37 11.35 2.83
CA ARG A 150 14.72 11.08 3.34
C ARG A 150 15.01 9.59 3.41
N THR A 151 14.17 8.82 2.74
CA THR A 151 14.26 7.38 2.64
C THR A 151 15.70 6.85 2.44
N ARG A 152 16.46 7.52 1.59
CA ARG A 152 17.81 7.09 1.27
C ARG A 152 18.77 7.34 2.43
N ALA A 153 18.66 8.52 3.04
CA ALA A 153 19.47 8.86 4.23
C ALA A 153 19.27 7.83 5.32
N LEU A 154 18.02 7.36 5.47
CA LEU A 154 17.69 6.41 6.48
C LEU A 154 18.30 5.06 6.23
N VAL A 155 18.29 4.57 4.99
CA VAL A 155 18.89 3.25 4.80
C VAL A 155 20.37 3.32 5.01
N ARG A 156 20.99 4.42 4.57
CA ARG A 156 22.45 4.54 4.67
C ARG A 156 22.88 4.67 6.14
N THR A 157 21.91 4.81 7.01
CA THR A 157 22.13 4.93 8.40
C THR A 157 21.67 3.63 9.06
N GLY A 158 21.22 2.69 8.25
CA GLY A 158 20.74 1.42 8.76
C GLY A 158 19.40 1.54 9.44
N MET A 159 18.75 2.68 9.30
CA MET A 159 17.35 2.76 9.79
C MET A 159 16.33 2.21 8.80
N ASP A 160 15.11 2.10 9.30
CA ASP A 160 14.01 1.53 8.56
C ASP A 160 13.30 2.70 7.85
N PRO A 161 13.07 2.58 6.54
CA PRO A 161 12.40 3.70 5.86
C PRO A 161 10.99 4.03 6.42
N ARG A 162 10.38 3.11 7.15
CA ARG A 162 9.08 3.44 7.77
C ARG A 162 9.25 4.39 8.96
N MET A 163 10.48 4.81 9.21
CA MET A 163 10.72 5.73 10.28
C MET A 163 10.67 7.17 9.78
N CYS A 164 10.47 7.31 8.47
CA CYS A 164 10.24 8.63 7.80
C CYS A 164 9.45 9.64 8.66
N SER A 165 8.50 9.18 9.47
CA SER A 165 7.70 10.10 10.32
C SER A 165 8.39 10.64 11.57
N LEU A 166 9.59 10.15 11.86
CA LEU A 166 10.38 10.65 12.98
C LEU A 166 11.42 11.65 12.52
N MET A 167 11.38 12.04 11.26
CA MET A 167 12.51 12.73 10.71
C MET A 167 12.36 14.23 10.69
N GLN A 168 11.59 14.78 11.61
CA GLN A 168 11.59 16.25 11.78
C GLN A 168 12.96 16.87 11.81
N GLY A 169 13.13 17.99 11.09
CA GLY A 169 14.32 18.87 11.19
C GLY A 169 15.56 18.15 10.66
N SER A 170 15.32 16.97 10.11
CA SER A 170 16.32 16.12 9.47
C SER A 170 17.21 16.88 8.53
N THR A 171 16.76 18.04 8.15
CA THR A 171 17.37 18.74 7.07
C THR A 171 18.08 20.03 7.54
N LEU A 172 17.96 20.34 8.82
CA LEU A 172 18.74 21.39 9.46
C LEU A 172 20.22 21.25 9.23
N PRO A 173 20.92 22.38 9.09
CA PRO A 173 22.36 22.40 8.75
C PRO A 173 23.12 21.69 9.83
N ARG A 174 24.31 21.19 9.50
CA ARG A 174 24.99 20.27 10.44
C ARG A 174 25.51 20.96 11.72
N ARG A 175 25.60 22.29 11.70
CA ARG A 175 25.93 23.05 12.91
C ARG A 175 24.78 23.98 13.35
N SER A 176 24.19 23.74 14.52
CA SER A 176 23.11 24.59 15.13
C SER A 176 22.80 23.90 16.47
N GLY A 177 22.26 24.61 17.47
CA GLY A 177 21.90 24.00 18.78
C GLY A 177 20.85 24.86 19.49
N ALA A 178 21.31 25.98 20.00
CA ALA A 178 20.44 27.16 20.14
C ALA A 178 19.30 27.00 19.10
N ALA A 179 18.15 26.53 19.61
CA ALA A 179 16.85 26.47 18.87
C ALA A 179 16.71 25.43 17.73
N GLY A 180 17.77 25.23 16.96
CA GLY A 180 17.91 24.07 16.06
C GLY A 180 17.43 22.74 16.67
N ALA A 181 17.91 22.42 17.87
CA ALA A 181 17.64 21.14 18.51
C ALA A 181 16.18 20.86 18.70
N ALA A 182 15.44 21.85 19.24
CA ALA A 182 14.07 21.60 19.77
C ALA A 182 13.10 21.04 18.72
N VAL A 183 13.50 21.18 17.47
CA VAL A 183 12.64 20.97 16.32
C VAL A 183 13.04 19.67 15.59
N LYS A 184 14.16 19.09 15.99
CA LYS A 184 14.63 17.82 15.45
C LYS A 184 13.87 16.68 16.12
N GLY A 185 13.58 15.67 15.34
CA GLY A 185 12.83 14.56 15.88
C GLY A 185 13.74 13.45 16.35
N VAL A 186 13.13 12.42 16.90
CA VAL A 186 13.86 11.40 17.58
C VAL A 186 14.73 10.66 16.56
N GLY A 187 14.16 10.45 15.37
CA GLY A 187 14.86 9.80 14.29
C GLY A 187 16.02 10.63 13.80
N THR A 188 15.85 11.94 13.80
CA THR A 188 16.91 12.81 13.31
C THR A 188 18.11 12.73 14.25
N MET A 189 17.84 12.61 15.54
CA MET A 189 18.88 12.47 16.51
C MET A 189 19.51 11.10 16.43
N VAL A 190 18.67 10.07 16.37
CA VAL A 190 19.23 8.76 16.18
C VAL A 190 20.09 8.73 14.92
N MET A 191 19.62 9.37 13.86
CA MET A 191 20.41 9.33 12.64
C MET A 191 21.71 10.03 12.81
N GLU A 192 21.76 11.02 13.67
CA GLU A 192 22.95 11.85 13.71
C GLU A 192 23.97 11.15 14.56
N LEU A 193 23.50 10.56 15.66
CA LEU A 193 24.33 9.74 16.52
C LEU A 193 24.88 8.55 15.75
N ILE A 194 24.01 7.72 15.21
CA ILE A 194 24.47 6.64 14.33
C ILE A 194 25.55 7.07 13.34
N ARG A 195 25.34 8.16 12.60
CA ARG A 195 26.38 8.65 11.71
C ARG A 195 27.79 8.82 12.37
N MET A 196 27.82 9.41 13.59
CA MET A 196 29.05 9.53 14.37
C MET A 196 29.65 8.13 14.59
N ILE A 197 28.98 7.33 15.41
CA ILE A 197 29.35 5.93 15.64
C ILE A 197 29.92 5.25 14.39
N LYS A 198 29.09 5.12 13.36
CA LYS A 198 29.50 4.55 12.10
C LYS A 198 30.91 4.95 11.66
N ARG A 199 31.32 6.17 12.01
CA ARG A 199 32.64 6.69 11.64
C ARG A 199 33.69 6.50 12.74
N GLY A 200 33.25 6.06 13.92
CA GLY A 200 34.15 5.49 14.94
C GLY A 200 34.43 4.02 14.69
N ILE A 201 33.92 3.52 13.56
CA ILE A 201 34.09 2.15 13.14
C ILE A 201 35.02 2.07 11.92
N ASN A 202 35.38 3.25 11.39
CA ASN A 202 36.63 3.40 10.63
C ASN A 202 37.67 4.19 11.46
N ASP A 203 37.41 4.26 12.77
CA ASP A 203 38.36 4.71 13.80
C ASP A 203 39.33 5.84 13.39
N ARG A 204 40.61 5.51 13.21
CA ARG A 204 41.68 6.49 13.05
C ARG A 204 41.65 7.56 14.15
N ASN A 205 41.63 7.09 15.39
CA ASN A 205 41.57 7.97 16.58
C ASN A 205 40.45 8.99 16.53
N PHE A 206 39.28 8.53 16.09
CA PHE A 206 38.04 9.31 16.15
C PHE A 206 37.68 9.57 17.62
N TRP A 207 38.17 8.72 18.52
CA TRP A 207 37.80 8.83 19.94
C TRP A 207 38.92 9.15 20.88
N ARG A 208 40.12 9.40 20.34
CA ARG A 208 41.31 9.70 21.16
C ARG A 208 41.96 11.06 20.83
N GLY A 209 42.44 11.74 21.87
CA GLY A 209 43.24 12.96 21.70
C GLY A 209 42.53 14.24 22.12
N GLU A 210 42.79 15.31 21.38
CA GLU A 210 41.97 16.52 21.46
C GLU A 210 40.65 16.18 20.77
N ASN A 211 40.75 15.88 19.49
CA ASN A 211 39.62 15.54 18.61
C ASN A 211 38.57 14.62 19.26
N GLY A 212 39.05 13.60 19.95
CA GLY A 212 38.20 12.50 20.39
C GLY A 212 37.66 12.62 21.80
N ARG A 213 37.83 13.79 22.39
CA ARG A 213 37.13 14.15 23.62
C ARG A 213 36.45 15.48 23.31
N ARG A 214 36.83 16.04 22.16
CA ARG A 214 36.06 17.11 21.50
C ARG A 214 34.75 16.52 21.02
N THR A 215 34.83 15.62 20.04
CA THR A 215 33.68 14.86 19.58
C THR A 215 32.98 14.13 20.74
N ARG A 216 33.74 13.56 21.65
CA ARG A 216 33.16 12.92 22.85
C ARG A 216 32.25 13.84 23.69
N ILE A 217 32.53 15.13 23.65
CA ILE A 217 31.69 16.08 24.37
C ILE A 217 30.43 16.39 23.52
N ALA A 218 30.59 16.42 22.19
CA ALA A 218 29.47 16.55 21.23
C ALA A 218 28.50 15.40 21.40
N TYR A 219 28.96 14.20 21.03
CA TYR A 219 28.31 12.96 21.33
C TYR A 219 27.56 12.97 22.64
N GLU A 220 28.18 13.45 23.72
CA GLU A 220 27.46 13.47 25.00
C GLU A 220 26.27 14.41 24.90
N ARG A 221 26.49 15.59 24.31
CA ARG A 221 25.47 16.62 24.23
C ARG A 221 24.27 16.12 23.44
N MET A 222 24.52 15.57 22.26
CA MET A 222 23.51 14.89 21.45
C MET A 222 22.66 13.85 22.21
N CYS A 223 23.31 12.83 22.74
CA CYS A 223 22.58 11.88 23.58
C CYS A 223 21.65 12.60 24.57
N ASN A 224 22.07 13.75 25.10
CA ASN A 224 21.22 14.40 26.07
C ASN A 224 20.00 15.02 25.46
N ILE A 225 20.23 15.72 24.32
CA ILE A 225 19.16 16.25 23.49
C ILE A 225 18.13 15.16 23.14
N LEU A 226 18.60 14.04 22.56
CA LEU A 226 17.81 12.81 22.48
C LEU A 226 17.02 12.49 23.74
N LYS A 227 17.75 12.24 24.84
CA LYS A 227 17.13 11.88 26.12
C LYS A 227 15.97 12.81 26.42
N GLY A 228 16.18 14.09 26.18
CA GLY A 228 15.19 15.09 26.51
C GLY A 228 13.90 14.93 25.75
N LYS A 229 13.98 14.47 24.51
CA LYS A 229 12.75 14.36 23.73
C LYS A 229 11.93 13.23 24.27
N PHE A 230 12.59 12.21 24.81
CA PHE A 230 11.91 10.99 25.34
C PHE A 230 11.11 11.23 26.61
N GLN A 231 9.95 10.60 26.70
CA GLN A 231 8.99 10.96 27.73
C GLN A 231 8.63 9.81 28.67
N THR A 232 9.50 8.79 28.74
CA THR A 232 9.36 7.74 29.74
C THR A 232 10.75 7.42 30.26
N ALA A 233 10.81 7.09 31.56
CA ALA A 233 12.09 6.88 32.23
C ALA A 233 12.82 5.68 31.61
N ALA A 234 12.03 4.65 31.24
CA ALA A 234 12.61 3.49 30.54
C ALA A 234 13.48 3.94 29.38
N GLN A 235 12.86 4.64 28.42
CA GLN A 235 13.65 5.05 27.28
C GLN A 235 14.80 6.02 27.62
N ARG A 236 14.56 7.01 28.50
CA ARG A 236 15.66 7.93 28.91
C ARG A 236 16.82 7.13 29.52
N THR A 237 16.47 6.19 30.41
CA THR A 237 17.47 5.33 31.06
C THR A 237 18.33 4.66 30.01
N MET A 238 17.64 4.00 29.08
CA MET A 238 18.32 3.33 28.00
C MET A 238 19.24 4.25 27.23
N VAL A 239 18.89 5.52 27.18
CA VAL A 239 19.66 6.50 26.46
C VAL A 239 20.98 6.69 27.20
N ASP A 240 20.89 6.85 28.52
CA ASP A 240 22.08 6.95 29.39
C ASP A 240 23.03 5.77 29.25
N GLN A 241 22.50 4.55 29.20
CA GLN A 241 23.33 3.36 28.90
C GLN A 241 24.15 3.55 27.64
N VAL A 242 23.61 4.28 26.67
CA VAL A 242 24.29 4.45 25.40
C VAL A 242 25.29 5.58 25.51
N ARG A 243 24.90 6.65 26.19
CA ARG A 243 25.76 7.81 26.40
C ARG A 243 27.06 7.35 27.04
N GLU A 244 26.91 6.55 28.08
CA GLU A 244 28.01 6.08 28.86
C GLU A 244 28.60 4.77 28.35
N SER A 245 28.52 4.52 27.05
CA SER A 245 29.46 3.61 26.41
C SER A 245 30.78 4.34 26.53
N ARG A 246 31.82 3.89 25.82
CA ARG A 246 33.12 4.59 25.87
C ARG A 246 33.94 4.56 24.56
N ASN A 247 34.08 3.36 23.99
CA ASN A 247 34.25 3.29 22.56
C ASN A 247 32.91 2.82 22.01
N PRO A 248 32.14 3.76 21.43
CA PRO A 248 30.83 3.39 20.93
C PRO A 248 30.89 2.70 19.57
N GLY A 249 30.19 1.57 19.48
CA GLY A 249 30.08 0.80 18.23
C GLY A 249 28.81 -0.05 18.16
N ASN A 250 28.85 -1.07 17.32
CA ASN A 250 27.67 -1.81 16.93
C ASN A 250 26.65 -2.06 18.03
N ALA A 251 27.14 -2.24 19.25
CA ALA A 251 26.27 -2.38 20.41
C ALA A 251 25.26 -1.23 20.53
N GLU A 252 25.79 0.00 20.43
CA GLU A 252 25.01 1.21 20.69
C GLU A 252 24.12 1.53 19.51
N PHE A 253 24.71 1.51 18.31
CA PHE A 253 23.92 1.39 17.09
C PHE A 253 22.64 0.57 17.35
N GLU A 254 22.78 -0.69 17.74
CA GLU A 254 21.60 -1.51 17.89
C GLU A 254 20.65 -0.93 18.89
N ASP A 255 21.19 -0.39 19.98
CA ASP A 255 20.29 0.09 21.00
C ASP A 255 19.55 1.29 20.48
N LEU A 256 20.26 2.13 19.75
CA LEU A 256 19.67 3.33 19.18
C LEU A 256 18.51 3.02 18.21
N ILE A 257 18.76 2.09 17.29
CA ILE A 257 17.75 1.64 16.37
C ILE A 257 16.61 1.05 17.14
N PHE A 258 16.93 0.31 18.18
CA PHE A 258 15.87 -0.16 19.06
C PHE A 258 15.07 1.03 19.57
N LEU A 259 15.78 2.08 19.97
CA LEU A 259 15.17 3.27 20.53
C LEU A 259 14.25 3.98 19.50
N ALA A 260 14.76 4.13 18.28
CA ALA A 260 13.97 4.73 17.22
C ALA A 260 12.67 3.94 17.05
N ARG A 261 12.77 2.60 16.92
CA ARG A 261 11.57 1.75 16.86
C ARG A 261 10.58 2.08 17.98
N SER A 262 11.07 2.33 19.19
CA SER A 262 10.15 2.58 20.31
C SER A 262 9.51 3.91 20.14
N ALA A 263 10.20 4.82 19.43
CA ALA A 263 9.69 6.19 19.21
C ALA A 263 8.49 6.23 18.25
N LEU A 264 8.33 5.17 17.46
CA LEU A 264 7.15 5.04 16.65
C LEU A 264 5.91 4.91 17.51
N ILE A 265 6.07 4.46 18.76
CA ILE A 265 4.90 4.17 19.63
C ILE A 265 4.88 5.00 20.90
N LEU A 266 5.95 4.97 21.66
CA LEU A 266 6.07 5.90 22.77
C LEU A 266 6.77 7.07 22.15
N ARG A 267 6.00 8.01 21.65
CA ARG A 267 6.59 9.02 20.81
C ARG A 267 7.34 10.06 21.62
N GLY A 268 8.24 10.76 20.96
CA GLY A 268 9.05 11.84 21.59
C GLY A 268 8.34 13.19 21.70
N SER A 269 8.87 14.07 22.53
CA SER A 269 8.31 15.38 22.56
C SER A 269 9.18 16.23 21.64
N VAL A 270 8.58 16.69 20.54
CA VAL A 270 9.31 17.41 19.51
C VAL A 270 8.60 18.71 19.22
N ALA A 271 9.32 19.82 19.17
CA ALA A 271 8.62 21.08 18.98
C ALA A 271 8.33 21.24 17.50
N HIS A 272 7.07 21.59 17.23
CA HIS A 272 6.62 22.02 15.89
C HIS A 272 6.49 23.51 15.92
N LYS A 273 7.29 24.20 15.10
CA LYS A 273 7.32 25.67 15.13
C LYS A 273 6.83 26.32 13.82
N SER A 274 5.72 27.07 13.88
CA SER A 274 5.10 27.63 12.67
C SER A 274 5.75 28.94 12.31
N CYS A 275 6.60 28.90 11.29
CA CYS A 275 7.45 29.99 10.87
C CYS A 275 7.15 30.35 9.42
N LEU A 276 6.73 31.58 9.17
CA LEU A 276 6.40 31.96 7.81
C LEU A 276 7.59 32.53 7.04
N PRO A 277 7.51 32.51 5.70
CA PRO A 277 8.56 33.12 4.88
C PRO A 277 8.66 34.63 5.10
N ALA A 278 9.75 35.23 4.65
CA ALA A 278 10.07 36.57 5.05
C ALA A 278 9.11 37.57 4.42
N CYS A 279 8.63 37.25 3.22
CA CYS A 279 7.71 38.11 2.52
C CYS A 279 6.41 38.29 3.26
N VAL A 280 5.92 37.26 3.93
CA VAL A 280 4.68 37.49 4.66
C VAL A 280 4.89 38.58 5.71
N TYR A 281 5.98 38.45 6.45
CA TYR A 281 6.26 39.41 7.53
C TYR A 281 6.52 40.79 6.97
N GLY A 282 7.23 40.83 5.84
CA GLY A 282 7.54 42.08 5.14
C GLY A 282 6.25 42.79 4.81
N SER A 283 5.34 42.03 4.22
CA SER A 283 4.08 42.60 3.79
C SER A 283 3.31 43.13 5.01
N ALA A 284 3.33 42.39 6.11
CA ALA A 284 2.59 42.85 7.30
C ALA A 284 3.20 44.11 7.88
N VAL A 285 4.52 44.17 7.89
CA VAL A 285 5.21 45.36 8.35
C VAL A 285 4.94 46.55 7.43
N ALA A 286 4.95 46.33 6.13
CA ALA A 286 4.59 47.43 5.25
C ALA A 286 3.13 47.86 5.44
N SER A 287 2.28 46.97 5.95
CA SER A 287 0.88 47.30 6.22
C SER A 287 0.76 47.99 7.55
N GLY A 288 1.88 48.56 8.02
CA GLY A 288 1.99 49.20 9.35
C GLY A 288 1.66 48.41 10.62
N TYR A 289 1.75 47.08 10.56
CA TYR A 289 1.49 46.24 11.74
C TYR A 289 2.66 46.42 12.71
N ASP A 290 2.40 46.54 14.01
CA ASP A 290 3.51 46.76 14.96
C ASP A 290 3.72 45.60 15.91
N PHE A 291 4.55 44.66 15.47
CA PHE A 291 4.66 43.37 16.10
C PHE A 291 5.14 43.47 17.54
N GLU A 292 6.19 44.28 17.76
CA GLU A 292 6.70 44.52 19.10
C GLU A 292 5.63 45.09 20.04
N ARG A 293 4.90 46.10 19.57
CA ARG A 293 3.78 46.66 20.29
C ARG A 293 2.63 45.66 20.51
N GLU A 294 2.24 44.92 19.48
CA GLU A 294 1.12 43.99 19.60
C GLU A 294 1.55 42.64 20.15
N GLY A 295 2.81 42.29 20.07
CA GLY A 295 3.20 40.96 20.49
C GLY A 295 3.10 39.94 19.37
N TYR A 296 3.81 38.83 19.56
CA TYR A 296 3.74 37.73 18.62
C TYR A 296 4.06 36.40 19.29
N SER A 297 3.21 35.42 19.05
CA SER A 297 3.48 34.03 19.47
C SER A 297 3.28 33.09 18.30
N LEU A 298 4.18 32.15 18.13
CA LEU A 298 4.02 31.13 17.10
C LEU A 298 2.92 30.12 17.42
N VAL A 299 2.33 30.12 18.60
CA VAL A 299 1.58 28.93 19.00
C VAL A 299 0.09 28.99 18.82
N GLY A 300 -0.43 30.16 18.46
CA GLY A 300 -1.87 30.33 18.33
C GLY A 300 -2.36 31.04 17.06
N ILE A 301 -3.24 32.01 17.25
CA ILE A 301 -3.88 32.76 16.18
C ILE A 301 -2.84 33.54 15.33
N ASP A 302 -1.73 33.97 15.92
CA ASP A 302 -0.91 34.96 15.26
C ASP A 302 -0.51 34.54 13.85
N PRO A 303 0.03 33.32 13.68
CA PRO A 303 0.41 33.02 12.27
C PRO A 303 -0.82 32.79 11.37
N PHE A 304 -1.96 32.44 11.94
CA PHE A 304 -3.14 32.25 11.15
C PHE A 304 -3.71 33.56 10.66
N ARG A 305 -3.59 34.56 11.52
CA ARG A 305 -4.08 35.89 11.28
C ARG A 305 -3.28 36.45 10.15
N LEU A 306 -1.98 36.26 10.20
CA LEU A 306 -1.13 36.81 9.18
C LEU A 306 -1.40 36.17 7.85
N LEU A 307 -1.53 34.85 7.86
CA LEU A 307 -1.77 34.13 6.63
C LEU A 307 -3.11 34.50 6.01
N GLN A 308 -4.12 34.85 6.83
CA GLN A 308 -5.45 35.27 6.31
C GLN A 308 -5.39 36.59 5.57
N ASN A 309 -4.45 37.45 5.95
CA ASN A 309 -4.35 38.75 5.32
C ASN A 309 -3.26 38.87 4.28
N SER A 310 -2.62 37.77 3.95
CA SER A 310 -1.42 37.75 3.10
C SER A 310 -1.73 37.50 1.63
N GLN A 311 -0.70 37.68 0.83
CA GLN A 311 -0.85 37.69 -0.58
C GLN A 311 0.53 37.26 -1.03
N VAL A 312 0.68 35.99 -1.40
CA VAL A 312 1.97 35.38 -1.75
C VAL A 312 1.78 34.62 -3.09
N TYR A 313 2.70 34.80 -4.03
CA TYR A 313 2.61 34.11 -5.30
C TYR A 313 3.72 33.09 -5.44
N SER A 314 3.60 32.22 -6.44
CA SER A 314 4.63 31.29 -6.69
C SER A 314 4.79 30.98 -8.17
N LEU A 315 6.04 30.77 -8.56
CA LEU A 315 6.37 30.23 -9.84
C LEU A 315 5.76 28.82 -9.92
N ILE A 316 5.33 28.39 -11.10
CA ILE A 316 4.68 27.08 -11.25
C ILE A 316 5.05 26.41 -12.57
N ARG A 317 5.35 25.12 -12.47
CA ARG A 317 5.85 24.34 -13.58
C ARG A 317 4.66 23.78 -14.35
N PRO A 318 4.86 23.48 -15.62
CA PRO A 318 3.76 22.94 -16.38
C PRO A 318 3.27 21.67 -15.72
N ASN A 319 1.99 21.38 -15.84
CA ASN A 319 1.36 20.23 -15.22
C ASN A 319 1.40 20.11 -13.72
N GLU A 320 1.62 21.23 -13.03
CA GLU A 320 1.50 21.28 -11.59
C GLU A 320 0.17 21.95 -11.19
N ASN A 321 -0.43 21.45 -10.12
CA ASN A 321 -1.70 21.96 -9.67
C ASN A 321 -1.54 23.03 -8.60
N PRO A 322 -1.82 24.27 -8.96
CA PRO A 322 -1.79 25.43 -8.06
C PRO A 322 -2.27 25.11 -6.65
N ALA A 323 -3.28 24.27 -6.53
CA ALA A 323 -3.85 23.92 -5.20
C ALA A 323 -2.89 23.04 -4.37
N HIS A 324 -1.97 22.38 -5.07
CA HIS A 324 -1.14 21.38 -4.48
C HIS A 324 0.07 22.08 -4.01
N LYS A 325 0.60 22.95 -4.86
CA LYS A 325 1.62 23.92 -4.48
C LYS A 325 1.11 24.67 -3.26
N SER A 326 -0.12 25.13 -3.34
CA SER A 326 -0.69 25.80 -2.20
C SER A 326 -0.66 24.92 -0.93
N GLN A 327 -1.08 23.65 -1.04
CA GLN A 327 -1.02 22.78 0.13
C GLN A 327 0.45 22.75 0.67
N LEU A 328 1.41 22.52 -0.23
CA LEU A 328 2.76 22.32 0.16
C LEU A 328 3.24 23.47 1.03
N VAL A 329 2.99 24.71 0.60
CA VAL A 329 3.38 25.87 1.39
C VAL A 329 2.59 26.07 2.68
N TRP A 330 1.28 25.97 2.64
CA TRP A 330 0.50 25.95 3.86
C TRP A 330 1.07 24.97 4.93
N MET A 331 1.18 23.70 4.58
CA MET A 331 1.84 22.75 5.43
C MET A 331 3.13 23.27 6.05
N ALA A 332 4.05 23.73 5.22
CA ALA A 332 5.32 24.22 5.74
C ALA A 332 5.14 25.37 6.76
N CYS A 333 4.30 26.33 6.38
CA CYS A 333 4.05 27.47 7.25
C CYS A 333 3.59 27.01 8.61
N HIS A 334 2.69 26.05 8.62
CA HIS A 334 2.17 25.58 9.85
C HIS A 334 2.91 24.39 10.37
N SER A 335 4.09 24.13 9.81
CA SER A 335 4.91 23.02 10.31
C SER A 335 4.04 21.78 10.54
N ALA A 336 3.31 21.35 9.52
CA ALA A 336 2.33 20.34 9.77
C ALA A 336 2.60 18.97 9.11
N ALA A 337 3.76 18.81 8.46
CA ALA A 337 4.07 17.51 7.78
C ALA A 337 3.96 16.23 8.62
N PHE A 338 4.37 16.28 9.89
CA PHE A 338 4.37 15.09 10.74
C PHE A 338 3.13 15.09 11.58
N GLU A 339 2.09 15.79 11.12
CA GLU A 339 0.82 15.81 11.84
C GLU A 339 -0.24 15.07 11.07
N ASP A 340 -1.29 14.69 11.77
CA ASP A 340 -2.34 13.87 11.19
C ASP A 340 -3.06 14.66 10.12
N LEU A 341 -3.03 14.16 8.90
CA LEU A 341 -3.68 14.87 7.78
C LEU A 341 -5.13 15.19 8.08
N ARG A 342 -5.78 14.36 8.85
CA ARG A 342 -7.19 14.58 9.07
C ARG A 342 -7.43 15.82 9.91
N VAL A 343 -6.50 16.14 10.80
CA VAL A 343 -6.64 17.32 11.61
C VAL A 343 -6.38 18.52 10.69
N SER A 344 -5.23 18.52 10.03
CA SER A 344 -4.92 19.54 9.03
C SER A 344 -6.10 19.82 8.06
N SER A 345 -6.71 18.75 7.56
CA SER A 345 -7.77 18.88 6.62
C SER A 345 -8.90 19.62 7.33
N PHE A 346 -9.19 19.18 8.55
CA PHE A 346 -10.27 19.85 9.26
C PHE A 346 -9.96 21.36 9.46
N ILE A 347 -8.72 21.73 9.79
CA ILE A 347 -8.44 23.13 10.05
C ILE A 347 -8.42 23.93 8.75
N ARG A 348 -7.97 23.28 7.69
CA ARG A 348 -7.85 24.01 6.45
C ARG A 348 -9.21 24.26 5.81
N GLY A 349 -10.01 23.22 5.79
CA GLY A 349 -11.33 23.31 5.25
C GLY A 349 -11.35 22.75 3.87
N THR A 350 -10.20 22.33 3.37
CA THR A 350 -10.15 21.49 2.17
C THR A 350 -9.15 20.34 2.39
N LYS A 351 -9.42 19.19 1.79
CA LYS A 351 -8.73 17.94 2.10
C LYS A 351 -7.24 18.17 1.97
N VAL A 352 -6.48 17.83 3.01
CA VAL A 352 -5.03 17.87 2.95
C VAL A 352 -4.52 16.45 2.62
N VAL A 353 -4.08 16.26 1.38
CA VAL A 353 -3.78 14.93 0.86
C VAL A 353 -2.33 14.55 1.06
N PRO A 354 -2.04 13.24 1.07
CA PRO A 354 -0.64 12.79 1.26
C PRO A 354 0.26 13.28 0.13
N ARG A 355 1.55 13.39 0.42
CA ARG A 355 2.45 13.94 -0.52
C ARG A 355 2.45 13.19 -1.86
N GLY A 356 2.29 11.86 -1.83
CA GLY A 356 2.27 11.07 -3.06
C GLY A 356 1.18 11.50 -4.03
N LYS A 357 0.12 12.10 -3.50
CA LYS A 357 -1.05 12.50 -4.26
C LYS A 357 -0.99 13.92 -4.76
N LEU A 358 0.17 14.54 -4.66
CA LEU A 358 0.27 15.96 -4.89
C LEU A 358 0.83 16.21 -6.29
N SER A 359 0.08 16.92 -7.14
CA SER A 359 0.61 17.24 -8.45
C SER A 359 1.59 18.41 -8.43
N THR A 360 2.68 18.27 -7.71
CA THR A 360 3.67 19.33 -7.67
C THR A 360 4.99 18.80 -7.25
N ARG A 361 6.05 19.51 -7.60
CA ARG A 361 7.32 19.34 -6.96
C ARG A 361 7.67 20.57 -6.13
N GLY A 362 8.91 20.68 -5.71
CA GLY A 362 9.25 21.72 -4.73
C GLY A 362 9.09 23.16 -5.18
N VAL A 363 8.92 24.04 -4.23
CA VAL A 363 8.95 25.46 -4.47
C VAL A 363 10.22 25.99 -5.21
N GLN A 364 11.43 25.56 -4.85
CA GLN A 364 12.61 26.13 -5.52
C GLN A 364 12.76 25.62 -6.93
N ILE A 365 13.20 26.50 -7.83
CA ILE A 365 13.50 26.10 -9.20
C ILE A 365 14.99 25.79 -9.36
N ALA A 366 15.34 24.52 -9.50
CA ALA A 366 16.68 24.08 -9.87
C ALA A 366 17.18 24.98 -10.97
N SER A 367 18.45 25.31 -10.93
CA SER A 367 18.99 26.31 -11.83
C SER A 367 19.04 25.79 -13.28
N ASN A 368 18.79 24.51 -13.47
CA ASN A 368 18.74 24.00 -14.82
C ASN A 368 17.34 23.84 -15.44
N GLU A 369 16.30 24.44 -14.85
CA GLU A 369 14.93 24.16 -15.32
C GLU A 369 14.57 24.97 -16.55
CA ASN A 370 13.75 26.12 -18.22
C ASN A 370 12.67 27.18 -17.98
N MET A 371 13.11 28.44 -17.89
CA MET A 371 12.22 29.58 -17.60
C MET A 371 11.15 29.86 -18.64
N GLU A 372 11.38 29.36 -19.85
CA GLU A 372 10.46 29.51 -20.96
C GLU A 372 9.04 29.03 -20.66
N THR A 373 8.92 27.85 -20.04
CA THR A 373 7.63 27.25 -19.75
C THR A 373 7.07 27.53 -18.35
N MET A 374 7.71 28.45 -17.64
CA MET A 374 7.37 28.77 -16.26
C MET A 374 6.21 29.75 -16.17
N GLU A 375 5.35 29.58 -15.17
CA GLU A 375 4.29 30.56 -14.88
C GLU A 375 4.28 30.88 -13.42
N SER A 376 3.45 31.83 -13.02
CA SER A 376 3.30 32.09 -11.63
C SER A 376 1.85 31.84 -11.28
N SER A 377 1.51 31.62 -10.02
CA SER A 377 0.12 31.45 -9.57
C SER A 377 -0.02 31.98 -8.16
N THR A 378 -1.24 32.21 -7.74
CA THR A 378 -1.53 32.76 -6.42
C THR A 378 -1.58 31.62 -5.38
N LEU A 379 -0.87 31.77 -4.26
CA LEU A 379 -0.89 30.74 -3.27
C LEU A 379 -2.12 30.96 -2.42
N GLU A 380 -2.81 29.87 -2.15
CA GLU A 380 -3.97 29.87 -1.31
C GLU A 380 -3.59 29.33 0.09
N LEU A 381 -3.25 30.25 0.97
CA LEU A 381 -2.75 29.92 2.32
C LEU A 381 -3.73 30.20 3.49
N ARG A 382 -5.01 30.37 3.18
CA ARG A 382 -5.97 30.61 4.21
C ARG A 382 -6.37 29.32 4.91
N SER A 383 -7.28 29.43 5.87
CA SER A 383 -7.76 28.29 6.65
C SER A 383 -9.15 28.59 7.05
N ARG A 384 -9.90 27.52 7.16
CA ARG A 384 -11.24 27.63 7.56
C ARG A 384 -11.30 28.00 9.03
N TYR A 385 -10.45 27.39 9.84
CA TYR A 385 -10.38 27.66 11.27
C TYR A 385 -8.99 28.03 11.62
N TRP A 386 -8.77 28.38 12.90
CA TRP A 386 -7.41 28.53 13.40
C TRP A 386 -7.27 27.67 14.62
N ALA A 387 -6.04 27.55 15.15
CA ALA A 387 -5.74 26.56 16.24
C ALA A 387 -4.64 26.98 17.19
N ILE A 388 -4.73 26.52 18.45
CA ILE A 388 -3.66 26.69 19.40
C ILE A 388 -2.93 25.37 19.52
N ARG A 389 -1.61 25.43 19.47
CA ARG A 389 -0.82 24.25 19.77
C ARG A 389 -1.03 23.89 21.24
N THR A 390 -1.46 22.64 21.48
CA THR A 390 -1.62 22.15 22.86
C THR A 390 -0.60 21.07 23.29
N ARG A 391 -0.42 20.98 24.62
CA ARG A 391 0.60 20.13 25.27
C ARG A 391 1.72 19.69 24.31
N ILE A 408 2.77 26.91 24.66
CA ILE A 408 1.96 25.74 24.33
C ILE A 408 0.97 25.45 25.49
N GLN A 409 -0.33 25.31 25.18
CA GLN A 409 -1.42 25.33 26.20
C GLN A 409 -2.12 23.96 26.36
N PRO A 410 -3.08 23.81 27.33
CA PRO A 410 -3.75 22.49 27.35
C PRO A 410 -5.33 22.35 27.51
N THR A 411 -6.17 23.15 26.82
CA THR A 411 -7.68 22.95 26.87
C THR A 411 -8.14 21.62 26.19
N PHE A 412 -9.40 21.55 25.69
CA PHE A 412 -9.80 20.35 24.90
C PHE A 412 -9.43 20.46 23.43
N SER A 413 -8.54 19.56 23.03
CA SER A 413 -8.06 19.43 21.65
C SER A 413 -8.22 17.99 21.14
N VAL A 414 -7.42 17.64 20.14
CA VAL A 414 -7.34 16.27 19.68
C VAL A 414 -5.91 16.04 19.23
N GLN A 415 -5.42 14.81 19.44
CA GLN A 415 -4.08 14.38 19.04
C GLN A 415 -3.80 14.78 17.59
N ALA A 416 -2.70 15.50 17.38
CA ALA A 416 -2.26 15.90 16.05
C ALA A 416 -1.00 15.15 15.62
N ASN A 417 -0.45 14.34 16.52
CA ASN A 417 0.54 13.33 16.13
C ASN A 417 -0.08 12.23 15.27
N LEU A 418 0.71 11.72 14.32
CA LEU A 418 0.30 10.66 13.39
C LEU A 418 -0.52 9.49 14.02
N PRO A 419 -1.48 8.94 13.25
CA PRO A 419 -2.20 7.70 13.63
C PRO A 419 -1.30 6.43 13.71
N PHE A 420 -1.80 5.36 14.31
CA PHE A 420 -1.08 4.08 14.25
C PHE A 420 -1.51 3.28 13.04
N ASP A 421 -0.79 3.47 11.95
CA ASP A 421 -1.11 2.71 10.79
C ASP A 421 -0.30 1.42 10.83
N ARG A 422 -0.74 0.47 10.03
CA ARG A 422 -0.14 -0.82 9.97
C ARG A 422 1.37 -0.71 9.86
N PRO A 423 1.83 0.08 8.90
CA PRO A 423 3.26 0.09 8.69
C PRO A 423 4.03 0.68 9.88
N THR A 424 3.50 1.69 10.55
CA THR A 424 4.14 2.10 11.78
C THR A 424 4.24 0.92 12.78
N ILE A 425 3.11 0.29 13.09
CA ILE A 425 3.14 -0.90 13.95
C ILE A 425 4.22 -1.89 13.51
N MET A 426 4.18 -2.32 12.26
CA MET A 426 5.08 -3.35 11.83
C MET A 426 6.54 -3.05 11.97
N ALA A 427 6.89 -1.79 11.80
CA ALA A 427 8.26 -1.37 11.95
C ALA A 427 8.63 -1.23 13.44
N ALA A 428 7.63 -0.92 14.25
CA ALA A 428 7.89 -0.68 15.66
C ALA A 428 8.21 -1.97 16.39
N PHE A 429 7.47 -3.02 16.04
CA PHE A 429 7.58 -4.33 16.68
C PHE A 429 8.35 -5.38 15.84
N THR A 430 9.66 -5.17 15.57
CA THR A 430 10.45 -6.27 14.99
C THR A 430 11.67 -6.73 15.77
N GLY A 431 12.86 -6.60 15.20
CA GLY A 431 14.03 -7.46 15.56
C GLY A 431 14.43 -7.73 17.02
N ASN A 432 13.42 -7.90 17.89
CA ASN A 432 13.60 -8.16 19.33
C ASN A 432 13.63 -9.65 19.61
N THR A 433 12.97 -10.39 18.72
CA THR A 433 13.23 -11.80 18.48
C THR A 433 14.75 -12.09 18.47
N GLU A 434 15.54 -11.02 18.37
CA GLU A 434 16.94 -11.10 17.96
C GLU A 434 17.97 -10.52 18.97
N GLY A 435 19.17 -11.10 18.92
CA GLY A 435 20.40 -10.54 19.47
C GLY A 435 20.38 -9.91 20.86
N ARG A 436 20.75 -8.62 20.88
CA ARG A 436 20.89 -7.86 22.12
C ARG A 436 19.62 -7.91 22.97
N THR A 437 19.72 -7.52 24.24
CA THR A 437 18.65 -7.83 25.20
C THR A 437 18.95 -7.27 26.59
N SER A 438 17.90 -6.94 27.35
CA SER A 438 18.10 -6.17 28.58
C SER A 438 16.78 -5.87 29.25
N ASP A 439 16.86 -5.39 30.48
CA ASP A 439 15.69 -5.11 31.30
C ASP A 439 15.05 -3.85 30.79
N MET A 440 15.89 -3.01 30.18
CA MET A 440 15.44 -1.78 29.59
C MET A 440 14.68 -2.06 28.30
N ARG A 441 15.25 -2.94 27.46
CA ARG A 441 14.55 -3.46 26.29
C ARG A 441 13.24 -4.19 26.59
N THR A 442 13.11 -4.79 27.76
CA THR A 442 11.92 -5.60 28.04
C THR A 442 10.77 -4.73 28.57
N GLU A 443 11.05 -3.91 29.57
CA GLU A 443 10.23 -2.75 29.83
C GLU A 443 10.31 -2.04 28.49
N ILE A 444 9.49 -1.03 28.22
CA ILE A 444 9.56 -0.40 26.89
C ILE A 444 8.70 -1.26 25.92
N ILE A 445 9.17 -2.46 25.54
CA ILE A 445 8.28 -3.39 24.83
C ILE A 445 6.99 -3.55 25.60
N ARG A 446 7.11 -3.87 26.88
CA ARG A 446 5.98 -3.86 27.75
C ARG A 446 5.12 -2.60 27.56
N LEU A 447 5.71 -1.41 27.64
CA LEU A 447 4.93 -0.16 27.55
C LEU A 447 4.32 0.03 26.17
N MET A 448 5.13 -0.28 25.16
CA MET A 448 4.69 -0.31 23.79
C MET A 448 3.46 -1.17 23.58
N GLU A 449 3.50 -2.41 24.07
CA GLU A 449 2.45 -3.35 23.77
C GLU A 449 1.10 -2.98 24.34
N SER A 450 1.07 -1.96 25.21
CA SER A 450 -0.13 -1.64 25.96
C SER A 450 -0.56 -0.19 25.84
N ALA A 451 -0.12 0.48 24.78
CA ALA A 451 0.13 1.96 24.75
C ALA A 451 -1.04 2.96 24.70
N ARG A 452 -2.09 2.66 25.47
CA ARG A 452 -3.06 3.67 25.94
C ARG A 452 -4.21 3.97 24.96
N PRO A 453 -5.45 4.10 25.51
CA PRO A 453 -6.59 4.78 24.85
C PRO A 453 -6.30 6.21 24.37
N GLU A 454 -5.38 6.93 25.04
CA GLU A 454 -4.99 8.29 24.63
C GLU A 454 -3.59 8.42 23.94
N ASP A 455 -2.51 8.17 24.67
CA ASP A 455 -1.12 8.12 24.12
C ASP A 455 -0.17 9.19 24.66
N VAL A 456 1.08 8.77 24.95
CA VAL A 456 2.14 9.66 25.48
C VAL A 456 2.52 10.75 24.47
N SER A 457 3.25 11.77 24.95
CA SER A 457 3.60 12.95 24.15
C SER A 457 2.43 13.41 23.27
N PHE A 458 1.67 14.32 23.83
CA PHE A 458 0.45 14.76 23.21
C PHE A 458 0.73 16.04 22.48
N GLN A 459 0.90 15.94 21.17
CA GLN A 459 0.96 17.11 20.30
C GLN A 459 -0.45 17.44 19.81
N GLY A 460 -1.03 18.54 20.29
CA GLY A 460 -2.42 18.88 19.95
C GLY A 460 -2.69 20.12 19.11
N ARG A 461 -3.91 20.20 18.59
CA ARG A 461 -4.45 21.43 18.03
C ARG A 461 -5.83 21.67 18.61
N GLY A 462 -6.02 22.77 19.37
CA GLY A 462 -7.37 23.24 19.71
C GLY A 462 -7.94 24.22 18.67
N VAL A 463 -9.12 23.91 18.15
CA VAL A 463 -9.59 24.53 16.92
C VAL A 463 -10.74 25.51 17.18
N PHE A 464 -10.61 26.71 16.64
CA PHE A 464 -11.56 27.80 16.90
C PHE A 464 -11.96 28.46 15.60
N GLU A 465 -13.11 29.14 15.60
CA GLU A 465 -13.55 30.00 14.50
C GLU A 465 -12.67 31.24 14.42
N LEU A 466 -12.40 31.69 13.18
CA LEU A 466 -11.60 32.88 12.96
C LEU A 466 -12.34 34.07 13.56
N SER A 467 -13.65 33.90 13.70
CA SER A 467 -14.52 34.89 14.29
C SER A 467 -14.58 34.76 15.81
N ASP A 468 -13.59 34.09 16.39
CA ASP A 468 -13.53 33.85 17.82
C ASP A 468 -12.07 33.98 18.22
N GLU A 469 -11.52 35.16 17.98
CA GLU A 469 -10.11 35.45 18.29
C GLU A 469 -9.72 35.14 19.73
N LYS A 470 -10.60 35.45 20.70
CA LYS A 470 -10.30 35.21 22.13
C LYS A 470 -10.43 33.76 22.57
N ALA A 471 -10.84 32.88 21.66
CA ALA A 471 -10.89 31.45 21.91
C ALA A 471 -11.98 31.03 22.87
N THR A 472 -13.13 31.66 22.79
CA THR A 472 -14.19 31.36 23.73
C THR A 472 -14.92 30.04 23.43
N SER A 473 -14.90 29.54 22.18
CA SER A 473 -15.63 28.28 21.84
C SER A 473 -14.89 27.22 21.03
N PRO A 474 -14.19 26.32 21.73
CA PRO A 474 -13.56 25.15 21.14
C PRO A 474 -14.52 24.50 20.20
N ILE A 475 -14.04 24.15 19.01
CA ILE A 475 -14.82 23.33 18.13
C ILE A 475 -14.33 21.90 18.25
N VAL A 476 -15.27 21.01 18.54
CA VAL A 476 -14.98 19.57 18.53
C VAL A 476 -14.90 19.04 17.08
N PRO A 477 -13.70 18.70 16.59
CA PRO A 477 -13.63 18.33 15.16
C PRO A 477 -14.30 17.01 14.82
N SER A 478 -14.81 16.91 13.61
CA SER A 478 -15.39 15.69 13.09
C SER A 478 -14.59 15.25 11.89
N PHE A 479 -13.71 14.28 12.05
CA PHE A 479 -12.88 13.83 10.92
C PHE A 479 -13.66 13.00 9.94
N ASP A 480 -13.25 13.07 8.67
CA ASP A 480 -13.73 12.17 7.66
C ASP A 480 -12.81 10.97 7.72
N MET A 481 -13.38 9.85 8.13
CA MET A 481 -12.56 8.74 8.53
C MET A 481 -12.00 7.96 7.38
N SER A 482 -12.29 8.37 6.16
CA SER A 482 -11.81 7.64 5.00
C SER A 482 -10.54 8.23 4.43
N ASN A 483 -10.13 9.38 4.94
CA ASN A 483 -8.88 9.99 4.51
C ASN A 483 -7.66 9.28 5.10
N GLU A 484 -6.59 9.20 4.32
CA GLU A 484 -5.30 8.86 4.81
C GLU A 484 -4.80 9.80 5.89
N GLY A 485 -4.21 9.26 6.94
CA GLY A 485 -3.83 10.11 8.07
C GLY A 485 -2.37 10.55 7.96
N SER A 486 -1.59 9.87 7.11
CA SER A 486 -0.17 10.15 7.08
C SER A 486 0.34 10.86 5.80
N TYR A 487 0.94 12.03 5.96
CA TYR A 487 1.57 12.72 4.83
C TYR A 487 2.45 11.78 4.00
N PHE A 488 3.00 10.77 4.67
CA PHE A 488 4.04 9.92 4.07
C PHE A 488 3.54 8.66 3.42
N PHE A 489 2.24 8.39 3.50
CA PHE A 489 1.67 7.27 2.76
C PHE A 489 1.94 7.40 1.26
N GLY A 490 2.19 6.26 0.62
CA GLY A 490 2.51 6.21 -0.82
C GLY A 490 3.46 7.31 -1.30
N ASP A 491 4.39 7.74 -0.44
CA ASP A 491 5.22 8.91 -0.77
C ASP A 491 6.00 8.73 -2.07
N ASN A 492 6.20 9.79 -2.86
CA ASN A 492 7.07 9.72 -4.07
C ASN A 492 7.94 10.96 -4.34
N ALA A 493 8.15 11.81 -3.32
CA ALA A 493 8.87 13.07 -3.47
C ALA A 493 10.29 12.86 -3.84
N GLU A 494 10.90 13.81 -4.56
CA GLU A 494 12.37 13.73 -4.82
C GLU A 494 13.08 13.53 -3.49
N GLU A 495 14.14 12.74 -3.55
CA GLU A 495 14.93 12.41 -2.39
C GLU A 495 15.79 13.63 -2.04
N TYR A 496 15.91 13.95 -0.75
CA TYR A 496 16.55 15.21 -0.40
C TYR A 496 18.00 15.37 -0.80
N ASP A 497 18.73 14.29 -0.96
CA ASP A 497 20.16 14.43 -1.16
C ASP A 497 20.56 14.91 -2.58
N ASN A 498 19.55 15.19 -3.43
CA ASN A 498 19.77 15.55 -4.88
C ASN A 498 19.28 16.96 -5.32
N ASN B 21 24.74 0.04 -44.10
CA ASN B 21 24.59 -1.18 -43.26
C ASN B 21 23.69 -0.97 -42.03
N ALA B 22 23.67 0.28 -41.54
CA ALA B 22 22.56 0.73 -40.73
C ALA B 22 21.27 0.40 -41.51
N THR B 23 21.15 0.98 -42.70
CA THR B 23 20.00 0.70 -43.57
C THR B 23 20.03 -0.69 -44.23
N GLU B 24 21.15 -1.43 -44.09
CA GLU B 24 21.12 -2.88 -44.35
C GLU B 24 20.32 -3.61 -43.27
N ILE B 25 20.48 -3.18 -42.03
CA ILE B 25 19.74 -3.84 -40.97
C ILE B 25 18.26 -3.53 -40.99
N ARG B 26 17.91 -2.27 -41.22
CA ARG B 26 16.51 -1.88 -41.43
C ARG B 26 15.85 -2.73 -42.52
N ALA B 27 16.60 -3.03 -43.57
CA ALA B 27 16.07 -3.86 -44.69
C ALA B 27 15.74 -5.23 -44.17
N SER B 28 16.65 -5.72 -43.34
CA SER B 28 16.61 -7.05 -42.88
C SER B 28 15.41 -7.29 -41.92
N VAL B 29 15.24 -6.37 -40.97
CA VAL B 29 14.15 -6.42 -40.01
C VAL B 29 12.84 -6.16 -40.78
N GLY B 30 12.91 -5.23 -41.73
CA GLY B 30 11.81 -4.92 -42.61
C GLY B 30 11.32 -6.19 -43.27
N LYS B 31 12.28 -6.99 -43.74
CA LYS B 31 12.00 -8.18 -44.52
C LYS B 31 11.29 -9.20 -43.63
N MET B 32 11.71 -9.29 -42.36
CA MET B 32 10.96 -10.09 -41.37
C MET B 32 9.50 -9.59 -41.15
N ILE B 33 9.32 -8.30 -40.88
CA ILE B 33 7.95 -7.80 -40.85
C ILE B 33 7.12 -8.25 -42.09
N ASP B 34 7.62 -8.02 -43.33
CA ASP B 34 6.80 -8.41 -44.53
C ASP B 34 6.39 -9.85 -44.34
N GLY B 35 7.33 -10.66 -43.84
CA GLY B 35 7.12 -12.11 -43.76
C GLY B 35 5.97 -12.45 -42.83
N ILE B 36 5.95 -11.78 -41.67
CA ILE B 36 4.86 -12.00 -40.70
C ILE B 36 3.58 -11.51 -41.32
N GLY B 37 3.66 -10.34 -41.96
CA GLY B 37 2.51 -9.78 -42.66
C GLY B 37 1.87 -10.83 -43.57
N ARG B 38 2.68 -11.35 -44.50
CA ARG B 38 2.19 -12.23 -45.57
C ARG B 38 1.61 -13.48 -44.97
N PHE B 39 2.27 -13.96 -43.94
CA PHE B 39 1.77 -15.13 -43.28
C PHE B 39 0.36 -14.90 -42.73
N TYR B 40 0.22 -13.83 -41.96
CA TYR B 40 -1.09 -13.53 -41.38
C TYR B 40 -2.17 -13.43 -42.46
N ILE B 41 -1.85 -12.73 -43.57
CA ILE B 41 -2.78 -12.51 -44.69
C ILE B 41 -3.25 -13.90 -45.26
N GLN B 42 -2.32 -14.83 -45.41
CA GLN B 42 -2.63 -16.11 -45.94
C GLN B 42 -3.55 -16.92 -45.00
N MET B 43 -3.26 -16.88 -43.69
CA MET B 43 -4.08 -17.58 -42.72
C MET B 43 -5.47 -17.00 -42.78
N CYS B 44 -5.55 -15.67 -42.83
CA CYS B 44 -6.85 -15.00 -42.91
C CYS B 44 -7.67 -15.54 -44.07
N THR B 45 -7.01 -15.69 -45.21
CA THR B 45 -7.68 -16.21 -46.39
C THR B 45 -8.01 -17.69 -46.21
N GLU B 46 -7.04 -18.45 -45.74
CA GLU B 46 -7.24 -19.88 -45.50
C GLU B 46 -8.47 -20.04 -44.67
N LEU B 47 -8.57 -19.23 -43.64
CA LEU B 47 -9.56 -19.44 -42.61
C LEU B 47 -10.88 -18.76 -42.93
N LYS B 48 -10.94 -18.01 -44.04
CA LYS B 48 -12.16 -17.33 -44.49
C LYS B 48 -12.74 -16.39 -43.44
N LEU B 49 -11.91 -15.46 -42.97
CA LEU B 49 -12.24 -14.60 -41.85
C LEU B 49 -12.80 -13.33 -42.39
N SER B 50 -13.89 -12.80 -41.83
CA SER B 50 -14.27 -11.40 -42.16
C SER B 50 -13.07 -10.51 -41.82
N ASP B 51 -12.93 -9.41 -42.57
CA ASP B 51 -12.02 -8.35 -42.20
C ASP B 51 -12.08 -8.03 -40.69
N TYR B 52 -13.28 -8.03 -40.10
CA TYR B 52 -13.32 -7.65 -38.70
C TYR B 52 -12.61 -8.71 -37.90
N GLU B 53 -12.88 -9.97 -38.26
CA GLU B 53 -12.35 -11.07 -37.49
C GLU B 53 -10.80 -11.16 -37.62
N GLY B 54 -10.28 -10.78 -38.75
CA GLY B 54 -8.88 -10.85 -38.95
C GLY B 54 -8.20 -9.78 -38.14
N ARG B 55 -8.97 -8.78 -37.73
CA ARG B 55 -8.42 -7.70 -37.00
C ARG B 55 -8.70 -7.94 -35.54
N LEU B 56 -9.27 -9.12 -35.23
CA LEU B 56 -9.64 -9.47 -33.87
C LEU B 56 -8.37 -9.99 -33.12
N ILE B 57 -7.83 -9.22 -32.18
CA ILE B 57 -6.62 -9.70 -31.51
C ILE B 57 -6.65 -11.14 -31.00
N GLN B 58 -7.81 -11.63 -30.57
CA GLN B 58 -7.85 -13.01 -30.06
C GLN B 58 -7.57 -14.04 -31.17
N ASN B 59 -7.89 -13.68 -32.42
CA ASN B 59 -7.63 -14.56 -33.53
C ASN B 59 -6.18 -14.46 -33.89
N SER B 60 -5.62 -13.24 -33.81
CA SER B 60 -4.22 -13.04 -34.09
C SER B 60 -3.36 -13.95 -33.18
N LEU B 61 -3.79 -14.06 -31.91
CA LEU B 61 -3.06 -14.88 -30.94
C LEU B 61 -3.12 -16.32 -31.30
N THR B 62 -4.29 -16.82 -31.70
CA THR B 62 -4.34 -18.21 -32.11
C THR B 62 -3.40 -18.50 -33.28
N ILE B 63 -3.57 -17.74 -34.35
CA ILE B 63 -2.75 -17.88 -35.51
C ILE B 63 -1.23 -17.81 -35.16
N GLU B 64 -0.78 -16.78 -34.41
CA GLU B 64 0.65 -16.72 -34.03
C GLU B 64 1.09 -18.00 -33.30
N ARG B 65 0.27 -18.45 -32.34
CA ARG B 65 0.58 -19.61 -31.53
C ARG B 65 0.70 -20.85 -32.42
N MET B 66 -0.09 -20.89 -33.48
CA MET B 66 -0.03 -22.04 -34.34
C MET B 66 1.33 -22.23 -34.99
N VAL B 67 1.91 -21.19 -35.60
CA VAL B 67 3.23 -21.30 -36.22
C VAL B 67 4.27 -21.63 -35.17
N LEU B 68 4.26 -20.88 -34.05
CA LEU B 68 5.24 -21.08 -33.00
C LEU B 68 5.25 -22.58 -32.69
N SER B 69 4.07 -23.12 -32.44
CA SER B 69 3.90 -24.52 -32.17
C SER B 69 4.50 -25.41 -33.29
N ALA B 70 4.13 -25.12 -34.53
CA ALA B 70 4.55 -25.89 -35.69
C ALA B 70 6.08 -26.02 -35.87
N PHE B 71 6.84 -24.99 -35.56
CA PHE B 71 8.29 -25.08 -35.66
C PHE B 71 8.92 -25.48 -34.35
N ASP B 72 8.15 -25.50 -33.27
CA ASP B 72 8.73 -25.78 -31.99
C ASP B 72 8.89 -27.27 -31.93
N GLU B 73 7.99 -27.99 -32.58
CA GLU B 73 7.88 -29.44 -32.43
C GLU B 73 8.24 -29.86 -31.03
N ARG B 74 7.63 -29.22 -30.05
CA ARG B 74 7.80 -29.59 -28.64
C ARG B 74 9.23 -29.50 -28.03
N ARG B 75 10.16 -28.73 -28.62
CA ARG B 75 11.44 -28.50 -27.93
C ARG B 75 11.29 -27.52 -26.78
N ASN B 76 10.10 -26.95 -26.63
CA ASN B 76 9.92 -25.82 -25.73
C ASN B 76 10.95 -24.71 -25.99
N LYS B 77 11.07 -24.35 -27.27
CA LYS B 77 11.95 -23.23 -27.70
C LYS B 77 11.20 -21.93 -28.08
N TYR B 78 9.97 -22.05 -28.59
CA TYR B 78 9.24 -20.88 -29.01
C TYR B 78 8.07 -20.71 -28.09
N LEU B 79 7.68 -21.80 -27.45
CA LEU B 79 6.60 -21.77 -26.49
C LEU B 79 6.72 -22.92 -25.51
N GLU B 80 5.95 -22.84 -24.43
CA GLU B 80 5.66 -23.98 -23.58
C GLU B 80 4.30 -24.54 -23.94
N GLU B 81 4.26 -25.84 -24.19
CA GLU B 81 3.04 -26.61 -24.06
C GLU B 81 3.35 -27.72 -23.08
N HIS B 82 4.47 -27.58 -22.35
CA HIS B 82 4.91 -28.56 -21.34
C HIS B 82 3.89 -28.75 -20.21
N PRO B 83 2.95 -27.78 -20.03
CA PRO B 83 1.67 -28.23 -19.43
C PRO B 83 0.78 -29.14 -20.34
N SER B 84 0.40 -28.66 -21.52
CA SER B 84 -0.59 -29.34 -22.41
C SER B 84 -0.37 -30.84 -22.65
N ALA B 85 -1.40 -31.64 -22.34
CA ALA B 85 -1.45 -33.04 -22.76
C ALA B 85 -2.32 -33.18 -24.02
N GLY B 86 -2.20 -32.20 -24.91
CA GLY B 86 -3.03 -32.09 -26.13
C GLY B 86 -2.93 -33.20 -27.17
N LYS B 87 -4.05 -33.90 -27.37
CA LYS B 87 -4.16 -35.15 -28.16
C LYS B 87 -2.99 -35.45 -29.11
N ASP B 88 -3.07 -34.90 -30.33
CA ASP B 88 -2.29 -35.36 -31.49
C ASP B 88 -1.08 -34.47 -31.82
N PRO B 89 0.14 -34.91 -31.43
CA PRO B 89 1.36 -34.12 -31.56
C PRO B 89 1.69 -33.73 -33.00
N LYS B 90 1.11 -34.40 -33.98
CA LYS B 90 1.30 -33.99 -35.37
C LYS B 90 0.50 -32.71 -35.73
N LYS B 91 -0.40 -32.29 -34.85
CA LYS B 91 -1.36 -31.23 -35.20
C LYS B 91 -1.26 -30.08 -34.20
N THR B 92 -1.61 -28.87 -34.67
CA THR B 92 -1.72 -27.69 -33.81
C THR B 92 -3.00 -26.91 -34.18
N GLY B 93 -3.44 -26.08 -33.23
CA GLY B 93 -4.71 -25.38 -33.35
C GLY B 93 -5.03 -24.55 -32.14
N GLY B 94 -6.28 -24.13 -32.08
CA GLY B 94 -6.72 -23.22 -31.05
C GLY B 94 -8.03 -22.61 -31.49
N PRO B 95 -8.59 -21.75 -30.63
CA PRO B 95 -9.89 -21.18 -30.82
C PRO B 95 -9.86 -20.10 -31.86
N ILE B 96 -10.84 -20.10 -32.74
CA ILE B 96 -11.09 -18.99 -33.68
C ILE B 96 -12.50 -18.52 -33.42
N TYR B 97 -12.67 -17.21 -33.36
CA TYR B 97 -13.94 -16.58 -33.03
C TYR B 97 -14.56 -15.85 -34.23
N ARG B 98 -15.78 -16.22 -34.60
CA ARG B 98 -16.46 -15.51 -35.71
C ARG B 98 -17.78 -14.90 -35.23
N ARG B 99 -18.23 -13.84 -35.89
CA ARG B 99 -19.47 -13.15 -35.52
C ARG B 99 -20.60 -13.67 -36.38
N VAL B 100 -21.60 -14.32 -35.78
CA VAL B 100 -22.65 -15.05 -36.56
C VAL B 100 -24.01 -14.97 -35.85
N ASP B 101 -25.00 -14.30 -36.50
CA ASP B 101 -26.31 -13.89 -35.88
C ASP B 101 -26.17 -13.20 -34.55
N GLY B 102 -25.43 -12.10 -34.48
CA GLY B 102 -25.30 -11.33 -33.23
C GLY B 102 -24.82 -12.08 -32.01
N LYS B 103 -24.13 -13.20 -32.26
CA LYS B 103 -23.41 -13.95 -31.23
C LYS B 103 -21.96 -14.16 -31.70
N TRP B 104 -21.02 -14.09 -30.79
CA TRP B 104 -19.62 -14.55 -31.10
C TRP B 104 -19.50 -16.06 -30.95
N ARG B 105 -19.13 -16.77 -32.02
CA ARG B 105 -19.00 -18.26 -32.01
C ARG B 105 -17.53 -18.68 -31.92
N ARG B 106 -17.21 -19.52 -30.92
CA ARG B 106 -15.90 -20.18 -30.78
C ARG B 106 -15.84 -21.53 -31.48
N GLU B 107 -14.87 -21.71 -32.37
CA GLU B 107 -14.55 -23.05 -32.87
C GLU B 107 -13.08 -23.38 -32.58
N LEU B 108 -12.77 -24.66 -32.39
CA LEU B 108 -11.37 -25.13 -32.46
C LEU B 108 -11.00 -25.55 -33.87
N ILE B 109 -9.99 -24.93 -34.44
CA ILE B 109 -9.40 -25.44 -35.66
C ILE B 109 -8.17 -26.35 -35.42
N LEU B 110 -7.80 -27.15 -36.40
CA LEU B 110 -6.62 -28.01 -36.30
C LEU B 110 -5.95 -28.11 -37.63
N TYR B 111 -4.67 -27.80 -37.68
CA TYR B 111 -3.88 -27.98 -38.90
C TYR B 111 -2.71 -28.93 -38.62
N ASP B 112 -2.11 -29.50 -39.67
CA ASP B 112 -0.91 -30.29 -39.47
C ASP B 112 0.21 -29.29 -39.31
N LYS B 113 1.03 -29.45 -38.27
CA LYS B 113 2.20 -28.55 -38.10
C LYS B 113 3.03 -28.42 -39.40
N GLU B 114 2.96 -29.47 -40.21
CA GLU B 114 3.69 -29.56 -41.44
C GLU B 114 3.17 -28.50 -42.40
N GLU B 115 1.85 -28.43 -42.47
CA GLU B 115 1.14 -27.61 -43.46
C GLU B 115 1.28 -26.15 -43.04
N ILE B 116 1.19 -25.89 -41.74
CA ILE B 116 1.51 -24.57 -41.23
C ILE B 116 2.93 -24.21 -41.57
N ARG B 117 3.86 -25.18 -41.45
CA ARG B 117 5.30 -24.86 -41.69
C ARG B 117 5.43 -24.45 -43.14
N ARG B 118 4.66 -25.10 -44.01
CA ARG B 118 4.74 -24.79 -45.42
C ARG B 118 4.24 -23.37 -45.70
N ILE B 119 3.09 -23.05 -45.11
CA ILE B 119 2.48 -21.71 -45.26
C ILE B 119 3.41 -20.58 -44.76
N TRP B 120 4.08 -20.83 -43.63
CA TRP B 120 5.05 -19.89 -43.12
C TRP B 120 6.18 -19.66 -44.10
N ARG B 121 6.75 -20.77 -44.61
CA ARG B 121 7.89 -20.69 -45.54
C ARG B 121 7.50 -19.97 -46.80
N GLN B 122 6.34 -20.32 -47.33
CA GLN B 122 5.86 -19.63 -48.50
C GLN B 122 5.76 -18.12 -48.25
N ALA B 123 5.28 -17.74 -47.07
CA ALA B 123 5.08 -16.33 -46.77
C ALA B 123 6.42 -15.61 -46.68
N ASN B 124 7.46 -16.38 -46.42
CA ASN B 124 8.74 -15.78 -46.31
C ASN B 124 9.66 -16.14 -47.48
N ASN B 125 9.10 -16.20 -48.71
CA ASN B 125 9.91 -16.43 -49.93
C ASN B 125 10.84 -17.60 -49.77
N GLY B 126 10.30 -18.72 -49.32
CA GLY B 126 11.07 -19.93 -49.17
C GLY B 126 11.95 -20.05 -47.93
N ASP B 127 12.32 -18.92 -47.32
CA ASP B 127 13.23 -18.87 -46.17
C ASP B 127 12.64 -19.49 -44.90
N ASP B 128 13.52 -19.80 -43.94
CA ASP B 128 13.05 -20.34 -42.66
C ASP B 128 12.49 -19.33 -41.73
N ALA B 129 13.08 -18.13 -41.78
CA ALA B 129 12.56 -16.91 -41.19
C ALA B 129 12.36 -17.09 -39.70
N THR B 130 13.38 -17.65 -39.09
CA THR B 130 13.39 -17.91 -37.67
C THR B 130 13.21 -16.63 -36.83
N ALA B 131 13.73 -15.50 -37.32
CA ALA B 131 13.68 -14.27 -36.54
C ALA B 131 12.23 -13.72 -36.33
N GLY B 132 11.33 -13.98 -37.28
CA GLY B 132 9.97 -13.56 -37.13
C GLY B 132 9.18 -14.43 -36.18
N LEU B 133 9.50 -15.73 -36.14
CA LEU B 133 9.04 -16.59 -35.05
C LEU B 133 9.50 -15.98 -33.73
N THR B 134 10.75 -15.54 -33.67
CA THR B 134 11.20 -14.95 -32.42
C THR B 134 10.45 -13.65 -32.11
N HIS B 135 10.12 -12.92 -33.15
CA HIS B 135 9.40 -11.70 -32.99
C HIS B 135 8.04 -11.94 -32.33
N MET B 136 7.38 -13.01 -32.76
CA MET B 136 6.09 -13.35 -32.21
C MET B 136 6.19 -13.80 -30.79
N MET B 137 7.14 -14.68 -30.51
CA MET B 137 7.35 -15.19 -29.18
C MET B 137 7.51 -14.00 -28.24
N ILE B 138 8.41 -13.08 -28.59
CA ILE B 138 8.56 -11.94 -27.71
C ILE B 138 7.23 -11.15 -27.53
N TRP B 139 6.49 -10.89 -28.63
CA TRP B 139 5.16 -10.29 -28.53
C TRP B 139 4.31 -10.98 -27.46
N HIS B 140 4.08 -12.27 -27.60
CA HIS B 140 3.50 -13.05 -26.51
C HIS B 140 4.07 -12.77 -25.14
N SER B 141 5.39 -12.71 -25.06
CA SER B 141 6.00 -12.55 -23.79
C SER B 141 5.58 -11.20 -23.23
N ASN B 142 5.67 -10.15 -24.05
CA ASN B 142 5.41 -8.83 -23.53
C ASN B 142 3.92 -8.75 -23.18
N LEU B 143 3.08 -9.56 -23.82
CA LEU B 143 1.67 -9.48 -23.48
C LEU B 143 1.40 -10.16 -22.14
N ASN B 144 1.94 -11.39 -21.96
CA ASN B 144 1.94 -11.97 -20.63
C ASN B 144 2.62 -11.06 -19.56
N ASP B 145 3.74 -10.39 -19.86
CA ASP B 145 4.34 -9.58 -18.82
C ASP B 145 3.34 -8.50 -18.38
N ALA B 146 2.45 -8.09 -19.27
CA ALA B 146 1.56 -6.98 -18.97
C ALA B 146 0.28 -7.45 -18.28
N THR B 147 -0.07 -8.70 -18.44
CA THR B 147 -1.32 -9.30 -17.99
C THR B 147 -1.13 -9.97 -16.61
N TYR B 148 -0.20 -10.93 -16.50
CA TYR B 148 -0.08 -11.84 -15.34
C TYR B 148 1.02 -11.55 -14.31
N GLN B 149 0.63 -11.61 -13.05
CA GLN B 149 1.48 -11.62 -11.87
C GLN B 149 2.35 -12.90 -11.79
N ARG B 150 3.50 -12.82 -11.15
CA ARG B 150 4.36 -14.02 -10.98
C ARG B 150 4.76 -14.27 -9.51
N THR B 151 3.87 -13.97 -8.58
CA THR B 151 4.29 -13.96 -7.20
C THR B 151 4.47 -15.36 -6.61
N ARG B 152 3.61 -16.29 -7.01
CA ARG B 152 3.76 -17.66 -6.59
C ARG B 152 5.09 -18.23 -7.02
N ALA B 153 5.50 -17.89 -8.24
CA ALA B 153 6.70 -18.43 -8.80
C ALA B 153 7.91 -17.86 -8.06
N LEU B 154 7.89 -16.54 -7.80
CA LEU B 154 8.91 -15.96 -6.95
C LEU B 154 9.08 -16.73 -5.65
N VAL B 155 7.95 -17.12 -5.08
CA VAL B 155 8.00 -17.74 -3.79
C VAL B 155 8.45 -19.18 -3.83
N ARG B 156 8.03 -19.94 -4.85
CA ARG B 156 8.59 -21.30 -5.02
C ARG B 156 10.11 -21.27 -5.14
N THR B 157 10.66 -20.25 -5.75
CA THR B 157 12.12 -20.22 -5.84
C THR B 157 12.76 -19.39 -4.74
N GLY B 158 12.02 -18.99 -3.73
CA GLY B 158 12.64 -18.32 -2.59
C GLY B 158 12.98 -16.85 -2.76
N MET B 159 12.40 -16.23 -3.79
CA MET B 159 12.65 -14.84 -4.06
C MET B 159 11.52 -14.07 -3.43
N ASP B 160 11.76 -12.79 -3.21
CA ASP B 160 10.84 -11.87 -2.56
C ASP B 160 9.78 -11.37 -3.57
N PRO B 161 8.48 -11.39 -3.18
CA PRO B 161 7.39 -10.94 -4.06
C PRO B 161 7.70 -9.60 -4.66
N ARG B 162 8.38 -8.76 -3.88
CA ARG B 162 8.70 -7.41 -4.31
C ARG B 162 9.75 -7.40 -5.35
N MET B 163 10.32 -8.55 -5.65
CA MET B 163 11.19 -8.67 -6.84
C MET B 163 10.45 -8.70 -8.19
N CYS B 164 9.14 -8.48 -8.16
CA CYS B 164 8.27 -8.54 -9.35
C CYS B 164 8.80 -7.70 -10.52
N SER B 165 9.34 -6.52 -10.24
CA SER B 165 9.91 -5.70 -11.30
C SER B 165 11.23 -6.16 -11.93
N LEU B 166 11.64 -7.40 -11.71
CA LEU B 166 12.79 -7.91 -12.44
C LEU B 166 12.39 -9.07 -13.31
N MET B 167 11.10 -9.26 -13.52
CA MET B 167 10.64 -10.48 -14.15
C MET B 167 10.36 -10.38 -15.67
N GLN B 168 10.93 -9.37 -16.32
CA GLN B 168 10.80 -9.28 -17.76
C GLN B 168 11.05 -10.65 -18.41
N GLY B 169 10.14 -11.02 -19.29
CA GLY B 169 10.38 -12.17 -20.13
C GLY B 169 10.28 -13.43 -19.33
N SER B 170 9.71 -13.34 -18.14
CA SER B 170 9.69 -14.46 -17.23
C SER B 170 8.85 -15.63 -17.72
N THR B 171 8.04 -15.47 -18.76
CA THR B 171 7.17 -16.56 -19.19
C THR B 171 7.67 -17.09 -20.47
N LEU B 172 8.81 -16.53 -20.93
CA LEU B 172 9.52 -17.04 -22.11
C LEU B 172 9.90 -18.45 -21.90
N PRO B 173 10.11 -19.20 -22.98
CA PRO B 173 10.70 -20.53 -22.67
C PRO B 173 12.14 -20.40 -22.13
N ARG B 174 12.51 -21.39 -21.33
CA ARG B 174 13.89 -21.58 -20.86
C ARG B 174 14.87 -21.68 -22.06
N ARG B 175 14.41 -22.34 -23.13
CA ARG B 175 15.24 -22.70 -24.28
C ARG B 175 15.18 -21.73 -25.48
N SER B 176 14.66 -20.53 -25.32
CA SER B 176 14.95 -19.51 -26.31
C SER B 176 16.43 -19.27 -26.16
N GLY B 177 17.02 -18.48 -27.05
CA GLY B 177 18.37 -18.00 -26.83
C GLY B 177 18.36 -16.66 -27.49
N ALA B 178 19.52 -16.03 -27.52
CA ALA B 178 19.77 -14.80 -28.30
C ALA B 178 18.86 -13.61 -27.95
N ALA B 179 17.93 -13.32 -28.87
CA ALA B 179 17.01 -12.21 -28.69
C ALA B 179 16.00 -12.53 -27.58
N GLY B 180 15.61 -13.82 -27.49
CA GLY B 180 14.91 -14.35 -26.30
C GLY B 180 15.61 -14.01 -24.97
N ALA B 181 16.78 -14.61 -24.82
CA ALA B 181 17.75 -14.21 -23.81
C ALA B 181 17.76 -12.72 -23.53
N ALA B 182 17.68 -11.87 -24.55
CA ALA B 182 17.97 -10.46 -24.34
C ALA B 182 16.89 -9.74 -23.59
N VAL B 183 15.67 -10.26 -23.65
CA VAL B 183 14.56 -9.51 -23.05
C VAL B 183 14.27 -9.99 -21.60
N LYS B 184 15.04 -10.97 -21.15
CA LYS B 184 14.82 -11.57 -19.88
C LYS B 184 15.42 -10.68 -18.84
N GLY B 185 14.74 -10.53 -17.72
CA GLY B 185 15.27 -9.67 -16.70
C GLY B 185 16.20 -10.42 -15.74
N VAL B 186 16.90 -9.65 -14.94
CA VAL B 186 17.78 -10.17 -13.97
C VAL B 186 17.00 -11.14 -13.10
N GLY B 187 15.84 -10.70 -12.61
CA GLY B 187 14.90 -11.58 -11.90
C GLY B 187 14.65 -12.86 -12.64
N THR B 188 14.41 -12.76 -13.93
CA THR B 188 14.04 -13.94 -14.69
C THR B 188 15.22 -14.92 -14.72
N MET B 189 16.43 -14.40 -14.97
CA MET B 189 17.61 -15.22 -14.97
C MET B 189 17.84 -15.87 -13.61
N VAL B 190 17.76 -15.06 -12.55
CA VAL B 190 17.97 -15.61 -11.25
C VAL B 190 17.00 -16.71 -10.97
N MET B 191 15.76 -16.56 -11.40
CA MET B 191 14.80 -17.60 -11.06
C MET B 191 15.18 -18.90 -11.74
N GLU B 192 15.73 -18.77 -12.94
CA GLU B 192 15.93 -19.90 -13.79
C GLU B 192 17.10 -20.69 -13.24
N LEU B 193 18.14 -19.97 -12.83
CA LEU B 193 19.34 -20.59 -12.31
C LEU B 193 19.02 -21.28 -11.01
N ILE B 194 18.31 -20.59 -10.12
CA ILE B 194 17.89 -21.25 -8.90
C ILE B 194 17.16 -22.53 -9.23
N ARG B 195 16.14 -22.50 -10.07
CA ARG B 195 15.37 -23.75 -10.36
C ARG B 195 16.31 -24.87 -10.75
N MET B 196 17.42 -24.52 -11.39
CA MET B 196 18.37 -25.53 -11.80
C MET B 196 19.21 -26.04 -10.64
N ILE B 197 19.70 -25.12 -9.84
CA ILE B 197 20.42 -25.49 -8.67
C ILE B 197 19.58 -26.40 -7.80
N LYS B 198 18.35 -26.00 -7.51
CA LYS B 198 17.43 -26.81 -6.70
C LYS B 198 17.20 -28.19 -7.30
N ARG B 199 17.08 -28.28 -8.62
CA ARG B 199 16.81 -29.58 -9.26
C ARG B 199 17.95 -30.56 -9.05
N GLY B 200 19.14 -30.02 -8.83
CA GLY B 200 20.34 -30.81 -8.59
C GLY B 200 20.67 -30.98 -7.11
N ILE B 201 20.00 -30.22 -6.27
CA ILE B 201 20.32 -30.21 -4.87
C ILE B 201 19.99 -31.54 -4.25
N ASN B 202 18.94 -32.17 -4.77
CA ASN B 202 18.62 -33.55 -4.42
C ASN B 202 18.99 -34.46 -5.58
N ASP B 203 20.28 -34.85 -5.60
CA ASP B 203 21.06 -35.22 -6.81
C ASP B 203 20.27 -35.43 -8.10
N ARG B 204 19.53 -36.54 -8.21
CA ARG B 204 19.01 -37.03 -9.50
C ARG B 204 20.13 -37.64 -10.36
N ASN B 205 21.39 -37.37 -10.00
CA ASN B 205 22.59 -37.56 -10.86
C ASN B 205 22.78 -36.39 -11.85
N PHE B 206 22.57 -35.19 -11.33
CA PHE B 206 22.09 -34.08 -12.15
C PHE B 206 23.23 -33.50 -12.95
N TRP B 207 24.38 -33.38 -12.31
CA TRP B 207 25.53 -32.71 -12.91
C TRP B 207 26.42 -33.62 -13.69
N ARG B 208 26.08 -34.91 -13.65
CA ARG B 208 26.88 -35.98 -14.21
C ARG B 208 26.16 -36.75 -15.32
N GLY B 209 26.93 -37.57 -16.03
CA GLY B 209 26.48 -38.21 -17.24
C GLY B 209 26.86 -37.33 -18.41
N GLU B 210 26.58 -37.80 -19.62
CA GLU B 210 26.63 -36.95 -20.80
C GLU B 210 25.41 -36.02 -20.69
N ASN B 211 24.25 -36.65 -20.53
CA ASN B 211 23.10 -36.09 -19.81
C ASN B 211 23.39 -34.79 -19.03
N GLY B 212 24.26 -34.90 -18.01
CA GLY B 212 24.51 -33.79 -17.10
C GLY B 212 25.40 -32.70 -17.65
N ARG B 213 26.13 -33.02 -18.71
CA ARG B 213 27.04 -32.04 -19.26
C ARG B 213 26.48 -31.26 -20.44
N ARG B 214 25.39 -31.76 -21.03
CA ARG B 214 24.50 -30.90 -21.84
C ARG B 214 23.91 -29.84 -20.91
N THR B 215 23.60 -30.26 -19.69
CA THR B 215 23.06 -29.39 -18.65
C THR B 215 24.07 -28.39 -18.02
N ARG B 216 25.30 -28.79 -17.73
CA ARG B 216 26.26 -27.83 -17.19
C ARG B 216 26.50 -26.72 -18.22
N ILE B 217 26.35 -27.07 -19.48
CA ILE B 217 26.46 -26.08 -20.55
C ILE B 217 25.39 -25.04 -20.35
N ALA B 218 24.13 -25.51 -20.33
CA ALA B 218 22.98 -24.64 -20.15
C ALA B 218 23.20 -23.69 -18.96
N TYR B 219 23.73 -24.25 -17.87
CA TYR B 219 24.03 -23.49 -16.66
C TYR B 219 25.06 -22.41 -16.93
N GLU B 220 26.12 -22.76 -17.66
CA GLU B 220 27.18 -21.79 -17.95
C GLU B 220 26.62 -20.64 -18.79
N ARG B 221 25.72 -20.96 -19.72
CA ARG B 221 25.05 -19.95 -20.58
C ARG B 221 24.22 -18.96 -19.76
N MET B 222 23.37 -19.48 -18.88
CA MET B 222 22.54 -18.64 -18.05
C MET B 222 23.41 -17.72 -17.23
N CYS B 223 24.40 -18.31 -16.55
CA CYS B 223 25.30 -17.46 -15.77
C CYS B 223 25.83 -16.33 -16.61
N ASN B 224 26.18 -16.63 -17.86
CA ASN B 224 26.83 -15.59 -18.64
C ASN B 224 25.85 -14.54 -19.12
N ILE B 225 24.64 -15.00 -19.44
CA ILE B 225 23.60 -14.10 -19.83
C ILE B 225 23.35 -13.15 -18.66
N LEU B 226 23.26 -13.72 -17.46
CA LEU B 226 23.15 -12.90 -16.25
C LEU B 226 24.31 -11.94 -16.15
N LYS B 227 25.52 -12.50 -16.24
CA LYS B 227 26.71 -11.68 -16.15
C LYS B 227 26.59 -10.47 -17.02
N GLY B 228 26.00 -10.67 -18.21
CA GLY B 228 26.01 -9.66 -19.24
C GLY B 228 25.08 -8.53 -18.95
N LYS B 229 23.99 -8.87 -18.25
CA LYS B 229 22.99 -7.89 -17.90
C LYS B 229 23.50 -6.97 -16.82
N PHE B 230 24.46 -7.42 -16.02
CA PHE B 230 24.92 -6.56 -14.91
C PHE B 230 25.92 -5.51 -15.39
N GLN B 231 25.88 -4.31 -14.83
CA GLN B 231 26.72 -3.20 -15.33
C GLN B 231 27.64 -2.61 -14.28
N THR B 232 27.99 -3.41 -13.27
CA THR B 232 29.10 -3.10 -12.36
C THR B 232 30.05 -4.31 -12.21
N ALA B 233 31.34 -4.03 -12.02
CA ALA B 233 32.33 -5.12 -11.93
C ALA B 233 31.97 -6.05 -10.76
N ALA B 234 31.67 -5.41 -9.64
CA ALA B 234 31.29 -6.13 -8.46
C ALA B 234 30.18 -7.18 -8.79
N GLN B 235 29.09 -6.74 -9.41
CA GLN B 235 28.02 -7.66 -9.72
C GLN B 235 28.49 -8.82 -10.59
N ARG B 236 29.24 -8.51 -11.67
CA ARG B 236 29.70 -9.50 -12.61
C ARG B 236 30.61 -10.51 -11.96
N THR B 237 31.34 -10.06 -10.95
CA THR B 237 32.31 -10.91 -10.30
C THR B 237 31.62 -12.00 -9.52
N MET B 238 30.63 -11.63 -8.71
CA MET B 238 29.89 -12.65 -7.95
C MET B 238 29.29 -13.65 -8.90
N VAL B 239 28.86 -13.16 -10.06
CA VAL B 239 28.21 -14.05 -10.96
C VAL B 239 29.24 -15.09 -11.31
N ASP B 240 30.48 -14.66 -11.53
CA ASP B 240 31.59 -15.63 -11.77
C ASP B 240 31.70 -16.56 -10.60
N GLN B 241 31.85 -16.00 -9.38
CA GLN B 241 31.93 -16.87 -8.18
C GLN B 241 30.84 -17.93 -8.22
N VAL B 242 29.63 -17.50 -8.55
CA VAL B 242 28.52 -18.41 -8.66
C VAL B 242 28.69 -19.47 -9.75
N ARG B 243 29.15 -19.09 -10.95
CA ARG B 243 29.33 -20.11 -12.02
C ARG B 243 30.37 -21.17 -11.64
N GLU B 244 31.36 -20.72 -10.85
CA GLU B 244 32.55 -21.50 -10.51
C GLU B 244 32.21 -22.88 -9.98
N SER B 245 31.55 -22.92 -8.83
CA SER B 245 31.22 -24.20 -8.29
C SER B 245 30.55 -25.04 -9.37
N ARG B 246 31.22 -26.12 -9.75
CA ARG B 246 30.55 -27.25 -10.38
C ARG B 246 29.75 -27.82 -9.20
N ASN B 247 28.75 -28.67 -9.44
CA ASN B 247 27.79 -29.01 -8.33
C ASN B 247 27.48 -27.89 -7.26
N PRO B 248 26.57 -26.96 -7.56
CA PRO B 248 26.33 -25.89 -6.61
C PRO B 248 25.11 -26.16 -5.74
N GLY B 249 24.94 -25.35 -4.69
CA GLY B 249 23.91 -25.61 -3.67
C GLY B 249 23.57 -24.40 -2.83
N ASN B 250 22.96 -24.61 -1.66
CA ASN B 250 22.50 -23.50 -0.87
C ASN B 250 23.36 -22.23 -0.89
N ALA B 251 24.67 -22.39 -0.91
CA ALA B 251 25.57 -21.21 -0.94
C ALA B 251 25.28 -20.31 -2.15
N GLU B 252 25.31 -20.93 -3.34
CA GLU B 252 25.02 -20.28 -4.62
C GLU B 252 23.63 -19.69 -4.66
N PHE B 253 22.65 -20.52 -4.23
CA PHE B 253 21.28 -20.08 -4.04
C PHE B 253 21.26 -18.74 -3.36
N GLU B 254 22.06 -18.60 -2.32
CA GLU B 254 22.00 -17.40 -1.52
C GLU B 254 22.69 -16.22 -2.15
N ASP B 255 23.65 -16.47 -3.02
CA ASP B 255 24.38 -15.37 -3.66
C ASP B 255 23.49 -14.78 -4.75
N LEU B 256 22.83 -15.68 -5.49
CA LEU B 256 21.86 -15.29 -6.48
C LEU B 256 20.79 -14.38 -5.86
N ILE B 257 20.18 -14.80 -4.73
CA ILE B 257 19.16 -13.98 -4.06
C ILE B 257 19.77 -12.62 -3.73
N PHE B 258 20.97 -12.65 -3.20
CA PHE B 258 21.61 -11.42 -2.89
C PHE B 258 21.76 -10.57 -4.14
N LEU B 259 22.12 -11.20 -5.26
CA LEU B 259 22.33 -10.44 -6.48
C LEU B 259 21.01 -9.88 -6.98
N ALA B 260 19.97 -10.71 -6.86
CA ALA B 260 18.63 -10.29 -7.24
C ALA B 260 18.22 -9.05 -6.44
N ARG B 261 18.44 -9.09 -5.13
CA ARG B 261 18.28 -7.91 -4.32
C ARG B 261 19.05 -6.72 -4.85
N SER B 262 20.32 -6.86 -5.16
CA SER B 262 21.09 -5.66 -5.63
C SER B 262 20.50 -5.12 -6.94
N ALA B 263 19.95 -6.05 -7.73
CA ALA B 263 19.49 -5.73 -9.07
C ALA B 263 18.32 -4.76 -9.09
N LEU B 264 17.75 -4.48 -7.90
CA LEU B 264 16.67 -3.53 -7.70
C LEU B 264 17.20 -2.13 -7.54
N ILE B 265 18.49 -1.99 -7.26
CA ILE B 265 19.06 -0.66 -7.15
C ILE B 265 20.08 -0.40 -8.23
N LEU B 266 21.09 -1.25 -8.32
CA LEU B 266 21.97 -1.27 -9.49
C LEU B 266 21.32 -2.20 -10.50
N ARG B 267 20.58 -1.64 -11.47
CA ARG B 267 19.83 -2.52 -12.36
C ARG B 267 20.60 -2.97 -13.56
N GLY B 268 20.13 -4.07 -14.14
CA GLY B 268 20.79 -4.64 -15.30
C GLY B 268 20.29 -4.06 -16.62
N SER B 269 21.07 -4.20 -17.67
CA SER B 269 20.61 -3.86 -18.96
C SER B 269 19.70 -4.93 -19.52
N VAL B 270 18.46 -4.55 -19.77
CA VAL B 270 17.52 -5.50 -20.29
C VAL B 270 16.92 -4.90 -21.53
N ALA B 271 16.83 -5.69 -22.59
CA ALA B 271 16.19 -5.12 -23.78
C ALA B 271 14.64 -5.06 -23.59
N HIS B 272 14.07 -3.92 -23.92
CA HIS B 272 12.64 -3.77 -24.07
C HIS B 272 12.42 -3.66 -25.53
N LYS B 273 11.82 -4.71 -26.12
CA LYS B 273 11.59 -4.81 -27.56
C LYS B 273 10.11 -4.71 -27.91
N SER B 274 9.73 -3.72 -28.72
CA SER B 274 8.31 -3.50 -29.09
C SER B 274 7.78 -4.38 -30.23
N CYS B 275 7.04 -5.43 -29.93
CA CYS B 275 6.56 -6.33 -30.98
C CYS B 275 5.07 -6.25 -31.09
N LEU B 276 4.54 -5.84 -32.24
CA LEU B 276 3.10 -5.76 -32.42
C LEU B 276 2.55 -7.12 -32.80
N PRO B 277 1.25 -7.33 -32.58
CA PRO B 277 0.62 -8.60 -32.97
C PRO B 277 0.67 -8.75 -34.47
N ALA B 278 0.56 -10.01 -34.94
CA ALA B 278 0.75 -10.29 -36.39
C ALA B 278 -0.27 -9.55 -37.22
N CYS B 279 -1.49 -9.46 -36.68
CA CYS B 279 -2.57 -8.87 -37.42
C CYS B 279 -2.30 -7.42 -37.74
N VAL B 280 -1.47 -6.74 -36.94
CA VAL B 280 -1.17 -5.37 -37.31
C VAL B 280 -0.25 -5.41 -38.50
N TYR B 281 0.78 -6.26 -38.46
CA TYR B 281 1.72 -6.32 -39.57
C TYR B 281 0.95 -6.76 -40.84
N GLY B 282 -0.04 -7.63 -40.64
CA GLY B 282 -0.85 -8.12 -41.74
C GLY B 282 -1.52 -6.99 -42.49
N SER B 283 -2.28 -6.20 -41.77
CA SER B 283 -3.02 -5.14 -42.35
C SER B 283 -2.09 -4.14 -43.06
N ALA B 284 -0.88 -3.92 -42.53
CA ALA B 284 0.08 -3.02 -43.17
C ALA B 284 0.56 -3.58 -44.52
N VAL B 285 0.91 -4.85 -44.53
CA VAL B 285 1.33 -5.47 -45.77
C VAL B 285 0.19 -5.50 -46.78
N ALA B 286 -1.01 -5.82 -46.31
CA ALA B 286 -2.17 -5.88 -47.19
C ALA B 286 -2.39 -4.51 -47.84
N SER B 287 -2.11 -3.43 -47.12
CA SER B 287 -2.28 -2.11 -47.69
C SER B 287 -1.03 -1.68 -48.47
N GLY B 288 -0.26 -2.68 -48.89
CA GLY B 288 0.87 -2.48 -49.78
C GLY B 288 2.09 -1.76 -49.23
N TYR B 289 2.15 -1.52 -47.92
CA TYR B 289 3.43 -1.15 -47.29
C TYR B 289 4.49 -2.23 -47.58
N ASP B 290 5.73 -1.77 -47.66
CA ASP B 290 6.82 -2.60 -48.14
C ASP B 290 7.92 -2.41 -47.14
N PHE B 291 7.99 -3.32 -46.18
CA PHE B 291 8.84 -3.07 -45.04
C PHE B 291 10.30 -3.26 -45.45
N GLU B 292 10.57 -4.27 -46.29
CA GLU B 292 11.92 -4.41 -46.84
C GLU B 292 12.45 -3.15 -47.54
N ARG B 293 11.60 -2.51 -48.36
CA ARG B 293 12.06 -1.33 -49.07
C ARG B 293 12.16 -0.08 -48.15
N GLU B 294 11.09 0.22 -47.39
CA GLU B 294 11.11 1.33 -46.41
C GLU B 294 12.00 1.04 -45.22
N GLY B 295 12.18 -0.23 -44.91
CA GLY B 295 12.93 -0.65 -43.73
C GLY B 295 12.03 -0.59 -42.49
N TYR B 296 12.49 -1.21 -41.41
CA TYR B 296 11.79 -1.21 -40.16
C TYR B 296 12.76 -1.30 -39.01
N SER B 297 12.54 -0.49 -37.99
CA SER B 297 13.25 -0.66 -36.74
C SER B 297 12.27 -0.57 -35.57
N LEU B 298 12.46 -1.43 -34.57
CA LEU B 298 11.75 -1.34 -33.32
C LEU B 298 12.11 -0.13 -32.42
N VAL B 299 13.24 0.55 -32.62
CA VAL B 299 13.69 1.47 -31.55
C VAL B 299 12.98 2.79 -31.45
N GLY B 300 12.40 3.26 -32.56
CA GLY B 300 11.88 4.61 -32.62
C GLY B 300 10.49 4.66 -33.18
N ILE B 301 10.29 5.46 -34.22
CA ILE B 301 8.95 5.81 -34.66
C ILE B 301 8.14 4.67 -35.31
N ASP B 302 8.81 3.65 -35.86
CA ASP B 302 8.13 2.70 -36.77
C ASP B 302 6.93 2.05 -36.12
N PRO B 303 7.12 1.43 -34.94
CA PRO B 303 5.96 0.83 -34.27
C PRO B 303 4.89 1.85 -33.96
N PHE B 304 5.24 3.09 -33.59
CA PHE B 304 4.18 4.11 -33.39
C PHE B 304 3.44 4.40 -34.68
N ARG B 305 4.16 4.57 -35.77
CA ARG B 305 3.53 4.86 -37.03
C ARG B 305 2.54 3.75 -37.37
N LEU B 306 2.95 2.49 -37.22
CA LEU B 306 1.98 1.45 -37.44
C LEU B 306 0.77 1.55 -36.55
N LEU B 307 0.98 1.80 -35.26
CA LEU B 307 -0.18 1.74 -34.38
C LEU B 307 -1.13 2.88 -34.63
N GLN B 308 -0.58 4.05 -34.99
CA GLN B 308 -1.36 5.20 -35.46
C GLN B 308 -2.28 4.82 -36.60
N ASN B 309 -1.93 3.78 -37.32
CA ASN B 309 -2.74 3.39 -38.44
C ASN B 309 -3.40 2.07 -38.30
N SER B 310 -3.34 1.48 -37.11
CA SER B 310 -3.82 0.11 -36.92
C SER B 310 -5.34 0.14 -36.64
N GLN B 311 -6.00 -0.98 -36.91
CA GLN B 311 -7.38 -1.12 -36.63
C GLN B 311 -7.46 -2.48 -36.02
N VAL B 312 -7.41 -2.54 -34.70
CA VAL B 312 -7.51 -3.79 -33.97
C VAL B 312 -8.76 -3.85 -33.01
N TYR B 313 -9.45 -4.99 -33.01
CA TYR B 313 -10.61 -5.21 -32.15
C TYR B 313 -10.30 -6.32 -31.17
N SER B 314 -11.05 -6.36 -30.08
CA SER B 314 -10.86 -7.38 -29.08
C SER B 314 -12.19 -7.86 -28.53
N LEU B 315 -12.28 -9.17 -28.29
CA LEU B 315 -13.32 -9.68 -27.44
C LEU B 315 -13.21 -9.01 -26.08
N ILE B 316 -14.33 -8.95 -25.37
CA ILE B 316 -14.44 -8.27 -24.09
C ILE B 316 -15.57 -8.91 -23.25
N ARG B 317 -15.30 -9.12 -21.97
CA ARG B 317 -16.25 -9.75 -21.05
C ARG B 317 -17.08 -8.67 -20.44
N PRO B 318 -18.25 -9.04 -19.90
CA PRO B 318 -19.11 -8.13 -19.14
C PRO B 318 -18.32 -7.47 -17.98
N ASN B 319 -18.61 -6.20 -17.70
CA ASN B 319 -17.96 -5.37 -16.66
C ASN B 319 -16.48 -5.12 -16.83
N GLU B 320 -15.98 -5.39 -18.03
CA GLU B 320 -14.62 -4.98 -18.39
C GLU B 320 -14.66 -3.61 -19.03
N ASN B 321 -13.75 -2.75 -18.64
CA ASN B 321 -13.63 -1.46 -19.27
C ASN B 321 -12.82 -1.48 -20.59
N PRO B 322 -13.46 -1.16 -21.74
CA PRO B 322 -12.67 -1.17 -23.00
C PRO B 322 -11.37 -0.32 -22.94
N ALA B 323 -11.41 0.81 -22.26
CA ALA B 323 -10.22 1.67 -22.21
C ALA B 323 -9.08 0.95 -21.48
N HIS B 324 -9.47 -0.02 -20.65
CA HIS B 324 -8.53 -0.79 -19.88
C HIS B 324 -8.07 -1.97 -20.65
N LYS B 325 -8.96 -2.66 -21.37
CA LYS B 325 -8.49 -3.62 -22.36
C LYS B 325 -7.49 -2.93 -23.29
N SER B 326 -7.82 -1.72 -23.73
CA SER B 326 -6.89 -0.95 -24.56
C SER B 326 -5.56 -0.68 -23.89
N GLN B 327 -5.56 -0.19 -22.66
CA GLN B 327 -4.25 0.14 -22.00
C GLN B 327 -3.37 -1.10 -22.04
N LEU B 328 -3.95 -2.18 -21.57
CA LEU B 328 -3.23 -3.40 -21.50
C LEU B 328 -2.55 -3.75 -22.81
N VAL B 329 -3.23 -3.69 -23.95
CA VAL B 329 -2.62 -4.09 -25.23
C VAL B 329 -1.59 -3.03 -25.69
N TRP B 330 -1.89 -1.78 -25.44
CA TRP B 330 -0.95 -0.74 -25.74
C TRP B 330 0.32 -1.02 -25.03
N MET B 331 0.20 -1.40 -23.75
CA MET B 331 1.37 -1.63 -22.95
C MET B 331 2.23 -2.77 -23.45
N ALA B 332 1.62 -3.84 -23.96
CA ALA B 332 2.37 -4.98 -24.51
C ALA B 332 3.11 -4.61 -25.80
N CYS B 333 2.37 -4.09 -26.77
CA CYS B 333 2.96 -3.50 -27.98
C CYS B 333 4.17 -2.61 -27.65
N HIS B 334 4.09 -1.76 -26.67
CA HIS B 334 5.24 -0.92 -26.42
C HIS B 334 6.22 -1.44 -25.41
N SER B 335 6.02 -2.70 -24.99
CA SER B 335 6.84 -3.40 -24.00
C SER B 335 7.14 -2.47 -22.84
N ALA B 336 6.07 -2.00 -22.21
CA ALA B 336 6.22 -0.96 -21.20
C ALA B 336 5.77 -1.37 -19.82
N ALA B 337 5.63 -2.68 -19.56
CA ALA B 337 5.10 -3.06 -18.22
C ALA B 337 6.05 -2.72 -17.09
N PHE B 338 7.34 -2.65 -17.39
CA PHE B 338 8.40 -2.39 -16.43
C PHE B 338 8.92 -0.96 -16.49
N GLU B 339 8.24 -0.14 -17.27
CA GLU B 339 8.62 1.25 -17.43
C GLU B 339 7.74 2.11 -16.55
N ASP B 340 8.19 3.34 -16.30
CA ASP B 340 7.57 4.21 -15.33
C ASP B 340 6.24 4.71 -15.90
N LEU B 341 5.16 4.42 -15.19
CA LEU B 341 3.85 4.87 -15.63
C LEU B 341 3.78 6.40 -15.93
N ARG B 342 4.62 7.20 -15.34
CA ARG B 342 4.49 8.62 -15.57
C ARG B 342 4.88 8.94 -16.99
N VAL B 343 5.82 8.17 -17.51
CA VAL B 343 6.39 8.41 -18.83
C VAL B 343 5.45 7.77 -19.85
N SER B 344 4.96 6.58 -19.54
CA SER B 344 4.07 5.92 -20.46
C SER B 344 2.85 6.79 -20.63
N SER B 345 2.43 7.43 -19.54
CA SER B 345 1.26 8.30 -19.57
C SER B 345 1.51 9.53 -20.40
N PHE B 346 2.73 9.97 -20.40
CA PHE B 346 2.96 11.22 -20.99
C PHE B 346 2.97 10.98 -22.50
N ILE B 347 3.50 9.85 -22.92
CA ILE B 347 3.60 9.50 -24.32
C ILE B 347 2.22 9.11 -24.87
N ARG B 348 1.46 8.35 -24.10
CA ARG B 348 0.11 8.04 -24.51
C ARG B 348 -0.84 9.27 -24.51
N GLY B 349 -0.64 10.18 -23.55
CA GLY B 349 -1.57 11.34 -23.38
C GLY B 349 -2.86 11.04 -22.61
N THR B 350 -3.07 9.78 -22.25
CA THR B 350 -4.08 9.32 -21.28
C THR B 350 -3.37 8.66 -20.07
N LYS B 351 -3.71 9.01 -18.82
CA LYS B 351 -3.14 8.30 -17.61
C LYS B 351 -3.11 6.84 -17.87
N VAL B 352 -1.91 6.26 -17.77
CA VAL B 352 -1.67 4.82 -17.74
C VAL B 352 -1.59 4.33 -16.28
N VAL B 353 -2.46 3.39 -15.99
CA VAL B 353 -2.90 3.12 -14.64
C VAL B 353 -2.34 1.78 -14.14
N PRO B 354 -1.93 1.69 -12.87
CA PRO B 354 -1.36 0.45 -12.33
C PRO B 354 -2.25 -0.73 -12.61
N ARG B 355 -1.66 -1.92 -12.71
CA ARG B 355 -2.43 -3.10 -13.13
C ARG B 355 -3.61 -3.33 -12.21
N GLY B 356 -3.47 -2.92 -10.95
CA GLY B 356 -4.44 -3.18 -9.89
C GLY B 356 -5.70 -2.39 -10.13
N LYS B 357 -5.58 -1.27 -10.83
CA LYS B 357 -6.71 -0.38 -11.09
C LYS B 357 -7.39 -0.66 -12.44
N LEU B 358 -6.92 -1.66 -13.20
CA LEU B 358 -7.55 -1.99 -14.48
C LEU B 358 -8.81 -2.87 -14.36
N SER B 359 -9.95 -2.42 -14.88
CA SER B 359 -11.09 -3.30 -14.91
C SER B 359 -11.03 -4.24 -16.06
N THR B 360 -10.00 -5.09 -16.08
CA THR B 360 -9.94 -6.12 -17.13
C THR B 360 -9.18 -7.38 -16.70
N ARG B 361 -9.54 -8.51 -17.26
CA ARG B 361 -8.64 -9.62 -17.18
C ARG B 361 -7.93 -9.79 -18.52
N GLY B 362 -7.32 -10.95 -18.74
CA GLY B 362 -6.41 -11.06 -19.89
C GLY B 362 -7.13 -11.07 -21.22
N VAL B 363 -6.43 -10.67 -22.28
CA VAL B 363 -6.90 -10.77 -23.67
C VAL B 363 -7.40 -12.17 -24.11
N GLN B 364 -6.64 -13.22 -23.84
CA GLN B 364 -7.08 -14.57 -24.24
C GLN B 364 -8.37 -14.91 -23.55
N ILE B 365 -9.17 -15.77 -24.17
CA ILE B 365 -10.41 -16.23 -23.57
C ILE B 365 -10.23 -17.69 -23.22
N ALA B 366 -10.36 -18.00 -21.93
CA ALA B 366 -10.26 -19.38 -21.46
C ALA B 366 -11.37 -20.21 -22.10
N SER B 367 -11.08 -21.48 -22.33
CA SER B 367 -11.97 -22.32 -23.12
C SER B 367 -13.27 -22.66 -22.38
N ASN B 368 -13.25 -22.57 -21.06
CA ASN B 368 -14.50 -22.75 -20.31
C ASN B 368 -15.34 -21.48 -20.23
N GLU B 369 -14.82 -20.33 -20.68
CA GLU B 369 -15.67 -19.12 -20.71
C GLU B 369 -16.87 -19.26 -21.64
N ASN B 370 -18.01 -18.77 -21.18
CA ASN B 370 -19.26 -18.70 -21.93
C ASN B 370 -19.30 -17.62 -23.03
N MET B 371 -19.37 -18.03 -24.27
CA MET B 371 -19.45 -17.02 -25.35
C MET B 371 -20.74 -16.20 -25.41
N GLU B 372 -21.77 -16.62 -24.70
CA GLU B 372 -23.08 -16.00 -24.77
C GLU B 372 -23.07 -14.51 -24.49
N THR B 373 -22.24 -14.10 -23.53
CA THR B 373 -22.23 -12.74 -23.06
C THR B 373 -20.96 -12.02 -23.45
N MET B 374 -20.27 -12.58 -24.44
CA MET B 374 -19.11 -11.94 -24.98
C MET B 374 -19.47 -10.89 -26.00
N GLU B 375 -18.81 -9.74 -25.86
CA GLU B 375 -18.95 -8.70 -26.85
C GLU B 375 -17.56 -8.47 -27.39
N SER B 376 -17.46 -7.68 -28.45
CA SER B 376 -16.18 -7.20 -28.93
C SER B 376 -16.08 -5.67 -28.86
N SER B 377 -14.89 -5.10 -28.78
CA SER B 377 -14.78 -3.64 -28.85
C SER B 377 -13.49 -3.17 -29.57
N THR B 378 -13.38 -1.89 -29.84
CA THR B 378 -12.27 -1.39 -30.62
C THR B 378 -11.13 -1.09 -29.66
N LEU B 379 -9.93 -1.60 -29.94
CA LEU B 379 -8.84 -1.25 -29.06
C LEU B 379 -8.41 0.13 -29.46
N GLU B 380 -7.96 0.91 -28.51
CA GLU B 380 -7.44 2.21 -28.83
C GLU B 380 -5.92 2.24 -28.54
N LEU B 381 -5.14 2.05 -29.59
CA LEU B 381 -3.67 1.84 -29.47
C LEU B 381 -2.79 3.03 -29.91
N ARG B 382 -3.39 4.17 -30.14
CA ARG B 382 -2.64 5.39 -30.50
C ARG B 382 -1.92 5.97 -29.34
N SER B 383 -1.09 6.96 -29.62
CA SER B 383 -0.32 7.73 -28.62
C SER B 383 -0.31 9.19 -29.05
N ARG B 384 -0.33 10.09 -28.08
CA ARG B 384 -0.17 11.50 -28.30
C ARG B 384 1.18 11.81 -28.92
N TYR B 385 2.22 11.13 -28.47
CA TYR B 385 3.59 11.32 -28.98
C TYR B 385 4.20 9.98 -29.30
N TRP B 386 5.34 9.98 -29.98
CA TRP B 386 6.10 8.73 -30.19
C TRP B 386 7.40 8.93 -29.48
N ALA B 387 8.32 7.97 -29.62
CA ALA B 387 9.57 8.07 -28.86
C ALA B 387 10.67 7.12 -29.29
N ILE B 388 11.91 7.53 -28.98
CA ILE B 388 13.05 6.69 -29.27
C ILE B 388 13.53 6.12 -27.99
N ARG B 389 13.77 4.80 -27.99
CA ARG B 389 14.49 4.13 -26.90
C ARG B 389 15.97 4.59 -26.84
N THR B 390 16.45 4.91 -25.65
CA THR B 390 17.82 5.45 -25.45
C THR B 390 18.65 4.60 -24.44
N ARG B 391 19.84 4.11 -24.85
CA ARG B 391 20.91 3.51 -23.96
C ARG B 391 20.78 2.07 -23.30
N SER B 392 20.24 1.09 -24.02
CA SER B 392 20.20 -0.37 -23.59
C SER B 392 20.21 -1.39 -24.83
N GLY B 393 19.58 -2.58 -24.69
CA GLY B 393 19.65 -3.75 -25.69
C GLY B 393 20.85 -4.69 -25.54
N GLN B 405 18.56 -7.39 -31.32
CA GLN B 405 19.91 -7.06 -31.77
C GLN B 405 20.12 -5.56 -32.01
N ILE B 406 19.06 -4.83 -32.46
CA ILE B 406 19.15 -3.36 -32.81
C ILE B 406 19.56 -2.50 -31.60
N SER B 407 20.18 -1.37 -31.91
CA SER B 407 20.71 -0.47 -30.88
C SER B 407 19.60 0.36 -30.17
N ILE B 408 19.67 1.69 -30.24
CA ILE B 408 19.15 2.57 -29.18
C ILE B 408 20.11 3.80 -29.23
N GLN B 409 19.77 4.93 -28.62
CA GLN B 409 20.52 6.19 -28.87
C GLN B 409 20.68 7.10 -27.60
N PRO B 410 21.45 8.23 -27.67
CA PRO B 410 21.28 9.31 -26.63
C PRO B 410 21.25 10.81 -27.10
N THR B 411 20.09 11.48 -27.03
CA THR B 411 19.94 12.90 -27.48
C THR B 411 19.62 13.87 -26.33
N PHE B 412 18.35 14.26 -26.18
CA PHE B 412 17.80 14.50 -24.85
C PHE B 412 16.61 13.60 -24.57
N SER B 413 16.74 12.77 -23.53
CA SER B 413 15.76 11.76 -23.21
C SER B 413 15.53 11.60 -21.69
N VAL B 414 14.42 10.96 -21.36
CA VAL B 414 13.95 10.79 -20.00
C VAL B 414 14.12 9.33 -19.55
N GLN B 415 14.44 9.13 -18.26
CA GLN B 415 14.58 7.77 -17.69
C GLN B 415 13.24 7.05 -17.66
N ALA B 416 13.19 5.81 -18.16
CA ALA B 416 11.92 5.05 -18.20
C ALA B 416 11.90 3.87 -17.26
N ASN B 417 13.08 3.45 -16.79
CA ASN B 417 13.18 2.45 -15.72
C ASN B 417 12.30 2.84 -14.51
N LEU B 418 11.56 1.85 -13.99
CA LEU B 418 10.82 1.97 -12.73
C LEU B 418 11.55 2.83 -11.68
N PRO B 419 10.83 3.71 -10.94
CA PRO B 419 11.45 4.52 -9.88
C PRO B 419 11.60 3.80 -8.50
N PHE B 420 12.21 4.45 -7.51
CA PHE B 420 12.54 3.72 -6.27
C PHE B 420 11.46 3.92 -5.24
N ASP B 421 10.44 3.10 -5.26
CA ASP B 421 9.42 3.21 -4.25
C ASP B 421 9.89 2.48 -2.96
N ARG B 422 9.10 2.55 -1.88
CA ARG B 422 9.48 1.94 -0.61
C ARG B 422 9.54 0.42 -0.60
N PRO B 423 8.62 -0.22 -1.31
CA PRO B 423 8.79 -1.68 -1.16
C PRO B 423 10.10 -2.15 -1.81
N THR B 424 10.47 -1.45 -2.87
CA THR B 424 11.70 -1.71 -3.59
C THR B 424 12.90 -1.51 -2.67
N ILE B 425 12.99 -0.34 -2.05
CA ILE B 425 14.06 -0.15 -1.12
C ILE B 425 14.13 -1.18 -0.01
N MET B 426 12.98 -1.43 0.63
CA MET B 426 12.94 -2.39 1.70
C MET B 426 13.37 -3.78 1.32
N ALA B 427 13.09 -4.20 0.09
CA ALA B 427 13.47 -5.54 -0.34
C ALA B 427 14.91 -5.58 -0.76
N ALA B 428 15.38 -4.46 -1.30
CA ALA B 428 16.79 -4.27 -1.65
C ALA B 428 17.78 -4.37 -0.48
N PHE B 429 17.48 -3.67 0.63
CA PHE B 429 18.41 -3.58 1.79
C PHE B 429 17.89 -4.44 2.94
N THR B 430 18.02 -5.76 2.84
CA THR B 430 17.34 -6.61 3.81
C THR B 430 18.23 -7.67 4.45
N GLY B 431 18.21 -8.91 3.95
CA GLY B 431 18.87 -10.04 4.63
C GLY B 431 20.40 -10.00 4.73
N ASN B 432 20.95 -8.90 5.24
CA ASN B 432 22.40 -8.69 5.29
C ASN B 432 22.99 -8.87 6.66
N THR B 433 22.21 -8.52 7.68
CA THR B 433 22.45 -8.91 9.06
C THR B 433 22.80 -10.43 9.16
N GLU B 434 21.96 -11.25 8.54
CA GLU B 434 22.05 -12.71 8.64
C GLU B 434 22.85 -13.33 7.50
N GLY B 435 23.91 -14.06 7.84
CA GLY B 435 24.50 -15.07 6.94
C GLY B 435 25.84 -14.75 6.28
N ARG B 436 25.98 -15.22 5.05
CA ARG B 436 27.21 -15.08 4.25
C ARG B 436 27.72 -13.63 4.10
N THR B 437 29.03 -13.47 4.03
CA THR B 437 29.68 -12.15 4.07
C THR B 437 30.90 -12.15 3.13
N SER B 438 31.21 -11.02 2.49
CA SER B 438 32.29 -11.02 1.48
C SER B 438 32.79 -9.64 1.00
N ASP B 439 33.93 -9.65 0.35
CA ASP B 439 34.48 -8.48 -0.32
C ASP B 439 33.47 -7.95 -1.29
N MET B 440 33.02 -8.85 -2.17
CA MET B 440 32.16 -8.46 -3.27
C MET B 440 30.81 -7.93 -2.77
N ARG B 441 30.26 -8.60 -1.77
CA ARG B 441 29.04 -8.14 -1.11
C ARG B 441 29.13 -6.70 -0.56
N THR B 442 30.07 -6.44 0.36
CA THR B 442 30.15 -5.11 0.95
C THR B 442 30.40 -4.11 -0.14
N GLU B 443 31.19 -4.50 -1.12
CA GLU B 443 31.44 -3.61 -2.22
C GLU B 443 30.09 -3.27 -2.93
N ILE B 444 29.33 -4.31 -3.29
CA ILE B 444 28.02 -4.10 -3.89
C ILE B 444 27.08 -3.25 -2.97
N ILE B 445 27.00 -3.58 -1.69
CA ILE B 445 26.19 -2.74 -0.78
C ILE B 445 26.64 -1.28 -0.79
N ARG B 446 27.95 -1.06 -0.70
CA ARG B 446 28.49 0.28 -0.75
C ARG B 446 27.97 1.01 -1.97
N LEU B 447 27.95 0.31 -3.10
CA LEU B 447 27.45 0.90 -4.36
C LEU B 447 25.95 1.16 -4.33
N MET B 448 25.18 0.18 -3.86
CA MET B 448 23.76 0.35 -3.68
C MET B 448 23.47 1.54 -2.82
N GLU B 449 24.25 1.72 -1.76
CA GLU B 449 23.92 2.76 -0.79
C GLU B 449 24.04 4.16 -1.33
N SER B 450 24.90 4.36 -2.32
CA SER B 450 25.12 5.71 -2.80
C SER B 450 24.49 6.01 -4.17
N ALA B 451 23.55 5.15 -4.61
CA ALA B 451 23.25 4.97 -6.07
C ALA B 451 22.48 6.07 -6.82
N ARG B 452 23.15 7.22 -7.00
CA ARG B 452 22.93 8.11 -8.15
C ARG B 452 21.54 8.76 -8.29
N PRO B 453 21.51 10.11 -8.46
CA PRO B 453 20.35 10.86 -9.00
C PRO B 453 20.11 10.62 -10.51
N GLU B 454 21.06 9.95 -11.15
CA GLU B 454 21.01 9.53 -12.57
C GLU B 454 20.71 8.01 -12.72
N ASP B 455 21.49 7.20 -12.00
CA ASP B 455 21.32 5.74 -11.91
C ASP B 455 22.05 5.00 -13.02
N VAL B 456 22.32 3.71 -12.78
CA VAL B 456 23.02 2.77 -13.70
C VAL B 456 22.05 2.22 -14.80
N SER B 457 22.61 1.56 -15.82
CA SER B 457 21.84 0.88 -16.89
C SER B 457 20.68 1.70 -17.49
N PHE B 458 20.99 2.95 -17.88
CA PHE B 458 19.97 3.98 -18.05
C PHE B 458 18.60 3.52 -18.56
N GLN B 459 18.46 3.13 -19.82
CA GLN B 459 17.09 2.79 -20.38
C GLN B 459 15.96 3.88 -20.49
N GLY B 460 15.93 4.64 -21.58
CA GLY B 460 15.07 5.82 -21.63
C GLY B 460 14.19 5.99 -22.87
N ARG B 461 13.32 7.00 -22.82
CA ARG B 461 12.47 7.38 -23.95
C ARG B 461 12.74 8.84 -24.26
N GLY B 462 13.32 9.12 -25.43
CA GLY B 462 13.32 10.49 -25.98
C GLY B 462 12.01 10.69 -26.73
N VAL B 463 11.36 11.82 -26.50
CA VAL B 463 9.96 11.97 -26.90
C VAL B 463 9.72 13.07 -27.93
N PHE B 464 8.98 12.74 -29.00
CA PHE B 464 8.74 13.71 -30.08
C PHE B 464 7.30 13.80 -30.53
N GLU B 465 6.91 14.94 -31.14
CA GLU B 465 5.59 15.10 -31.77
C GLU B 465 5.44 14.14 -32.93
N LEU B 466 4.26 13.59 -33.11
CA LEU B 466 4.05 12.73 -34.27
C LEU B 466 4.25 13.55 -35.55
N SER B 467 4.14 14.85 -35.44
CA SER B 467 4.29 15.70 -36.58
C SER B 467 5.77 16.10 -36.81
N ASP B 468 6.69 15.37 -36.15
CA ASP B 468 8.12 15.61 -36.21
C ASP B 468 8.80 14.26 -36.36
N GLU B 469 8.47 13.59 -37.44
CA GLU B 469 9.03 12.31 -37.82
C GLU B 469 10.59 12.34 -37.83
N LYS B 470 11.18 13.44 -38.27
CA LYS B 470 12.66 13.47 -38.36
C LYS B 470 13.30 13.50 -36.99
N ALA B 471 12.53 13.80 -35.94
CA ALA B 471 13.04 13.91 -34.57
C ALA B 471 13.91 15.13 -34.34
N THR B 472 13.56 16.23 -34.96
CA THR B 472 14.28 17.48 -34.81
C THR B 472 14.09 18.12 -33.44
N SER B 473 12.88 18.07 -32.87
CA SER B 473 12.58 18.85 -31.60
C SER B 473 12.23 18.06 -30.31
N PRO B 474 13.25 17.55 -29.58
CA PRO B 474 13.02 16.89 -28.32
C PRO B 474 12.00 17.62 -27.51
N ILE B 475 11.02 16.87 -26.97
CA ILE B 475 10.07 17.39 -25.99
C ILE B 475 10.51 16.98 -24.62
N VAL B 476 10.38 17.93 -23.71
CA VAL B 476 10.90 17.78 -22.37
C VAL B 476 9.74 17.53 -21.43
N PRO B 477 9.44 16.25 -21.16
CA PRO B 477 8.23 15.85 -20.44
C PRO B 477 8.07 16.52 -19.07
N SER B 478 6.82 16.83 -18.76
CA SER B 478 6.35 17.45 -17.54
C SER B 478 5.29 16.51 -16.94
N PHE B 479 5.71 15.66 -16.01
CA PHE B 479 4.82 14.63 -15.50
C PHE B 479 3.79 15.15 -14.53
N ASP B 480 2.69 14.43 -14.41
CA ASP B 480 1.81 14.64 -13.30
C ASP B 480 2.32 13.81 -12.11
N MET B 481 2.78 14.49 -11.09
CA MET B 481 3.45 13.79 -10.00
C MET B 481 2.53 13.04 -9.06
N SER B 482 1.25 13.37 -9.10
CA SER B 482 0.27 12.69 -8.25
C SER B 482 0.01 11.28 -8.74
N ASN B 483 0.72 10.85 -9.78
CA ASN B 483 0.48 9.51 -10.31
C ASN B 483 1.47 8.45 -9.83
N GLU B 484 0.92 7.28 -9.61
CA GLU B 484 1.65 6.06 -9.40
C GLU B 484 2.67 5.77 -10.50
N GLY B 485 3.92 5.61 -10.10
CA GLY B 485 5.02 5.34 -11.01
C GLY B 485 5.15 3.85 -11.38
N SER B 486 4.47 2.94 -10.68
CA SER B 486 4.74 1.53 -10.90
C SER B 486 3.52 0.72 -11.29
N TYR B 487 3.65 0.03 -12.41
CA TYR B 487 2.61 -0.85 -12.85
C TYR B 487 2.29 -1.87 -11.76
N PHE B 488 3.26 -2.14 -10.89
CA PHE B 488 3.11 -3.27 -9.99
C PHE B 488 2.42 -2.99 -8.67
N PHE B 489 2.22 -1.70 -8.40
CA PHE B 489 1.62 -1.23 -7.17
C PHE B 489 0.16 -1.66 -7.05
N GLY B 490 -0.16 -2.36 -5.98
CA GLY B 490 -1.54 -2.83 -5.75
C GLY B 490 -1.89 -4.01 -6.64
N ASP B 491 -0.88 -4.68 -7.17
CA ASP B 491 -1.13 -5.59 -8.25
C ASP B 491 -2.12 -6.63 -7.77
N ASN B 492 -3.13 -6.96 -8.58
CA ASN B 492 -4.08 -8.03 -8.25
C ASN B 492 -4.45 -8.94 -9.45
N ALA B 493 -3.60 -8.95 -10.46
CA ALA B 493 -3.87 -9.67 -11.70
C ALA B 493 -3.76 -11.11 -11.37
N GLU B 494 -4.25 -12.00 -12.23
CA GLU B 494 -4.13 -13.44 -11.97
C GLU B 494 -2.68 -13.91 -12.06
N GLU B 495 -2.42 -15.06 -11.45
CA GLU B 495 -1.11 -15.64 -11.52
C GLU B 495 -0.98 -16.31 -12.85
N TYR B 496 0.12 -16.06 -13.53
CA TYR B 496 0.40 -16.77 -14.73
C TYR B 496 0.33 -18.26 -14.47
N ASP B 497 0.74 -18.72 -13.31
CA ASP B 497 0.72 -20.18 -13.12
C ASP B 497 -0.69 -20.79 -13.00
N ASN B 498 -1.59 -20.42 -13.91
CA ASN B 498 -3.04 -20.65 -13.79
C ASN B 498 -3.77 -20.51 -15.14
N ASN C 21 -36.63 -34.24 7.37
CA ASN C 21 -36.09 -33.86 8.72
C ASN C 21 -35.33 -32.52 8.73
N ALA C 22 -34.85 -32.10 7.56
CA ALA C 22 -34.19 -30.78 7.43
C ALA C 22 -35.18 -29.63 7.64
N THR C 23 -36.46 -29.86 7.29
CA THR C 23 -37.51 -28.88 7.59
C THR C 23 -37.98 -28.90 9.08
N GLU C 24 -37.68 -29.99 9.80
CA GLU C 24 -37.80 -29.94 11.25
C GLU C 24 -36.74 -28.97 11.82
N ILE C 25 -35.56 -28.96 11.21
CA ILE C 25 -34.56 -27.94 11.57
C ILE C 25 -35.00 -26.52 11.15
N ARG C 26 -35.44 -26.39 9.89
CA ARG C 26 -36.03 -25.14 9.39
C ARG C 26 -37.06 -24.61 10.38
N ALA C 27 -37.81 -25.52 10.97
CA ALA C 27 -38.89 -25.17 11.89
C ALA C 27 -38.27 -24.73 13.20
N SER C 28 -37.22 -25.41 13.62
CA SER C 28 -36.80 -25.15 14.97
C SER C 28 -35.95 -23.88 15.03
N VAL C 29 -35.13 -23.65 14.00
CA VAL C 29 -34.55 -22.32 13.73
C VAL C 29 -35.68 -21.27 13.56
N GLY C 30 -36.74 -21.65 12.83
CA GLY C 30 -37.85 -20.73 12.60
C GLY C 30 -38.41 -20.27 13.92
N LYS C 31 -38.55 -21.24 14.80
CA LYS C 31 -39.04 -21.04 16.16
C LYS C 31 -38.21 -20.00 16.94
N MET C 32 -36.88 -20.09 16.84
CA MET C 32 -36.10 -19.20 17.64
C MET C 32 -36.11 -17.80 17.06
N ILE C 33 -36.23 -17.71 15.73
CA ILE C 33 -36.42 -16.39 15.13
C ILE C 33 -37.69 -15.81 15.73
N ASP C 34 -38.76 -16.62 15.84
CA ASP C 34 -40.02 -16.11 16.40
C ASP C 34 -39.79 -15.44 17.73
N GLY C 35 -39.01 -16.09 18.60
CA GLY C 35 -38.89 -15.69 19.97
C GLY C 35 -38.00 -14.49 20.08
N ILE C 36 -36.99 -14.43 19.22
CA ILE C 36 -36.19 -13.22 19.23
C ILE C 36 -37.14 -12.10 18.89
N GLY C 37 -37.98 -12.35 17.90
CA GLY C 37 -38.88 -11.31 17.42
C GLY C 37 -39.86 -10.86 18.47
N ARG C 38 -40.62 -11.82 19.04
CA ARG C 38 -41.61 -11.53 20.10
C ARG C 38 -40.96 -10.70 21.20
N PHE C 39 -39.76 -11.12 21.61
CA PHE C 39 -39.10 -10.49 22.74
C PHE C 39 -38.87 -9.05 22.39
N TYR C 40 -38.38 -8.83 21.17
CA TYR C 40 -38.09 -7.48 20.77
C TYR C 40 -39.38 -6.65 20.85
N ILE C 41 -40.45 -7.15 20.24
CA ILE C 41 -41.72 -6.41 20.22
C ILE C 41 -42.12 -6.00 21.65
N GLN C 42 -42.08 -6.99 22.55
CA GLN C 42 -42.50 -6.80 23.91
C GLN C 42 -41.59 -5.79 24.57
N MET C 43 -40.31 -5.82 24.25
CA MET C 43 -39.44 -4.81 24.84
C MET C 43 -39.77 -3.41 24.35
N CYS C 44 -40.27 -3.32 23.13
CA CYS C 44 -40.52 -2.05 22.53
C CYS C 44 -41.74 -1.45 23.20
N THR C 45 -42.73 -2.30 23.43
CA THR C 45 -43.89 -1.90 24.19
C THR C 45 -43.43 -1.53 25.59
N GLU C 46 -42.57 -2.36 26.12
CA GLU C 46 -42.18 -2.22 27.47
C GLU C 46 -41.64 -0.79 27.63
N LEU C 47 -40.67 -0.45 26.79
CA LEU C 47 -39.99 0.82 26.86
C LEU C 47 -40.76 1.93 26.19
N LYS C 48 -41.91 1.59 25.60
CA LYS C 48 -42.78 2.58 24.95
C LYS C 48 -42.09 3.41 23.83
N LEU C 49 -41.31 2.74 22.98
CA LEU C 49 -40.62 3.41 21.86
C LEU C 49 -41.59 3.78 20.71
N SER C 50 -41.27 4.82 19.95
CA SER C 50 -42.01 5.01 18.69
C SER C 50 -41.69 3.90 17.69
N ASP C 51 -42.50 3.77 16.66
CA ASP C 51 -42.13 2.84 15.63
C ASP C 51 -40.70 3.10 15.10
N TYR C 52 -40.38 4.36 14.83
CA TYR C 52 -39.06 4.66 14.37
C TYR C 52 -38.02 4.20 15.39
N GLU C 53 -38.20 4.60 16.65
CA GLU C 53 -37.20 4.28 17.67
C GLU C 53 -36.99 2.75 17.81
N GLY C 54 -38.07 1.98 17.62
CA GLY C 54 -37.99 0.55 17.60
C GLY C 54 -37.10 0.06 16.46
N ARG C 55 -36.98 0.86 15.41
CA ARG C 55 -36.25 0.41 14.27
C ARG C 55 -34.89 1.02 14.26
N LEU C 56 -34.55 1.72 15.35
CA LEU C 56 -33.23 2.31 15.46
C LEU C 56 -32.26 1.23 15.96
N ILE C 57 -31.24 0.95 15.15
CA ILE C 57 -30.29 -0.12 15.48
C ILE C 57 -29.64 0.12 16.84
N GLN C 58 -29.33 1.38 17.19
CA GLN C 58 -28.69 1.59 18.49
C GLN C 58 -29.60 1.14 19.65
N ASN C 59 -30.90 1.39 19.57
CA ASN C 59 -31.84 0.78 20.51
C ASN C 59 -31.79 -0.76 20.45
N SER C 60 -31.77 -1.34 19.27
CA SER C 60 -31.81 -2.80 19.18
C SER C 60 -30.55 -3.41 19.91
N LEU C 61 -29.40 -2.80 19.65
CA LEU C 61 -28.19 -3.17 20.36
C LEU C 61 -28.38 -3.12 21.89
N THR C 62 -28.88 -2.02 22.42
CA THR C 62 -29.09 -1.97 23.84
C THR C 62 -30.00 -3.11 24.31
N ILE C 63 -31.14 -3.28 23.66
CA ILE C 63 -32.05 -4.31 24.06
C ILE C 63 -31.36 -5.68 24.03
N GLU C 64 -30.56 -5.98 23.01
CA GLU C 64 -29.99 -7.34 22.91
C GLU C 64 -28.98 -7.53 24.04
N ARG C 65 -28.18 -6.51 24.33
CA ARG C 65 -27.15 -6.59 25.35
C ARG C 65 -27.88 -7.02 26.63
N MET C 66 -29.00 -6.38 26.87
CA MET C 66 -29.66 -6.53 28.13
C MET C 66 -30.03 -7.99 28.38
N VAL C 67 -30.65 -8.68 27.41
CA VAL C 67 -30.99 -10.08 27.62
C VAL C 67 -29.73 -10.88 27.82
N LEU C 68 -28.75 -10.66 26.96
CA LEU C 68 -27.56 -11.47 27.06
C LEU C 68 -26.98 -11.32 28.47
N SER C 69 -26.97 -10.08 28.97
CA SER C 69 -26.41 -9.77 30.27
C SER C 69 -27.20 -10.58 31.26
N ALA C 70 -28.51 -10.46 31.12
CA ALA C 70 -29.47 -11.07 31.99
C ALA C 70 -29.23 -12.55 32.16
N PHE C 71 -28.94 -13.25 31.07
CA PHE C 71 -28.72 -14.67 31.18
C PHE C 71 -27.27 -15.06 31.48
N ASP C 72 -26.35 -14.10 31.33
CA ASP C 72 -24.97 -14.44 31.48
C ASP C 72 -24.68 -14.79 32.93
N GLU C 73 -25.32 -14.01 33.83
CA GLU C 73 -25.04 -14.03 35.27
C GLU C 73 -23.54 -14.04 35.49
N ARG C 74 -22.86 -13.08 34.85
CA ARG C 74 -21.40 -12.92 34.91
C ARG C 74 -20.58 -14.20 34.75
N ARG C 75 -21.04 -15.10 33.89
CA ARG C 75 -20.24 -16.26 33.48
C ARG C 75 -19.33 -15.98 32.29
N ASN C 76 -19.56 -14.87 31.58
CA ASN C 76 -18.82 -14.57 30.35
C ASN C 76 -19.00 -15.69 29.34
N LYS C 77 -20.26 -16.01 29.12
CA LYS C 77 -20.67 -17.12 28.28
C LYS C 77 -21.35 -16.48 27.04
N TYR C 78 -21.95 -15.32 27.27
CA TYR C 78 -22.75 -14.60 26.30
C TYR C 78 -22.17 -13.20 26.09
N LEU C 79 -21.36 -12.74 27.05
CA LEU C 79 -21.07 -11.35 27.27
C LEU C 79 -19.66 -11.21 27.78
N GLU C 80 -19.18 -9.98 27.89
CA GLU C 80 -18.03 -9.61 28.72
C GLU C 80 -18.36 -8.23 29.29
N GLU C 81 -18.00 -7.96 30.55
CA GLU C 81 -18.23 -6.64 31.19
C GLU C 81 -17.61 -6.60 32.61
N HIS C 82 -17.27 -5.43 33.17
CA HIS C 82 -17.22 -4.12 32.51
C HIS C 82 -16.20 -3.27 33.23
N LYS C 87 -21.53 -1.51 38.69
CA LYS C 87 -22.00 -1.13 40.01
C LYS C 87 -22.90 -2.24 40.59
N ASP C 88 -24.22 -2.13 40.40
CA ASP C 88 -25.17 -3.14 40.85
C ASP C 88 -25.27 -4.32 39.87
N PRO C 89 -24.83 -5.53 40.29
CA PRO C 89 -24.82 -6.72 39.41
C PRO C 89 -26.14 -7.48 39.30
N LYS C 90 -27.16 -7.09 40.05
CA LYS C 90 -28.49 -7.69 39.87
C LYS C 90 -29.26 -6.97 38.74
N LYS C 91 -28.68 -5.86 38.30
CA LYS C 91 -29.33 -5.01 37.31
C LYS C 91 -28.58 -4.98 35.94
N THR C 92 -29.26 -4.50 34.90
CA THR C 92 -28.65 -4.36 33.59
C THR C 92 -29.37 -3.29 32.81
N GLY C 93 -28.66 -2.64 31.91
CA GLY C 93 -29.30 -1.71 31.00
C GLY C 93 -28.31 -1.13 30.05
N GLY C 94 -28.69 -0.05 29.40
CA GLY C 94 -27.77 0.70 28.53
C GLY C 94 -28.48 1.92 28.02
N PRO C 95 -27.92 2.57 27.01
CA PRO C 95 -28.54 3.80 26.48
C PRO C 95 -29.80 3.51 25.68
N ILE C 96 -30.89 4.22 25.94
CA ILE C 96 -31.99 4.19 25.00
C ILE C 96 -32.12 5.53 24.29
N TYR C 97 -32.40 5.49 22.99
CA TYR C 97 -32.43 6.71 22.20
C TYR C 97 -33.83 7.08 21.74
N ARG C 98 -34.23 8.32 22.07
CA ARG C 98 -35.58 8.86 21.72
C ARG C 98 -35.50 10.22 21.04
N ARG C 99 -36.46 10.45 20.15
CA ARG C 99 -36.50 11.72 19.39
C ARG C 99 -37.41 12.73 20.07
N VAL C 100 -36.84 13.71 20.73
CA VAL C 100 -37.72 14.54 21.53
C VAL C 100 -37.47 15.92 21.13
N ASP C 101 -38.56 16.59 20.72
CA ASP C 101 -38.55 18.00 20.38
C ASP C 101 -37.37 18.29 19.44
N GLY C 102 -37.29 17.54 18.34
CA GLY C 102 -36.26 17.76 17.31
C GLY C 102 -34.83 17.52 17.77
N LYS C 103 -34.67 16.74 18.82
CA LYS C 103 -33.32 16.37 19.25
C LYS C 103 -33.30 14.90 19.60
N TRP C 104 -32.11 14.32 19.51
CA TRP C 104 -31.93 12.94 19.98
C TRP C 104 -31.55 12.92 21.45
N ARG C 105 -32.46 12.42 22.30
CA ARG C 105 -32.20 12.36 23.75
C ARG C 105 -31.68 10.97 24.10
N ARG C 106 -30.54 10.89 24.77
CA ARG C 106 -30.03 9.62 25.32
C ARG C 106 -30.43 9.43 26.80
N GLU C 107 -30.90 8.24 27.16
CA GLU C 107 -31.17 7.97 28.57
C GLU C 107 -30.64 6.59 28.93
N LEU C 108 -30.39 6.35 30.22
CA LEU C 108 -29.92 5.03 30.67
C LEU C 108 -31.05 4.29 31.38
N ILE C 109 -31.46 3.16 30.83
CA ILE C 109 -32.46 2.36 31.50
C ILE C 109 -31.77 1.30 32.37
N LEU C 110 -32.40 0.86 33.46
CA LEU C 110 -31.89 -0.32 34.25
C LEU C 110 -33.03 -1.20 34.58
N TYR C 111 -32.85 -2.49 34.40
CA TYR C 111 -33.92 -3.41 34.71
C TYR C 111 -33.28 -4.47 35.59
N ASP C 112 -34.05 -5.12 36.48
CA ASP C 112 -33.50 -6.28 37.19
C ASP C 112 -33.27 -7.35 36.16
N LYS C 113 -32.09 -7.95 36.21
CA LYS C 113 -31.86 -9.10 35.37
C LYS C 113 -33.04 -10.08 35.37
N GLU C 114 -33.56 -10.36 36.57
CA GLU C 114 -34.60 -11.36 36.70
C GLU C 114 -35.79 -10.97 35.81
N GLU C 115 -36.10 -9.71 35.77
CA GLU C 115 -37.25 -9.20 35.06
C GLU C 115 -37.06 -9.37 33.52
N ILE C 116 -35.82 -9.21 33.06
CA ILE C 116 -35.49 -9.41 31.67
C ILE C 116 -35.58 -10.89 31.35
N ARG C 117 -35.02 -11.72 32.22
CA ARG C 117 -35.12 -13.17 32.02
C ARG C 117 -36.59 -13.58 31.80
N ARG C 118 -37.49 -12.93 32.54
CA ARG C 118 -38.89 -13.30 32.55
C ARG C 118 -39.48 -13.02 31.17
N ILE C 119 -39.28 -11.79 30.71
CA ILE C 119 -39.88 -11.38 29.45
C ILE C 119 -39.37 -12.25 28.31
N TRP C 120 -38.07 -12.56 28.37
CA TRP C 120 -37.44 -13.40 27.42
C TRP C 120 -38.12 -14.76 27.36
N ARG C 121 -38.30 -15.37 28.55
CA ARG C 121 -38.92 -16.70 28.64
C ARG C 121 -40.35 -16.62 28.12
N GLN C 122 -41.06 -15.57 28.51
CA GLN C 122 -42.45 -15.39 28.09
C GLN C 122 -42.61 -15.39 26.59
N ALA C 123 -41.75 -14.63 25.92
CA ALA C 123 -41.75 -14.45 24.49
C ALA C 123 -41.28 -15.73 23.82
N ASN C 124 -40.61 -16.56 24.57
CA ASN C 124 -40.33 -17.87 24.00
C ASN C 124 -41.31 -18.95 24.43
N ASN C 125 -42.54 -18.52 24.77
CA ASN C 125 -43.57 -19.37 25.37
C ASN C 125 -43.00 -20.33 26.44
N GLY C 126 -42.35 -19.75 27.46
CA GLY C 126 -41.97 -20.48 28.66
C GLY C 126 -40.60 -21.09 28.59
N ASP C 127 -40.10 -21.21 27.36
CA ASP C 127 -38.82 -21.85 27.01
C ASP C 127 -37.58 -21.07 27.39
N ASP C 128 -36.43 -21.71 27.34
CA ASP C 128 -35.22 -21.03 27.73
C ASP C 128 -34.52 -20.38 26.58
N ALA C 129 -34.79 -20.93 25.39
CA ALA C 129 -34.36 -20.40 24.10
C ALA C 129 -32.91 -19.96 24.06
N THR C 130 -32.03 -20.83 24.50
CA THR C 130 -30.60 -20.58 24.50
C THR C 130 -30.11 -20.19 23.12
N ALA C 131 -30.54 -20.94 22.13
CA ALA C 131 -30.06 -20.79 20.79
C ALA C 131 -30.28 -19.32 20.34
N GLY C 132 -31.45 -18.76 20.67
CA GLY C 132 -31.72 -17.37 20.37
C GLY C 132 -30.73 -16.41 20.98
N LEU C 133 -30.25 -16.77 22.16
CA LEU C 133 -29.30 -15.89 22.83
C LEU C 133 -28.03 -16.03 22.07
N THR C 134 -27.73 -17.23 21.65
CA THR C 134 -26.49 -17.49 21.01
C THR C 134 -26.44 -16.70 19.72
N HIS C 135 -27.56 -16.75 19.03
CA HIS C 135 -27.80 -16.08 17.78
C HIS C 135 -27.58 -14.59 17.87
N MET C 136 -28.07 -13.94 18.91
CA MET C 136 -27.75 -12.53 19.06
C MET C 136 -26.29 -12.32 19.34
N MET C 137 -25.71 -13.23 20.10
CA MET C 137 -24.32 -13.08 20.48
C MET C 137 -23.42 -12.97 19.23
N ILE C 138 -23.65 -13.90 18.31
CA ILE C 138 -22.95 -14.01 17.08
C ILE C 138 -23.18 -12.78 16.22
N TRP C 139 -24.39 -12.23 16.29
CA TRP C 139 -24.63 -10.98 15.57
C TRP C 139 -23.75 -9.86 16.13
N HIS C 140 -23.65 -9.73 17.44
CA HIS C 140 -22.67 -8.79 17.95
C HIS C 140 -21.27 -9.10 17.51
N SER C 141 -20.93 -10.39 17.46
CA SER C 141 -19.56 -10.73 17.17
C SER C 141 -19.24 -10.27 15.74
N ASN C 142 -20.16 -10.58 14.84
CA ASN C 142 -20.07 -10.19 13.47
C ASN C 142 -20.02 -8.66 13.26
N LEU C 143 -20.74 -7.90 14.08
CA LEU C 143 -20.70 -6.46 13.98
C LEU C 143 -19.34 -5.94 14.33
N ASN C 144 -18.78 -6.48 15.42
CA ASN C 144 -17.44 -6.12 15.89
C ASN C 144 -16.36 -6.50 14.92
N ASP C 145 -16.51 -7.68 14.32
CA ASP C 145 -15.58 -8.07 13.29
C ASP C 145 -15.60 -7.05 12.19
N ALA C 146 -16.77 -6.56 11.80
CA ALA C 146 -16.83 -5.66 10.68
C ALA C 146 -16.37 -4.25 11.10
N THR C 147 -16.40 -3.98 12.38
CA THR C 147 -16.17 -2.62 12.83
C THR C 147 -14.76 -2.34 13.31
N TYR C 148 -14.21 -3.28 14.11
CA TYR C 148 -12.97 -3.04 14.86
C TYR C 148 -11.76 -3.82 14.42
N GLN C 149 -10.63 -3.20 14.59
CA GLN C 149 -9.35 -3.76 14.27
C GLN C 149 -8.81 -4.51 15.51
N ARG C 150 -8.00 -5.54 15.29
CA ARG C 150 -7.46 -6.33 16.38
C ARG C 150 -5.93 -6.41 16.39
N THR C 151 -5.29 -5.40 15.81
CA THR C 151 -3.83 -5.48 15.61
C THR C 151 -3.02 -5.44 16.90
N ARG C 152 -3.32 -4.52 17.81
CA ARG C 152 -2.65 -4.49 19.12
C ARG C 152 -2.73 -5.81 19.92
N ALA C 153 -3.82 -6.54 19.74
CA ALA C 153 -3.94 -7.85 20.37
C ALA C 153 -3.08 -8.86 19.63
N LEU C 154 -3.01 -8.76 18.30
CA LEU C 154 -2.19 -9.64 17.57
C LEU C 154 -0.72 -9.39 17.97
N VAL C 155 -0.41 -8.12 18.14
CA VAL C 155 0.91 -7.72 18.56
C VAL C 155 1.27 -8.27 19.96
N ARG C 156 0.37 -8.07 20.93
CA ARG C 156 0.56 -8.56 22.30
C ARG C 156 0.90 -10.06 22.30
N THR C 157 0.35 -10.83 21.37
CA THR C 157 0.51 -12.26 21.45
C THR C 157 1.52 -12.75 20.42
N GLY C 158 2.35 -11.83 19.92
CA GLY C 158 3.44 -12.18 18.99
C GLY C 158 3.00 -12.58 17.57
N MET C 159 1.76 -12.31 17.25
CA MET C 159 1.23 -12.57 15.92
C MET C 159 1.48 -11.43 14.91
N ASP C 160 1.47 -11.79 13.66
CA ASP C 160 1.66 -10.81 12.62
C ASP C 160 0.34 -10.01 12.39
N PRO C 161 0.45 -8.68 12.42
CA PRO C 161 -0.72 -7.83 12.19
C PRO C 161 -1.40 -8.17 10.89
N ARG C 162 -0.64 -8.76 9.97
CA ARG C 162 -1.24 -9.10 8.68
C ARG C 162 -2.06 -10.36 8.78
N MET C 163 -2.36 -10.80 10.00
CA MET C 163 -3.09 -12.04 10.24
C MET C 163 -4.50 -11.68 10.58
N CYS C 164 -4.75 -10.37 10.59
CA CYS C 164 -6.10 -9.84 10.77
C CYS C 164 -7.15 -10.62 9.99
N SER C 165 -6.88 -11.10 8.79
CA SER C 165 -7.98 -11.81 8.10
C SER C 165 -8.30 -13.19 8.63
N LEU C 166 -7.75 -13.50 9.78
CA LEU C 166 -7.90 -14.79 10.39
C LEU C 166 -8.67 -14.70 11.74
N MET C 167 -9.28 -13.54 12.01
CA MET C 167 -9.76 -13.26 13.38
C MET C 167 -11.27 -13.31 13.53
N GLN C 168 -11.90 -14.14 12.71
CA GLN C 168 -13.30 -14.35 12.86
C GLN C 168 -13.64 -14.64 14.30
N GLY C 169 -14.50 -13.82 14.88
CA GLY C 169 -15.06 -14.12 16.22
C GLY C 169 -14.11 -13.73 17.35
N SER C 170 -13.13 -12.92 17.02
CA SER C 170 -12.14 -12.65 17.99
C SER C 170 -12.68 -11.90 19.18
N THR C 171 -13.91 -11.44 19.15
CA THR C 171 -14.44 -10.68 20.31
C THR C 171 -15.49 -11.44 21.07
N LEU C 172 -15.75 -12.66 20.61
CA LEU C 172 -16.64 -13.58 21.27
C LEU C 172 -16.16 -13.81 22.69
N PRO C 173 -17.04 -14.27 23.58
CA PRO C 173 -16.28 -14.58 24.82
C PRO C 173 -15.46 -15.87 24.73
N ARG C 174 -14.67 -16.10 25.77
CA ARG C 174 -13.84 -17.29 25.88
C ARG C 174 -14.71 -18.52 26.17
N ARG C 175 -15.62 -18.36 27.15
CA ARG C 175 -16.50 -19.45 27.60
C ARG C 175 -17.80 -19.54 26.80
N SER C 176 -17.72 -19.33 25.49
CA SER C 176 -18.86 -19.59 24.62
C SER C 176 -18.69 -21.02 24.14
N GLY C 177 -19.73 -21.63 23.61
CA GLY C 177 -19.56 -23.01 23.18
C GLY C 177 -20.23 -23.27 21.87
N ALA C 178 -19.67 -24.25 21.17
CA ALA C 178 -20.33 -24.90 20.01
C ALA C 178 -20.60 -23.93 18.86
N ALA C 179 -21.77 -23.29 18.90
CA ALA C 179 -22.10 -22.33 17.87
C ALA C 179 -21.11 -21.16 17.94
N GLY C 180 -20.68 -20.78 19.16
CA GLY C 180 -19.54 -19.88 19.40
C GLY C 180 -18.23 -20.32 18.72
N ALA C 181 -17.73 -21.46 19.14
CA ALA C 181 -16.55 -22.06 18.54
C ALA C 181 -16.63 -22.18 17.01
N ALA C 182 -17.80 -22.50 16.47
CA ALA C 182 -17.88 -22.76 15.01
C ALA C 182 -17.47 -21.54 14.21
N VAL C 183 -17.53 -20.40 14.86
CA VAL C 183 -17.59 -19.15 14.15
C VAL C 183 -16.23 -18.43 14.29
N LYS C 184 -15.37 -19.04 15.11
CA LYS C 184 -14.07 -18.50 15.43
C LYS C 184 -13.08 -18.84 14.34
N GLY C 185 -12.23 -17.89 13.99
CA GLY C 185 -11.23 -18.18 12.98
C GLY C 185 -10.02 -18.89 13.56
N VAL C 186 -9.18 -19.42 12.69
CA VAL C 186 -7.88 -19.96 13.09
C VAL C 186 -7.03 -18.95 13.89
N GLY C 187 -6.98 -17.72 13.44
CA GLY C 187 -6.22 -16.76 14.18
C GLY C 187 -6.78 -16.56 15.57
N THR C 188 -8.11 -16.50 15.66
CA THR C 188 -8.71 -16.32 16.96
C THR C 188 -8.31 -17.46 17.93
N MET C 189 -8.28 -18.70 17.44
CA MET C 189 -7.91 -19.88 18.25
C MET C 189 -6.46 -19.86 18.67
N VAL C 190 -5.58 -19.63 17.71
CA VAL C 190 -4.19 -19.47 18.00
C VAL C 190 -4.00 -18.42 19.06
N MET C 191 -4.80 -17.35 19.04
CA MET C 191 -4.55 -16.27 19.99
C MET C 191 -4.88 -16.72 21.39
N GLU C 192 -6.00 -17.40 21.53
CA GLU C 192 -6.45 -17.86 22.81
C GLU C 192 -5.40 -18.85 23.33
N LEU C 193 -4.98 -19.77 22.48
CA LEU C 193 -3.96 -20.71 22.86
C LEU C 193 -2.70 -19.97 23.31
N ILE C 194 -2.18 -19.08 22.47
CA ILE C 194 -0.95 -18.40 22.83
C ILE C 194 -1.06 -17.71 24.19
N ARG C 195 -2.17 -17.02 24.43
CA ARG C 195 -2.44 -16.38 25.73
C ARG C 195 -2.29 -17.33 26.89
N MET C 196 -2.93 -18.51 26.80
CA MET C 196 -2.81 -19.51 27.84
C MET C 196 -1.35 -19.85 28.02
N ILE C 197 -0.72 -20.32 26.96
CA ILE C 197 0.67 -20.77 27.03
C ILE C 197 1.56 -19.75 27.73
N LYS C 198 1.50 -18.52 27.26
CA LYS C 198 2.20 -17.37 27.81
C LYS C 198 1.91 -17.14 29.30
N ARG C 199 0.68 -17.44 29.75
CA ARG C 199 0.32 -17.35 31.18
C ARG C 199 0.99 -18.48 31.94
N GLY C 200 1.14 -19.62 31.28
CA GLY C 200 1.84 -20.75 31.87
C GLY C 200 3.32 -20.49 31.94
N ILE C 201 3.84 -19.68 31.03
CA ILE C 201 5.25 -19.37 31.02
C ILE C 201 5.57 -18.41 32.15
N ASN C 202 4.52 -17.79 32.71
CA ASN C 202 4.68 -16.91 33.88
C ASN C 202 3.99 -17.48 35.12
N ASP C 203 4.74 -18.19 35.93
CA ASP C 203 4.20 -18.91 37.08
C ASP C 203 4.02 -20.36 36.67
N ARG C 204 4.97 -21.19 37.08
CA ARG C 204 4.91 -22.62 36.85
C ARG C 204 3.57 -23.20 37.30
N ASN C 205 3.08 -22.73 38.45
CA ASN C 205 1.94 -23.36 39.15
C ASN C 205 0.61 -23.28 38.39
N PHE C 206 0.69 -22.69 37.20
CA PHE C 206 -0.45 -22.50 36.31
C PHE C 206 -0.97 -23.84 35.75
N TRP C 207 -0.08 -24.81 35.63
CA TRP C 207 -0.46 -26.13 35.14
C TRP C 207 -0.59 -27.12 36.24
N ARG C 208 -0.06 -26.71 37.41
CA ARG C 208 0.00 -27.52 38.62
C ARG C 208 -1.24 -27.31 39.48
N GLY C 209 -1.93 -28.42 39.73
CA GLY C 209 -2.88 -28.48 40.79
C GLY C 209 -4.28 -28.78 40.33
N GLU C 210 -5.22 -28.18 41.06
CA GLU C 210 -6.61 -28.31 40.71
C GLU C 210 -6.87 -27.39 39.53
N ASN C 211 -6.65 -26.09 39.73
CA ASN C 211 -6.62 -25.14 38.63
C ASN C 211 -5.95 -25.69 37.37
N GLY C 212 -4.76 -26.26 37.55
CA GLY C 212 -4.02 -26.89 36.49
C GLY C 212 -4.84 -27.94 35.74
N ARG C 213 -5.55 -28.78 36.46
CA ARG C 213 -6.22 -29.88 35.80
C ARG C 213 -7.43 -29.40 34.95
N ARG C 214 -8.05 -28.31 35.41
CA ARG C 214 -9.09 -27.60 34.63
C ARG C 214 -8.45 -26.99 33.39
N THR C 215 -7.45 -26.16 33.63
CA THR C 215 -6.80 -25.42 32.57
C THR C 215 -6.27 -26.35 31.49
N ARG C 216 -5.69 -27.47 31.88
CA ARG C 216 -5.21 -28.45 30.89
C ARG C 216 -6.34 -28.93 30.00
N ILE C 217 -7.49 -29.15 30.59
CA ILE C 217 -8.60 -29.77 29.91
C ILE C 217 -9.16 -28.76 28.87
N ALA C 218 -9.15 -27.49 29.28
CA ALA C 218 -9.56 -26.34 28.48
C ALA C 218 -8.64 -26.25 27.28
N TYR C 219 -7.34 -26.22 27.58
CA TYR C 219 -6.27 -26.19 26.62
C TYR C 219 -6.44 -27.29 25.62
N GLU C 220 -6.85 -28.45 26.09
CA GLU C 220 -6.94 -29.54 25.17
C GLU C 220 -8.18 -29.41 24.31
N ARG C 221 -9.25 -28.85 24.85
CA ARG C 221 -10.44 -28.65 24.03
C ARG C 221 -10.18 -27.62 22.92
N MET C 222 -9.51 -26.53 23.27
CA MET C 222 -9.18 -25.51 22.32
C MET C 222 -8.34 -26.04 21.16
N CYS C 223 -7.34 -26.85 21.47
CA CYS C 223 -6.50 -27.48 20.44
C CYS C 223 -7.33 -28.28 19.51
N ASN C 224 -8.36 -28.90 20.06
CA ASN C 224 -9.17 -29.79 19.28
C ASN C 224 -10.12 -28.98 18.44
N ILE C 225 -10.58 -27.87 18.99
CA ILE C 225 -11.37 -26.95 18.18
C ILE C 225 -10.51 -26.50 16.99
N LEU C 226 -9.26 -26.10 17.29
CA LEU C 226 -8.35 -25.63 16.30
C LEU C 226 -8.20 -26.67 15.27
N LYS C 227 -7.85 -27.89 15.68
CA LYS C 227 -7.53 -29.02 14.75
C LYS C 227 -8.67 -29.24 13.73
N GLY C 228 -9.90 -29.25 14.24
CA GLY C 228 -11.11 -29.40 13.45
C GLY C 228 -11.28 -28.41 12.32
N LYS C 229 -10.85 -27.15 12.56
CA LYS C 229 -10.77 -26.13 11.55
C LYS C 229 -9.81 -26.53 10.42
N PHE C 230 -8.70 -27.17 10.72
CA PHE C 230 -7.75 -27.40 9.62
C PHE C 230 -8.22 -28.49 8.71
N GLN C 231 -7.81 -28.43 7.44
CA GLN C 231 -8.30 -29.40 6.43
C GLN C 231 -7.18 -30.15 5.69
N THR C 232 -5.98 -30.15 6.25
CA THR C 232 -4.92 -30.97 5.74
C THR C 232 -4.42 -31.83 6.91
N ALA C 233 -4.13 -33.09 6.60
CA ALA C 233 -3.60 -33.98 7.62
C ALA C 233 -2.37 -33.43 8.33
N ALA C 234 -1.50 -32.75 7.60
CA ALA C 234 -0.29 -32.22 8.21
C ALA C 234 -0.60 -31.17 9.26
N GLN C 235 -1.53 -30.27 8.95
CA GLN C 235 -1.77 -29.19 9.89
C GLN C 235 -2.34 -29.80 11.16
N ARG C 236 -3.32 -30.69 10.99
CA ARG C 236 -3.93 -31.39 12.10
C ARG C 236 -2.87 -32.11 12.96
N THR C 237 -1.96 -32.83 12.31
CA THR C 237 -0.87 -33.51 13.00
C THR C 237 -0.05 -32.51 13.81
N MET C 238 0.23 -31.35 13.21
CA MET C 238 1.05 -30.40 13.91
C MET C 238 0.32 -29.88 15.15
N VAL C 239 -1.01 -29.79 15.04
CA VAL C 239 -1.85 -29.36 16.16
C VAL C 239 -1.78 -30.42 17.26
N ASP C 240 -1.84 -31.69 16.88
CA ASP C 240 -1.63 -32.79 17.82
C ASP C 240 -0.35 -32.65 18.63
N GLN C 241 0.80 -32.54 17.96
CA GLN C 241 2.05 -32.33 18.69
C GLN C 241 1.87 -31.26 19.73
N VAL C 242 1.11 -30.21 19.42
CA VAL C 242 0.95 -29.10 20.39
C VAL C 242 -0.03 -29.44 21.50
N ARG C 243 -0.99 -30.31 21.21
CA ARG C 243 -1.86 -30.75 22.27
C ARG C 243 -1.11 -31.63 23.29
N GLU C 244 -0.30 -32.56 22.79
CA GLU C 244 0.33 -33.60 23.63
C GLU C 244 1.39 -32.99 24.53
N SER C 245 2.14 -32.03 24.03
CA SER C 245 3.16 -31.40 24.84
C SER C 245 2.74 -31.32 26.32
N ARG C 246 3.63 -31.80 27.22
CA ARG C 246 3.43 -31.83 28.68
C ARG C 246 3.55 -30.48 29.43
N ASN C 247 4.42 -29.60 28.93
CA ASN C 247 4.76 -28.36 29.63
C ASN C 247 4.85 -27.29 28.60
N PRO C 248 3.70 -26.85 28.07
CA PRO C 248 3.66 -25.93 26.92
C PRO C 248 4.45 -24.64 27.16
N GLY C 249 5.34 -24.33 26.23
CA GLY C 249 6.13 -23.10 26.32
C GLY C 249 6.57 -22.74 24.94
N ASN C 250 7.67 -21.99 24.86
CA ASN C 250 8.10 -21.40 23.61
C ASN C 250 7.98 -22.26 22.33
N ALA C 251 8.16 -23.57 22.48
CA ALA C 251 8.09 -24.45 21.34
C ALA C 251 6.69 -24.39 20.73
N GLU C 252 5.68 -24.48 21.59
CA GLU C 252 4.29 -24.54 21.15
C GLU C 252 3.90 -23.18 20.60
N PHE C 253 4.36 -22.14 21.27
CA PHE C 253 4.20 -20.82 20.77
C PHE C 253 4.68 -20.76 19.31
N GLU C 254 5.95 -21.04 19.08
CA GLU C 254 6.44 -21.08 17.71
C GLU C 254 5.67 -22.05 16.78
N ASP C 255 5.13 -23.12 17.30
CA ASP C 255 4.45 -24.03 16.40
C ASP C 255 3.09 -23.43 16.02
N LEU C 256 2.55 -22.59 16.90
CA LEU C 256 1.21 -22.05 16.65
C LEU C 256 1.30 -20.93 15.66
N ILE C 257 2.26 -20.01 15.91
CA ILE C 257 2.59 -19.00 14.96
C ILE C 257 2.70 -19.66 13.60
N PHE C 258 3.61 -20.62 13.50
CA PHE C 258 3.85 -21.22 12.20
C PHE C 258 2.52 -21.69 11.62
N LEU C 259 1.62 -22.17 12.45
CA LEU C 259 0.33 -22.63 11.91
C LEU C 259 -0.57 -21.47 11.48
N ALA C 260 -0.58 -20.38 12.26
CA ALA C 260 -1.26 -19.15 11.84
C ALA C 260 -0.86 -18.85 10.37
N ARG C 261 0.43 -18.74 10.13
CA ARG C 261 0.89 -18.58 8.78
C ARG C 261 0.24 -19.54 7.79
N SER C 262 0.38 -20.82 8.01
CA SER C 262 -0.12 -21.75 7.02
C SER C 262 -1.57 -21.46 6.71
N ALA C 263 -2.29 -20.93 7.69
CA ALA C 263 -3.75 -20.74 7.56
C ALA C 263 -4.12 -19.54 6.63
N LEU C 264 -3.13 -18.69 6.38
CA LEU C 264 -3.27 -17.62 5.41
C LEU C 264 -3.28 -18.18 4.00
N ILE C 265 -2.68 -19.35 3.83
CA ILE C 265 -2.63 -19.99 2.52
C ILE C 265 -3.45 -21.26 2.49
N LEU C 266 -3.19 -22.17 3.41
CA LEU C 266 -4.04 -23.37 3.59
C LEU C 266 -5.15 -23.09 4.60
N ARG C 267 -6.23 -22.49 4.09
CA ARG C 267 -7.15 -21.80 4.99
C ARG C 267 -7.91 -22.80 5.80
N GLY C 268 -8.21 -22.43 7.04
CA GLY C 268 -9.11 -23.23 7.85
C GLY C 268 -10.56 -23.18 7.36
N SER C 269 -11.42 -23.88 8.07
CA SER C 269 -12.77 -24.05 7.70
C SER C 269 -13.57 -23.46 8.83
N VAL C 270 -14.28 -22.37 8.54
CA VAL C 270 -14.85 -21.52 9.57
C VAL C 270 -16.25 -21.17 9.17
N ALA C 271 -17.20 -21.27 10.07
CA ALA C 271 -18.56 -20.95 9.73
C ALA C 271 -18.71 -19.44 9.71
N HIS C 272 -19.49 -18.96 8.76
CA HIS C 272 -19.90 -17.58 8.72
C HIS C 272 -21.38 -17.68 8.76
N LYS C 273 -21.96 -17.14 9.84
CA LYS C 273 -23.37 -17.27 10.12
C LYS C 273 -24.04 -15.90 10.01
N SER C 274 -25.03 -15.74 9.15
CA SER C 274 -25.69 -14.45 8.99
C SER C 274 -26.81 -14.23 9.97
N CYS C 275 -26.57 -13.36 10.94
CA CYS C 275 -27.55 -13.08 11.99
C CYS C 275 -27.89 -11.61 12.01
N LEU C 276 -29.18 -11.33 12.10
CA LEU C 276 -29.64 -9.98 11.92
C LEU C 276 -29.94 -9.44 13.29
N PRO C 277 -29.91 -8.11 13.45
CA PRO C 277 -30.34 -7.46 14.69
C PRO C 277 -31.78 -7.80 15.00
N ALA C 278 -32.11 -7.77 16.29
CA ALA C 278 -33.40 -8.30 16.79
C ALA C 278 -34.54 -7.45 16.22
N CYS C 279 -34.28 -6.13 16.18
CA CYS C 279 -35.25 -5.26 15.56
C CYS C 279 -35.69 -5.72 14.15
N VAL C 280 -34.82 -6.25 13.34
CA VAL C 280 -35.34 -6.79 12.07
C VAL C 280 -36.26 -7.99 12.28
N TYR C 281 -35.91 -8.88 13.21
CA TYR C 281 -36.73 -10.06 13.44
C TYR C 281 -38.07 -9.64 14.04
N GLY C 282 -38.05 -8.59 14.85
CA GLY C 282 -39.25 -8.10 15.50
C GLY C 282 -40.25 -7.60 14.48
N SER C 283 -39.77 -6.68 13.66
CA SER C 283 -40.55 -6.11 12.58
C SER C 283 -41.25 -7.22 11.78
N ALA C 284 -40.47 -8.20 11.36
CA ALA C 284 -41.03 -9.28 10.60
C ALA C 284 -42.16 -9.97 11.36
N VAL C 285 -41.98 -10.12 12.66
CA VAL C 285 -42.92 -10.90 13.41
C VAL C 285 -44.15 -10.04 13.62
N ALA C 286 -43.93 -8.75 13.84
CA ALA C 286 -45.04 -7.84 14.09
C ALA C 286 -45.93 -7.81 12.85
N SER C 287 -45.31 -7.94 11.69
CA SER C 287 -46.10 -7.99 10.48
C SER C 287 -46.56 -9.44 10.38
N GLY C 288 -46.78 -9.95 9.18
CA GLY C 288 -47.44 -11.26 9.09
C GLY C 288 -46.74 -12.46 9.78
N TYR C 289 -45.42 -12.48 9.75
CA TYR C 289 -44.68 -13.70 9.42
C TYR C 289 -44.66 -14.77 10.53
N ASP C 290 -45.01 -16.00 10.18
CA ASP C 290 -44.90 -17.10 11.11
C ASP C 290 -43.67 -17.89 10.74
N PHE C 291 -42.60 -17.65 11.50
CA PHE C 291 -41.31 -18.24 11.19
C PHE C 291 -41.28 -19.73 11.44
N GLU C 292 -41.96 -20.21 12.47
CA GLU C 292 -42.14 -21.65 12.64
C GLU C 292 -42.95 -22.32 11.49
N ARG C 293 -43.94 -21.62 10.91
CA ARG C 293 -44.67 -22.10 9.72
C ARG C 293 -43.78 -22.20 8.48
N GLU C 294 -43.34 -21.05 7.96
CA GLU C 294 -42.42 -21.00 6.82
C GLU C 294 -41.09 -21.75 7.01
N GLY C 295 -40.63 -21.83 8.24
CA GLY C 295 -39.29 -22.30 8.52
C GLY C 295 -38.32 -21.16 8.26
N TYR C 296 -37.06 -21.38 8.63
CA TYR C 296 -36.02 -20.42 8.40
C TYR C 296 -34.64 -21.08 8.40
N SER C 297 -33.77 -20.53 7.55
CA SER C 297 -32.38 -20.95 7.43
C SER C 297 -31.46 -19.76 7.20
N LEU C 298 -30.29 -19.76 7.83
CA LEU C 298 -29.27 -18.70 7.65
C LEU C 298 -28.48 -18.91 6.41
N VAL C 299 -28.79 -19.94 5.65
CA VAL C 299 -27.85 -20.40 4.65
C VAL C 299 -28.11 -19.86 3.25
N GLY C 300 -29.37 -19.59 2.91
CA GLY C 300 -29.68 -19.18 1.57
C GLY C 300 -30.40 -17.85 1.58
N ILE C 301 -31.59 -17.84 1.01
CA ILE C 301 -32.35 -16.61 0.80
C ILE C 301 -32.99 -15.95 2.02
N ASP C 302 -33.35 -16.72 3.06
CA ASP C 302 -34.17 -16.15 4.13
C ASP C 302 -33.69 -14.79 4.65
N PRO C 303 -32.42 -14.67 5.07
CA PRO C 303 -31.96 -13.37 5.55
C PRO C 303 -32.04 -12.31 4.47
N PHE C 304 -31.73 -12.69 3.24
CA PHE C 304 -31.86 -11.77 2.14
C PHE C 304 -33.28 -11.21 2.06
N ARG C 305 -34.25 -12.14 1.99
CA ARG C 305 -35.67 -11.77 2.00
C ARG C 305 -36.04 -10.84 3.21
N LEU C 306 -35.57 -11.14 4.41
CA LEU C 306 -35.93 -10.29 5.51
C LEU C 306 -35.35 -8.91 5.31
N LEU C 307 -34.08 -8.86 4.88
CA LEU C 307 -33.43 -7.58 4.64
C LEU C 307 -34.07 -6.75 3.53
N GLN C 308 -34.60 -7.41 2.48
CA GLN C 308 -35.30 -6.69 1.40
C GLN C 308 -36.52 -5.97 1.91
N ASN C 309 -37.09 -6.48 2.98
CA ASN C 309 -38.35 -5.98 3.40
C ASN C 309 -38.24 -5.20 4.68
N SER C 310 -37.02 -4.99 5.12
CA SER C 310 -36.73 -4.34 6.39
C SER C 310 -36.69 -2.82 6.29
N GLN C 311 -36.77 -2.18 7.43
CA GLN C 311 -36.70 -0.76 7.50
C GLN C 311 -35.99 -0.54 8.80
N VAL C 312 -34.70 -0.22 8.72
CA VAL C 312 -33.90 0.06 9.88
C VAL C 312 -33.29 1.43 9.78
N TYR C 313 -33.15 2.08 10.93
CA TYR C 313 -32.56 3.40 11.04
C TYR C 313 -31.33 3.29 11.92
N SER C 314 -30.41 4.25 11.81
CA SER C 314 -29.30 4.37 12.74
C SER C 314 -28.90 5.80 13.05
N LEU C 315 -28.37 6.05 14.24
CA LEU C 315 -27.77 7.32 14.52
C LEU C 315 -26.56 7.49 13.66
N ILE C 316 -26.29 8.71 13.26
CA ILE C 316 -25.15 8.98 12.42
C ILE C 316 -24.46 10.27 12.89
N ARG C 317 -23.15 10.24 12.94
CA ARG C 317 -22.37 11.31 13.51
C ARG C 317 -22.09 12.38 12.44
N PRO C 318 -21.89 13.62 12.86
CA PRO C 318 -21.58 14.57 11.82
C PRO C 318 -20.39 14.07 10.99
N ASN C 319 -20.42 14.38 9.69
CA ASN C 319 -19.36 14.05 8.75
C ASN C 319 -19.25 12.61 8.40
N GLU C 320 -20.26 11.80 8.75
CA GLU C 320 -20.26 10.38 8.37
C GLU C 320 -21.17 10.14 7.16
N ASN C 321 -20.79 9.20 6.30
CA ASN C 321 -21.52 8.90 5.09
C ASN C 321 -22.56 7.80 5.31
N PRO C 322 -23.82 8.18 5.21
CA PRO C 322 -24.86 7.19 5.53
C PRO C 322 -24.73 5.91 4.71
N ALA C 323 -24.21 6.03 3.49
CA ALA C 323 -24.10 4.84 2.67
C ALA C 323 -22.95 3.92 3.20
N HIS C 324 -22.04 4.53 3.96
CA HIS C 324 -20.97 3.77 4.58
C HIS C 324 -21.45 3.09 5.80
N LYS C 325 -22.15 3.82 6.67
CA LYS C 325 -22.86 3.18 7.79
C LYS C 325 -23.71 2.05 7.22
N SER C 326 -24.41 2.34 6.16
CA SER C 326 -25.14 1.28 5.50
C SER C 326 -24.30 0.03 5.15
N GLN C 327 -23.08 0.21 4.62
CA GLN C 327 -22.28 -0.93 4.17
C GLN C 327 -21.88 -1.72 5.42
N LEU C 328 -21.46 -0.99 6.46
CA LEU C 328 -20.97 -1.58 7.67
C LEU C 328 -21.97 -2.63 8.17
N VAL C 329 -23.23 -2.20 8.37
CA VAL C 329 -24.28 -3.02 8.92
C VAL C 329 -24.65 -4.14 7.96
N TRP C 330 -24.71 -3.81 6.69
CA TRP C 330 -24.94 -4.84 5.69
C TRP C 330 -23.87 -5.93 5.74
N MET C 331 -22.61 -5.54 5.90
CA MET C 331 -21.55 -6.54 5.94
C MET C 331 -21.67 -7.37 7.26
N ALA C 332 -22.01 -6.69 8.36
CA ALA C 332 -22.20 -7.42 9.58
C ALA C 332 -23.37 -8.38 9.46
N CYS C 333 -24.48 -7.97 8.84
CA CYS C 333 -25.64 -8.82 8.78
C CYS C 333 -25.31 -10.06 7.99
N HIS C 334 -24.54 -9.91 6.92
CA HIS C 334 -24.25 -11.07 6.11
C HIS C 334 -22.93 -11.71 6.43
N SER C 335 -22.31 -11.28 7.54
CA SER C 335 -21.06 -11.92 7.98
C SER C 335 -20.06 -11.97 6.81
N ALA C 336 -19.75 -10.78 6.28
CA ALA C 336 -19.05 -10.66 5.03
C ALA C 336 -17.65 -10.04 5.19
N ALA C 337 -17.31 -9.57 6.39
CA ALA C 337 -15.99 -8.97 6.66
C ALA C 337 -14.79 -9.80 6.14
N PHE C 338 -14.90 -11.12 6.15
CA PHE C 338 -13.74 -11.93 5.77
C PHE C 338 -13.90 -12.45 4.37
N GLU C 339 -14.91 -11.97 3.66
CA GLU C 339 -15.14 -12.43 2.29
C GLU C 339 -14.57 -11.44 1.29
N ASP C 340 -14.33 -11.89 0.07
CA ASP C 340 -13.77 -11.07 -0.99
C ASP C 340 -14.74 -9.90 -1.39
N LEU C 341 -14.27 -8.66 -1.20
CA LEU C 341 -15.03 -7.49 -1.53
C LEU C 341 -15.63 -7.52 -2.97
N ARG C 342 -15.03 -8.27 -3.87
CA ARG C 342 -15.53 -8.33 -5.22
C ARG C 342 -16.82 -9.09 -5.28
N VAL C 343 -16.91 -10.11 -4.46
CA VAL C 343 -18.07 -10.92 -4.42
C VAL C 343 -19.16 -10.18 -3.68
N SER C 344 -18.81 -9.60 -2.54
CA SER C 344 -19.78 -8.83 -1.82
C SER C 344 -20.35 -7.73 -2.71
N SER C 345 -19.49 -7.05 -3.44
CA SER C 345 -19.90 -5.94 -4.29
C SER C 345 -20.84 -6.43 -5.35
N PHE C 346 -20.47 -7.53 -5.96
CA PHE C 346 -21.33 -8.12 -6.95
C PHE C 346 -22.72 -8.42 -6.41
N ILE C 347 -22.79 -9.04 -5.24
CA ILE C 347 -24.07 -9.34 -4.60
C ILE C 347 -24.88 -8.07 -4.22
N ARG C 348 -24.21 -7.11 -3.60
CA ARG C 348 -24.84 -5.91 -3.09
C ARG C 348 -25.37 -5.08 -4.24
N GLY C 349 -24.58 -4.98 -5.28
CA GLY C 349 -24.97 -4.19 -6.44
C GLY C 349 -24.40 -2.80 -6.31
N THR C 350 -23.48 -2.63 -5.36
CA THR C 350 -22.80 -1.36 -5.06
C THR C 350 -21.37 -1.73 -4.66
N LYS C 351 -20.40 -0.85 -4.94
CA LYS C 351 -19.04 -1.16 -4.61
C LYS C 351 -19.00 -1.29 -3.08
N VAL C 352 -18.44 -2.40 -2.58
CA VAL C 352 -18.30 -2.60 -1.14
C VAL C 352 -16.84 -2.32 -0.81
N VAL C 353 -16.57 -1.21 -0.11
CA VAL C 353 -15.19 -0.73 -0.07
C VAL C 353 -14.43 -1.17 1.14
N PRO C 354 -13.10 -1.29 1.04
CA PRO C 354 -12.31 -1.70 2.21
C PRO C 354 -12.57 -0.79 3.35
N ARG C 355 -12.34 -1.29 4.56
CA ARG C 355 -12.78 -0.58 5.75
C ARG C 355 -12.09 0.75 5.81
N GLY C 356 -10.84 0.79 5.36
CA GLY C 356 -10.02 1.99 5.39
C GLY C 356 -10.70 3.10 4.66
N LYS C 357 -11.54 2.74 3.69
CA LYS C 357 -12.23 3.75 2.84
C LYS C 357 -13.62 4.18 3.37
N LEU C 358 -14.09 3.60 4.47
CA LEU C 358 -15.42 4.00 4.94
C LEU C 358 -15.45 5.33 5.69
N SER C 359 -16.41 6.20 5.34
CA SER C 359 -16.53 7.46 6.04
C SER C 359 -17.49 7.31 7.22
N THR C 360 -17.14 6.41 8.16
CA THR C 360 -17.93 6.13 9.37
C THR C 360 -17.11 5.46 10.47
N ARG C 361 -17.58 5.60 11.71
CA ARG C 361 -17.06 4.86 12.85
C ARG C 361 -18.15 3.87 13.27
N GLY C 362 -18.05 3.28 14.45
CA GLY C 362 -18.93 2.17 14.78
C GLY C 362 -20.39 2.51 14.95
N VAL C 363 -21.28 1.53 14.78
CA VAL C 363 -22.69 1.75 15.07
C VAL C 363 -22.98 2.36 16.44
N GLN C 364 -22.24 1.94 17.45
CA GLN C 364 -22.58 2.32 18.83
C GLN C 364 -22.10 3.69 19.15
N ILE C 365 -22.91 4.39 19.93
CA ILE C 365 -22.51 5.69 20.41
C ILE C 365 -21.91 5.52 21.78
N ALA C 366 -20.64 5.86 21.94
CA ALA C 366 -20.03 5.88 23.27
C ALA C 366 -20.69 6.94 24.15
N SER C 367 -20.63 6.74 25.47
CA SER C 367 -21.27 7.66 26.41
C SER C 367 -20.63 9.05 26.47
N ASN C 368 -19.37 9.19 26.08
CA ASN C 368 -18.81 10.56 26.03
C ASN C 368 -19.17 11.32 24.76
N GLU C 369 -19.87 10.68 23.84
CA GLU C 369 -20.26 11.39 22.63
C GLU C 369 -21.35 12.39 22.91
N ASN C 370 -21.31 13.51 22.21
CA ASN C 370 -22.29 14.57 22.43
C ASN C 370 -23.52 14.42 21.53
N MET C 371 -24.66 14.36 22.15
CA MET C 371 -25.91 14.08 21.51
C MET C 371 -26.56 15.24 20.76
N GLU C 372 -26.09 16.45 21.00
CA GLU C 372 -26.63 17.65 20.33
C GLU C 372 -26.40 17.59 18.84
N THR C 373 -25.26 17.01 18.44
CA THR C 373 -24.84 17.03 17.06
C THR C 373 -25.29 15.76 16.35
N MET C 374 -26.05 14.90 17.02
CA MET C 374 -26.33 13.62 16.45
C MET C 374 -27.53 13.67 15.54
N GLU C 375 -27.51 12.91 14.44
CA GLU C 375 -28.71 12.78 13.59
C GLU C 375 -29.02 11.31 13.39
N SER C 376 -30.09 10.99 12.66
CA SER C 376 -30.23 9.64 12.18
C SER C 376 -30.38 9.54 10.67
N SER C 377 -30.22 8.36 10.11
CA SER C 377 -30.41 8.16 8.68
C SER C 377 -30.99 6.78 8.42
N THR C 378 -31.50 6.56 7.23
CA THR C 378 -32.06 5.29 6.90
C THR C 378 -30.91 4.40 6.52
N LEU C 379 -30.89 3.19 7.08
CA LEU C 379 -29.90 2.27 6.64
C LEU C 379 -30.47 1.66 5.38
N GLU C 380 -29.55 1.37 4.46
CA GLU C 380 -29.90 0.73 3.23
C GLU C 380 -29.26 -0.62 3.22
N LEU C 381 -30.04 -1.64 3.46
CA LEU C 381 -29.50 -2.99 3.62
C LEU C 381 -29.94 -3.97 2.55
N ARG C 382 -30.49 -3.50 1.45
CA ARG C 382 -30.87 -4.37 0.35
C ARG C 382 -29.63 -4.88 -0.39
N SER C 383 -29.87 -5.84 -1.28
CA SER C 383 -28.89 -6.35 -2.21
C SER C 383 -29.56 -6.53 -3.55
N ARG C 384 -28.77 -6.43 -4.60
CA ARG C 384 -29.24 -6.72 -5.92
C ARG C 384 -29.54 -8.21 -6.13
N TYR C 385 -28.69 -9.08 -5.64
CA TYR C 385 -28.95 -10.50 -5.70
C TYR C 385 -28.94 -11.08 -4.34
N TRP C 386 -29.25 -12.37 -4.25
CA TRP C 386 -29.04 -13.15 -3.04
C TRP C 386 -28.16 -14.33 -3.32
N ALA C 387 -27.76 -15.04 -2.26
CA ALA C 387 -26.79 -16.13 -2.45
C ALA C 387 -26.86 -17.20 -1.41
N ILE C 388 -26.65 -18.41 -1.87
CA ILE C 388 -26.63 -19.54 -0.98
C ILE C 388 -25.16 -19.81 -0.60
N ARG C 389 -24.87 -19.90 0.69
CA ARG C 389 -23.53 -20.32 1.18
C ARG C 389 -23.15 -21.75 0.72
N THR C 390 -21.97 -21.83 0.12
CA THR C 390 -21.47 -23.14 -0.31
C THR C 390 -20.22 -23.62 0.43
N ARG C 391 -20.21 -24.93 0.71
CA ARG C 391 -19.06 -25.75 1.23
C ARG C 391 -18.60 -25.81 2.74
N SER C 392 -18.29 -24.67 3.38
CA SER C 392 -17.80 -24.62 4.81
C SER C 392 -18.88 -24.22 5.87
N GLN C 405 -26.43 -22.77 11.64
CA GLN C 405 -25.67 -24.04 11.54
C GLN C 405 -26.20 -24.96 10.42
N ILE C 406 -27.39 -24.65 9.90
CA ILE C 406 -28.10 -25.43 8.85
C ILE C 406 -27.14 -26.04 7.75
N SER C 407 -27.63 -26.32 6.54
CA SER C 407 -26.82 -27.04 5.51
C SER C 407 -25.48 -26.38 5.03
N ILE C 408 -25.53 -25.63 3.92
CA ILE C 408 -24.35 -25.27 3.07
C ILE C 408 -24.25 -26.38 1.94
N GLN C 409 -24.05 -25.99 0.67
CA GLN C 409 -24.16 -26.93 -0.51
C GLN C 409 -23.14 -26.67 -1.68
N PRO C 410 -23.18 -27.46 -2.82
CA PRO C 410 -22.48 -26.99 -4.06
C PRO C 410 -23.29 -26.95 -5.42
N THR C 411 -23.36 -25.77 -6.08
CA THR C 411 -23.98 -25.62 -7.45
C THR C 411 -22.86 -25.30 -8.46
N PHE C 412 -23.04 -24.25 -9.28
CA PHE C 412 -21.89 -23.44 -9.65
C PHE C 412 -21.88 -22.16 -8.81
N SER C 413 -20.78 -21.99 -8.09
CA SER C 413 -20.62 -20.94 -7.10
C SER C 413 -19.18 -20.42 -7.06
N VAL C 414 -18.96 -19.42 -6.21
CA VAL C 414 -17.76 -18.62 -6.26
C VAL C 414 -17.06 -18.64 -4.92
N GLN C 415 -15.74 -18.83 -4.93
CA GLN C 415 -14.91 -18.57 -3.75
C GLN C 415 -15.21 -17.15 -3.21
N ALA C 416 -15.64 -17.07 -1.94
CA ALA C 416 -15.92 -15.82 -1.22
C ALA C 416 -14.89 -15.52 -0.15
N ASN C 417 -14.05 -16.52 0.15
CA ASN C 417 -12.77 -16.31 0.84
C ASN C 417 -11.81 -15.40 0.07
N LEU C 418 -11.03 -14.62 0.83
CA LEU C 418 -10.10 -13.60 0.33
C LEU C 418 -9.22 -14.02 -0.86
N PRO C 419 -8.89 -13.06 -1.74
CA PRO C 419 -7.84 -13.35 -2.73
C PRO C 419 -6.44 -13.35 -2.08
N PHE C 420 -5.40 -13.74 -2.84
CA PHE C 420 -4.06 -13.73 -2.27
C PHE C 420 -3.33 -12.45 -2.59
N ASP C 421 -3.51 -11.44 -1.76
CA ASP C 421 -2.77 -10.23 -1.96
C ASP C 421 -1.33 -10.33 -1.45
N ARG C 422 -0.54 -9.30 -1.75
CA ARG C 422 0.85 -9.39 -1.43
C ARG C 422 1.09 -9.53 0.06
N PRO C 423 0.46 -8.68 0.90
CA PRO C 423 0.91 -8.80 2.28
C PRO C 423 0.54 -10.14 2.89
N THR C 424 -0.53 -10.77 2.40
CA THR C 424 -0.84 -12.11 2.81
C THR C 424 0.30 -13.04 2.44
N ILE C 425 0.75 -13.03 1.18
CA ILE C 425 1.89 -13.85 0.77
C ILE C 425 3.14 -13.66 1.68
N MET C 426 3.47 -12.41 1.95
CA MET C 426 4.64 -12.09 2.71
C MET C 426 4.56 -12.56 4.13
N ALA C 427 3.41 -12.33 4.75
CA ALA C 427 3.09 -12.87 6.08
C ALA C 427 3.05 -14.41 6.09
N ALA C 428 2.66 -15.04 4.99
CA ALA C 428 2.65 -16.48 4.99
C ALA C 428 4.03 -17.13 4.87
N PHE C 429 4.85 -16.62 3.96
CA PHE C 429 6.17 -17.23 3.70
C PHE C 429 7.28 -16.39 4.32
N THR C 430 7.48 -16.56 5.61
CA THR C 430 8.47 -15.84 6.34
C THR C 430 8.69 -16.52 7.67
N GLY C 431 9.86 -16.28 8.28
CA GLY C 431 10.24 -16.87 9.58
C GLY C 431 10.48 -18.37 9.50
N ASN C 432 10.66 -18.90 8.28
CA ASN C 432 10.84 -20.32 8.02
C ASN C 432 12.30 -20.55 7.65
N THR C 433 13.05 -19.48 7.80
CA THR C 433 14.49 -19.44 7.63
C THR C 433 15.15 -20.05 8.89
N GLU C 434 14.64 -19.66 10.05
CA GLU C 434 15.34 -19.81 11.32
C GLU C 434 14.58 -20.71 12.27
N GLY C 435 15.33 -21.42 13.10
CA GLY C 435 14.75 -22.09 14.24
C GLY C 435 14.15 -23.47 13.98
N ARG C 436 12.96 -23.70 14.56
CA ARG C 436 12.41 -25.05 14.65
C ARG C 436 12.18 -25.69 13.30
N THR C 437 12.34 -26.99 13.26
CA THR C 437 12.36 -27.71 12.01
C THR C 437 11.54 -28.99 12.16
N SER C 438 11.06 -29.56 11.06
CA SER C 438 10.32 -30.80 11.20
C SER C 438 9.65 -31.30 9.94
N ASP C 439 9.35 -32.59 9.94
CA ASP C 439 8.85 -33.26 8.74
C ASP C 439 7.51 -32.64 8.39
N MET C 440 6.82 -32.17 9.44
CA MET C 440 5.49 -31.54 9.33
C MET C 440 5.51 -30.08 8.82
N ARG C 441 6.33 -29.22 9.42
CA ARG C 441 6.64 -27.94 8.82
C ARG C 441 6.96 -28.06 7.31
N THR C 442 8.03 -28.79 7.01
CA THR C 442 8.44 -29.05 5.63
C THR C 442 7.28 -29.49 4.73
N GLU C 443 6.48 -30.42 5.23
CA GLU C 443 5.38 -30.96 4.45
C GLU C 443 4.36 -29.82 4.12
N ILE C 444 4.03 -29.05 5.16
CA ILE C 444 3.13 -27.91 5.05
C ILE C 444 3.65 -26.83 4.10
N ILE C 445 4.86 -26.27 4.39
CA ILE C 445 5.47 -25.32 3.47
C ILE C 445 5.32 -25.77 2.00
N ARG C 446 5.68 -27.03 1.73
CA ARG C 446 5.45 -27.66 0.44
C ARG C 446 4.01 -27.54 -0.09
N LEU C 447 3.03 -27.83 0.75
CA LEU C 447 1.62 -27.66 0.34
C LEU C 447 1.29 -26.19 0.07
N MET C 448 1.83 -25.31 0.91
CA MET C 448 1.72 -23.87 0.67
C MET C 448 2.31 -23.42 -0.69
N GLU C 449 3.56 -23.80 -0.97
CA GLU C 449 4.24 -23.52 -2.23
C GLU C 449 3.27 -23.86 -3.39
N SER C 450 2.82 -25.11 -3.46
CA SER C 450 2.06 -25.62 -4.59
C SER C 450 0.60 -25.13 -4.74
N ALA C 451 0.19 -24.16 -3.91
CA ALA C 451 -1.21 -24.08 -3.39
C ALA C 451 -2.43 -23.88 -4.32
N ARG C 452 -2.30 -24.26 -5.60
CA ARG C 452 -3.44 -24.67 -6.42
C ARG C 452 -4.48 -23.57 -6.71
N PRO C 453 -5.24 -23.72 -7.85
CA PRO C 453 -6.25 -22.75 -8.34
C PRO C 453 -7.66 -22.87 -7.71
N GLU C 454 -7.81 -23.82 -6.79
CA GLU C 454 -9.09 -24.10 -6.10
C GLU C 454 -9.10 -23.55 -4.67
N ASP C 455 -8.01 -23.81 -3.95
CA ASP C 455 -7.84 -23.45 -2.53
C ASP C 455 -8.71 -24.28 -1.60
N VAL C 456 -8.10 -24.68 -0.49
CA VAL C 456 -8.70 -25.58 0.48
C VAL C 456 -9.74 -24.82 1.32
N SER C 457 -10.57 -25.56 2.07
CA SER C 457 -11.66 -24.97 2.86
C SER C 457 -12.33 -23.88 2.04
N PHE C 458 -13.10 -24.32 1.04
CA PHE C 458 -13.73 -23.44 0.06
C PHE C 458 -14.44 -22.21 0.66
N GLN C 459 -15.72 -22.33 0.99
CA GLN C 459 -16.50 -21.14 1.45
C GLN C 459 -16.95 -20.16 0.32
N GLY C 460 -17.92 -20.58 -0.46
CA GLY C 460 -18.35 -19.83 -1.60
C GLY C 460 -19.74 -19.28 -1.46
N ARG C 461 -20.13 -18.51 -2.47
CA ARG C 461 -21.46 -17.97 -2.59
C ARG C 461 -22.00 -18.32 -4.00
N GLY C 462 -23.17 -18.95 -4.03
CA GLY C 462 -23.85 -19.21 -5.28
C GLY C 462 -24.89 -18.14 -5.49
N VAL C 463 -24.69 -17.30 -6.51
CA VAL C 463 -25.50 -16.09 -6.68
C VAL C 463 -26.74 -16.23 -7.61
N PHE C 464 -27.89 -15.70 -7.14
CA PHE C 464 -29.18 -15.79 -7.88
C PHE C 464 -29.99 -14.52 -7.85
N GLU C 465 -30.82 -14.32 -8.86
CA GLU C 465 -31.73 -13.20 -8.90
C GLU C 465 -32.74 -13.20 -7.73
N LEU C 466 -33.09 -12.01 -7.24
CA LEU C 466 -34.12 -11.93 -6.16
C LEU C 466 -35.45 -12.47 -6.67
N SER C 467 -35.55 -12.53 -7.99
CA SER C 467 -36.75 -12.95 -8.64
C SER C 467 -36.69 -14.40 -9.03
N ASP C 468 -35.71 -15.12 -8.51
CA ASP C 468 -35.50 -16.56 -8.76
C ASP C 468 -35.36 -17.19 -7.42
N GLU C 469 -36.45 -17.18 -6.66
CA GLU C 469 -36.51 -17.66 -5.29
C GLU C 469 -36.08 -19.13 -5.14
N LYS C 470 -36.34 -19.95 -6.16
CA LYS C 470 -36.03 -21.38 -6.11
C LYS C 470 -34.67 -21.70 -6.73
N ALA C 471 -33.81 -20.70 -6.91
CA ALA C 471 -32.41 -20.97 -7.28
C ALA C 471 -32.28 -21.90 -8.52
N THR C 472 -33.04 -21.56 -9.53
CA THR C 472 -33.07 -22.21 -10.83
C THR C 472 -31.89 -21.84 -11.68
N SER C 473 -31.50 -20.57 -11.69
CA SER C 473 -30.59 -20.06 -12.71
C SER C 473 -29.36 -19.38 -12.14
N PRO C 474 -28.30 -20.15 -11.87
CA PRO C 474 -27.13 -19.61 -11.21
C PRO C 474 -26.58 -18.51 -12.05
N ILE C 475 -26.20 -17.40 -11.41
CA ILE C 475 -25.54 -16.30 -12.10
C ILE C 475 -24.05 -16.45 -11.95
N VAL C 476 -23.40 -16.44 -13.09
CA VAL C 476 -21.96 -16.46 -13.14
C VAL C 476 -21.45 -15.03 -12.92
N PRO C 477 -20.90 -14.73 -11.74
CA PRO C 477 -20.52 -13.34 -11.52
C PRO C 477 -19.39 -12.86 -12.43
N SER C 478 -19.26 -11.54 -12.51
CA SER C 478 -18.35 -10.83 -13.38
C SER C 478 -17.81 -9.72 -12.50
N PHE C 479 -16.71 -9.95 -11.83
CA PHE C 479 -16.21 -8.92 -10.96
C PHE C 479 -15.66 -7.73 -11.74
N ASP C 480 -15.58 -6.60 -11.07
CA ASP C 480 -14.88 -5.50 -11.57
C ASP C 480 -13.48 -5.70 -11.00
N MET C 481 -12.50 -5.93 -11.85
CA MET C 481 -11.19 -6.23 -11.31
C MET C 481 -10.45 -5.05 -10.71
N SER C 482 -11.00 -3.87 -10.77
CA SER C 482 -10.22 -2.78 -10.26
C SER C 482 -10.52 -2.56 -8.79
N ASN C 483 -11.46 -3.33 -8.25
CA ASN C 483 -11.81 -3.26 -6.82
C ASN C 483 -10.81 -3.94 -5.92
N GLU C 484 -10.57 -3.33 -4.77
CA GLU C 484 -9.70 -3.93 -3.82
C GLU C 484 -10.44 -5.19 -3.35
N GLY C 485 -9.75 -6.31 -3.08
CA GLY C 485 -10.42 -7.58 -2.74
C GLY C 485 -10.61 -7.86 -1.24
N SER C 486 -9.95 -7.05 -0.39
CA SER C 486 -9.89 -7.30 1.03
C SER C 486 -10.34 -6.13 1.91
N TYR C 487 -11.27 -6.44 2.81
CA TYR C 487 -11.85 -5.42 3.63
C TYR C 487 -10.79 -4.76 4.47
N PHE C 488 -9.66 -5.45 4.58
CA PHE C 488 -8.60 -5.07 5.51
C PHE C 488 -7.47 -4.24 4.92
N PHE C 489 -7.40 -4.19 3.58
CA PHE C 489 -6.46 -3.35 2.89
C PHE C 489 -6.49 -1.93 3.41
N GLY C 490 -5.41 -1.49 3.98
CA GLY C 490 -5.32 -0.10 4.38
C GLY C 490 -6.19 0.24 5.56
N ASP C 491 -6.61 -0.78 6.32
CA ASP C 491 -7.46 -0.60 7.50
C ASP C 491 -7.00 0.57 8.36
N ASN C 492 -7.92 1.40 8.81
CA ASN C 492 -7.62 2.38 9.82
C ASN C 492 -8.73 2.48 10.90
N ALA C 493 -9.44 1.37 11.11
CA ALA C 493 -10.55 1.28 12.08
C ALA C 493 -10.06 1.52 13.51
N GLU C 494 -10.95 1.83 14.44
CA GLU C 494 -10.58 1.88 15.87
C GLU C 494 -10.17 0.48 16.34
N GLU C 495 -9.29 0.44 17.33
CA GLU C 495 -8.78 -0.83 17.84
C GLU C 495 -9.80 -1.25 18.85
N TYR C 496 -10.26 -2.49 18.80
CA TYR C 496 -11.32 -2.94 19.73
C TYR C 496 -11.00 -2.74 21.19
N ASP C 497 -9.74 -2.77 21.54
CA ASP C 497 -9.34 -2.62 22.94
C ASP C 497 -9.43 -1.23 23.57
N ASN C 498 -10.46 -0.43 23.21
CA ASN C 498 -10.74 0.88 23.87
C ASN C 498 -12.12 1.50 23.58
K K D . 3.74 13.70 -5.59
K K E . -6.92 -5.27 -12.05
K K F . -12.42 4.23 7.73
#